data_3WYZ
# 
_entry.id   3WYZ 
# 
_audit_conform.dict_name       mmcif_pdbx.dic 
_audit_conform.dict_version    5.388 
_audit_conform.dict_location   http://mmcif.pdb.org/dictionaries/ascii/mmcif_pdbx.dic 
# 
loop_
_database_2.database_id 
_database_2.database_code 
_database_2.pdbx_database_accession 
_database_2.pdbx_DOI 
PDB   3WYZ         pdb_00003wyz 10.2210/pdb3wyz/pdb 
RCSB  RCSB096969   ?            ?                   
WWPDB D_1000096969 ?            ?                   
# 
loop_
_pdbx_audit_revision_history.ordinal 
_pdbx_audit_revision_history.data_content_type 
_pdbx_audit_revision_history.major_revision 
_pdbx_audit_revision_history.minor_revision 
_pdbx_audit_revision_history.revision_date 
1 'Structure model' 1 0 2015-09-16 
2 'Structure model' 1 1 2017-11-22 
3 'Structure model' 1 2 2024-03-20 
# 
_pdbx_audit_revision_details.ordinal             1 
_pdbx_audit_revision_details.revision_ordinal    1 
_pdbx_audit_revision_details.data_content_type   'Structure model' 
_pdbx_audit_revision_details.provider            repository 
_pdbx_audit_revision_details.type                'Initial release' 
_pdbx_audit_revision_details.description         ? 
_pdbx_audit_revision_details.details             ? 
# 
loop_
_pdbx_audit_revision_group.ordinal 
_pdbx_audit_revision_group.revision_ordinal 
_pdbx_audit_revision_group.data_content_type 
_pdbx_audit_revision_group.group 
1 2 'Structure model' 'Refinement description' 
2 3 'Structure model' 'Data collection'        
3 3 'Structure model' 'Database references'    
4 3 'Structure model' 'Derived calculations'   
# 
loop_
_pdbx_audit_revision_category.ordinal 
_pdbx_audit_revision_category.revision_ordinal 
_pdbx_audit_revision_category.data_content_type 
_pdbx_audit_revision_category.category 
1 2 'Structure model' software       
2 3 'Structure model' chem_comp_atom 
3 3 'Structure model' chem_comp_bond 
4 3 'Structure model' database_2     
5 3 'Structure model' struct_site    
# 
loop_
_pdbx_audit_revision_item.ordinal 
_pdbx_audit_revision_item.revision_ordinal 
_pdbx_audit_revision_item.data_content_type 
_pdbx_audit_revision_item.item 
1 3 'Structure model' '_database_2.pdbx_DOI'                
2 3 'Structure model' '_database_2.pdbx_database_accession' 
3 3 'Structure model' '_struct_site.pdbx_auth_asym_id'      
4 3 'Structure model' '_struct_site.pdbx_auth_comp_id'      
5 3 'Structure model' '_struct_site.pdbx_auth_seq_id'       
# 
_pdbx_database_status.status_code                     REL 
_pdbx_database_status.entry_id                        3WYZ 
_pdbx_database_status.recvd_initial_deposition_date   2014-09-11 
_pdbx_database_status.deposit_site                    PDBJ 
_pdbx_database_status.process_site                    PDBJ 
_pdbx_database_status.methods_development_category    ? 
_pdbx_database_status.status_code_sf                  REL 
_pdbx_database_status.status_code_mr                  ? 
_pdbx_database_status.SG_entry                        ? 
_pdbx_database_status.status_code_cs                  ? 
_pdbx_database_status.pdb_format_compatible           Y 
_pdbx_database_status.status_code_nmr_data            ? 
# 
_pdbx_database_related.db_name        PDB 
_pdbx_database_related.db_id          3WZ0 
_pdbx_database_related.details        . 
_pdbx_database_related.content_type   unspecified 
# 
loop_
_audit_author.name 
_audit_author.pdbx_ordinal 
'Suematsu, K.'  1 
'Ueda, T.'      2 
'Nakashima, T.' 3 
'Kakuta, Y.'    4 
'Kimura, M.'    5 
# 
_citation.id                        primary 
_citation.title                     
'On archaeal homologs of the human RNase P proteins Pop5 and Rpp30 in the hyperthermophilic archaeon Thermococcus kodakarensis.' 
_citation.journal_abbrev            Biosci.Biotechnol.Biochem. 
_citation.journal_volume            79 
_citation.page_first                952 
_citation.page_last                 959 
_citation.year                      2015 
_citation.journal_id_ASTM           BBBIEJ 
_citation.country                   JA 
_citation.journal_id_ISSN           0916-8451 
_citation.journal_id_CSD            2094 
_citation.book_publisher            ? 
_citation.pdbx_database_id_PubMed   25704799 
_citation.pdbx_database_id_DOI      10.1080/09168451.2014.1003130 
# 
loop_
_citation_author.citation_id 
_citation_author.name 
_citation_author.ordinal 
_citation_author.identifier_ORCID 
primary 'Suematsu, K.'  1 ? 
primary 'Ueda, T.'      2 ? 
primary 'Nakashima, T.' 3 ? 
primary 'Kakuta, Y.'    4 ? 
primary 'Kimura, M.'    5 ? 
# 
loop_
_entity.id 
_entity.type 
_entity.src_method 
_entity.pdbx_description 
_entity.formula_weight 
_entity.pdbx_number_of_molecules 
_entity.pdbx_ec 
_entity.pdbx_mutation 
_entity.pdbx_fragment 
_entity.details 
1 polymer     man 'Ribonuclease P protein component 3' 25306.330 1  3.1.26.5 ? ? ? 
2 non-polymer syn GLYCEROL                             92.094    1  ?        ? ? ? 
3 water       nat water                                18.015    39 ?        ? ? ? 
# 
_entity_name_com.entity_id   1 
_entity_name_com.name        'RNase P component 3, Rpp30' 
# 
_entity_poly.entity_id                      1 
_entity_poly.type                           'polypeptide(L)' 
_entity_poly.nstd_linkage                   no 
_entity_poly.nstd_monomer                   no 
_entity_poly.pdbx_seq_one_letter_code       
;MSEEEVSFSRDYFVEMDVRDEEAHELASDWFDEVVFTKKLVLEDPPDWGSLKEELKELRGKYGKVALLLVTRKPSLIREV
KSRNLKALLYVQGGDMRINRMAIESGVDALISPWFGRKDPGFDHTLAGMAARRGVAIGFSLSPLLNANPYGRAQILRFMM
KTWQLVKKYRVPRFITSSAESRWEVRGPRDLMSLGINIGMEIPEARASLNFYPRTIVWKL
;
_entity_poly.pdbx_seq_one_letter_code_can   
;MSEEEVSFSRDYFVEMDVRDEEAHELASDWFDEVVFTKKLVLEDPPDWGSLKEELKELRGKYGKVALLLVTRKPSLIREV
KSRNLKALLYVQGGDMRINRMAIESGVDALISPWFGRKDPGFDHTLAGMAARRGVAIGFSLSPLLNANPYGRAQILRFMM
KTWQLVKKYRVPRFITSSAESRWEVRGPRDLMSLGINIGMEIPEARASLNFYPRTIVWKL
;
_entity_poly.pdbx_strand_id                 A 
_entity_poly.pdbx_target_identifier         ? 
# 
loop_
_pdbx_entity_nonpoly.entity_id 
_pdbx_entity_nonpoly.name 
_pdbx_entity_nonpoly.comp_id 
2 GLYCEROL GOL 
3 water    HOH 
# 
loop_
_entity_poly_seq.entity_id 
_entity_poly_seq.num 
_entity_poly_seq.mon_id 
_entity_poly_seq.hetero 
1 1   MET n 
1 2   SER n 
1 3   GLU n 
1 4   GLU n 
1 5   GLU n 
1 6   VAL n 
1 7   SER n 
1 8   PHE n 
1 9   SER n 
1 10  ARG n 
1 11  ASP n 
1 12  TYR n 
1 13  PHE n 
1 14  VAL n 
1 15  GLU n 
1 16  MET n 
1 17  ASP n 
1 18  VAL n 
1 19  ARG n 
1 20  ASP n 
1 21  GLU n 
1 22  GLU n 
1 23  ALA n 
1 24  HIS n 
1 25  GLU n 
1 26  LEU n 
1 27  ALA n 
1 28  SER n 
1 29  ASP n 
1 30  TRP n 
1 31  PHE n 
1 32  ASP n 
1 33  GLU n 
1 34  VAL n 
1 35  VAL n 
1 36  PHE n 
1 37  THR n 
1 38  LYS n 
1 39  LYS n 
1 40  LEU n 
1 41  VAL n 
1 42  LEU n 
1 43  GLU n 
1 44  ASP n 
1 45  PRO n 
1 46  PRO n 
1 47  ASP n 
1 48  TRP n 
1 49  GLY n 
1 50  SER n 
1 51  LEU n 
1 52  LYS n 
1 53  GLU n 
1 54  GLU n 
1 55  LEU n 
1 56  LYS n 
1 57  GLU n 
1 58  LEU n 
1 59  ARG n 
1 60  GLY n 
1 61  LYS n 
1 62  TYR n 
1 63  GLY n 
1 64  LYS n 
1 65  VAL n 
1 66  ALA n 
1 67  LEU n 
1 68  LEU n 
1 69  LEU n 
1 70  VAL n 
1 71  THR n 
1 72  ARG n 
1 73  LYS n 
1 74  PRO n 
1 75  SER n 
1 76  LEU n 
1 77  ILE n 
1 78  ARG n 
1 79  GLU n 
1 80  VAL n 
1 81  LYS n 
1 82  SER n 
1 83  ARG n 
1 84  ASN n 
1 85  LEU n 
1 86  LYS n 
1 87  ALA n 
1 88  LEU n 
1 89  LEU n 
1 90  TYR n 
1 91  VAL n 
1 92  GLN n 
1 93  GLY n 
1 94  GLY n 
1 95  ASP n 
1 96  MET n 
1 97  ARG n 
1 98  ILE n 
1 99  ASN n 
1 100 ARG n 
1 101 MET n 
1 102 ALA n 
1 103 ILE n 
1 104 GLU n 
1 105 SER n 
1 106 GLY n 
1 107 VAL n 
1 108 ASP n 
1 109 ALA n 
1 110 LEU n 
1 111 ILE n 
1 112 SER n 
1 113 PRO n 
1 114 TRP n 
1 115 PHE n 
1 116 GLY n 
1 117 ARG n 
1 118 LYS n 
1 119 ASP n 
1 120 PRO n 
1 121 GLY n 
1 122 PHE n 
1 123 ASP n 
1 124 HIS n 
1 125 THR n 
1 126 LEU n 
1 127 ALA n 
1 128 GLY n 
1 129 MET n 
1 130 ALA n 
1 131 ALA n 
1 132 ARG n 
1 133 ARG n 
1 134 GLY n 
1 135 VAL n 
1 136 ALA n 
1 137 ILE n 
1 138 GLY n 
1 139 PHE n 
1 140 SER n 
1 141 LEU n 
1 142 SER n 
1 143 PRO n 
1 144 LEU n 
1 145 LEU n 
1 146 ASN n 
1 147 ALA n 
1 148 ASN n 
1 149 PRO n 
1 150 TYR n 
1 151 GLY n 
1 152 ARG n 
1 153 ALA n 
1 154 GLN n 
1 155 ILE n 
1 156 LEU n 
1 157 ARG n 
1 158 PHE n 
1 159 MET n 
1 160 MET n 
1 161 LYS n 
1 162 THR n 
1 163 TRP n 
1 164 GLN n 
1 165 LEU n 
1 166 VAL n 
1 167 LYS n 
1 168 LYS n 
1 169 TYR n 
1 170 ARG n 
1 171 VAL n 
1 172 PRO n 
1 173 ARG n 
1 174 PHE n 
1 175 ILE n 
1 176 THR n 
1 177 SER n 
1 178 SER n 
1 179 ALA n 
1 180 GLU n 
1 181 SER n 
1 182 ARG n 
1 183 TRP n 
1 184 GLU n 
1 185 VAL n 
1 186 ARG n 
1 187 GLY n 
1 188 PRO n 
1 189 ARG n 
1 190 ASP n 
1 191 LEU n 
1 192 MET n 
1 193 SER n 
1 194 LEU n 
1 195 GLY n 
1 196 ILE n 
1 197 ASN n 
1 198 ILE n 
1 199 GLY n 
1 200 MET n 
1 201 GLU n 
1 202 ILE n 
1 203 PRO n 
1 204 GLU n 
1 205 ALA n 
1 206 ARG n 
1 207 ALA n 
1 208 SER n 
1 209 LEU n 
1 210 ASN n 
1 211 PHE n 
1 212 TYR n 
1 213 PRO n 
1 214 ARG n 
1 215 THR n 
1 216 ILE n 
1 217 VAL n 
1 218 TRP n 
1 219 LYS n 
1 220 LEU n 
# 
_entity_src_gen.entity_id                          1 
_entity_src_gen.pdbx_src_id                        1 
_entity_src_gen.pdbx_alt_source_flag               sample 
_entity_src_gen.pdbx_seq_type                      ? 
_entity_src_gen.pdbx_beg_seq_num                   ? 
_entity_src_gen.pdbx_end_seq_num                   ? 
_entity_src_gen.gene_src_common_name               ? 
_entity_src_gen.gene_src_genus                     ? 
_entity_src_gen.pdbx_gene_src_gene                 'rnp3, TK1450' 
_entity_src_gen.gene_src_species                   ? 
_entity_src_gen.gene_src_strain                    ? 
_entity_src_gen.gene_src_tissue                    ? 
_entity_src_gen.gene_src_tissue_fraction           ? 
_entity_src_gen.gene_src_details                   ? 
_entity_src_gen.pdbx_gene_src_fragment             ? 
_entity_src_gen.pdbx_gene_src_scientific_name      'Thermococcus kodakarensis KOD1' 
_entity_src_gen.pdbx_gene_src_ncbi_taxonomy_id     69014 
_entity_src_gen.pdbx_gene_src_variant              ? 
_entity_src_gen.pdbx_gene_src_cell_line            ? 
_entity_src_gen.pdbx_gene_src_atcc                 ? 
_entity_src_gen.pdbx_gene_src_organ                ? 
_entity_src_gen.pdbx_gene_src_organelle            ? 
_entity_src_gen.pdbx_gene_src_cell                 ? 
_entity_src_gen.pdbx_gene_src_cellular_location    ? 
_entity_src_gen.host_org_common_name               ? 
_entity_src_gen.pdbx_host_org_scientific_name      'Escherichia coli' 
_entity_src_gen.pdbx_host_org_ncbi_taxonomy_id     562 
_entity_src_gen.host_org_genus                     ? 
_entity_src_gen.pdbx_host_org_gene                 ? 
_entity_src_gen.pdbx_host_org_organ                ? 
_entity_src_gen.host_org_species                   ? 
_entity_src_gen.pdbx_host_org_tissue               ? 
_entity_src_gen.pdbx_host_org_tissue_fraction      ? 
_entity_src_gen.pdbx_host_org_strain               ? 
_entity_src_gen.pdbx_host_org_variant              ? 
_entity_src_gen.pdbx_host_org_cell_line            ? 
_entity_src_gen.pdbx_host_org_atcc                 ? 
_entity_src_gen.pdbx_host_org_culture_collection   ? 
_entity_src_gen.pdbx_host_org_cell                 ? 
_entity_src_gen.pdbx_host_org_organelle            ? 
_entity_src_gen.pdbx_host_org_cellular_location    ? 
_entity_src_gen.pdbx_host_org_vector_type          ? 
_entity_src_gen.pdbx_host_org_vector               ? 
_entity_src_gen.host_org_details                   ? 
_entity_src_gen.expression_system_id               ? 
_entity_src_gen.plasmid_name                       ? 
_entity_src_gen.plasmid_details                    ? 
_entity_src_gen.pdbx_description                   ? 
# 
loop_
_chem_comp.id 
_chem_comp.type 
_chem_comp.mon_nstd_flag 
_chem_comp.name 
_chem_comp.pdbx_synonyms 
_chem_comp.formula 
_chem_comp.formula_weight 
ALA 'L-peptide linking' y ALANINE         ?                               'C3 H7 N O2'     89.093  
ARG 'L-peptide linking' y ARGININE        ?                               'C6 H15 N4 O2 1' 175.209 
ASN 'L-peptide linking' y ASPARAGINE      ?                               'C4 H8 N2 O3'    132.118 
ASP 'L-peptide linking' y 'ASPARTIC ACID' ?                               'C4 H7 N O4'     133.103 
GLN 'L-peptide linking' y GLUTAMINE       ?                               'C5 H10 N2 O3'   146.144 
GLU 'L-peptide linking' y 'GLUTAMIC ACID' ?                               'C5 H9 N O4'     147.129 
GLY 'peptide linking'   y GLYCINE         ?                               'C2 H5 N O2'     75.067  
GOL non-polymer         . GLYCEROL        'GLYCERIN; PROPANE-1,2,3-TRIOL' 'C3 H8 O3'       92.094  
HIS 'L-peptide linking' y HISTIDINE       ?                               'C6 H10 N3 O2 1' 156.162 
HOH non-polymer         . WATER           ?                               'H2 O'           18.015  
ILE 'L-peptide linking' y ISOLEUCINE      ?                               'C6 H13 N O2'    131.173 
LEU 'L-peptide linking' y LEUCINE         ?                               'C6 H13 N O2'    131.173 
LYS 'L-peptide linking' y LYSINE          ?                               'C6 H15 N2 O2 1' 147.195 
MET 'L-peptide linking' y METHIONINE      ?                               'C5 H11 N O2 S'  149.211 
PHE 'L-peptide linking' y PHENYLALANINE   ?                               'C9 H11 N O2'    165.189 
PRO 'L-peptide linking' y PROLINE         ?                               'C5 H9 N O2'     115.130 
SER 'L-peptide linking' y SERINE          ?                               'C3 H7 N O3'     105.093 
THR 'L-peptide linking' y THREONINE       ?                               'C4 H9 N O3'     119.119 
TRP 'L-peptide linking' y TRYPTOPHAN      ?                               'C11 H12 N2 O2'  204.225 
TYR 'L-peptide linking' y TYROSINE        ?                               'C9 H11 N O3'    181.189 
VAL 'L-peptide linking' y VALINE          ?                               'C5 H11 N O2'    117.146 
# 
loop_
_pdbx_poly_seq_scheme.asym_id 
_pdbx_poly_seq_scheme.entity_id 
_pdbx_poly_seq_scheme.seq_id 
_pdbx_poly_seq_scheme.mon_id 
_pdbx_poly_seq_scheme.ndb_seq_num 
_pdbx_poly_seq_scheme.pdb_seq_num 
_pdbx_poly_seq_scheme.auth_seq_num 
_pdbx_poly_seq_scheme.pdb_mon_id 
_pdbx_poly_seq_scheme.auth_mon_id 
_pdbx_poly_seq_scheme.pdb_strand_id 
_pdbx_poly_seq_scheme.pdb_ins_code 
_pdbx_poly_seq_scheme.hetero 
A 1 1   MET 1   1   ?   ?   ?   A . n 
A 1 2   SER 2   2   ?   ?   ?   A . n 
A 1 3   GLU 3   3   ?   ?   ?   A . n 
A 1 4   GLU 4   4   ?   ?   ?   A . n 
A 1 5   GLU 5   5   ?   ?   ?   A . n 
A 1 6   VAL 6   6   ?   ?   ?   A . n 
A 1 7   SER 7   7   ?   ?   ?   A . n 
A 1 8   PHE 8   8   8   PHE PHE A . n 
A 1 9   SER 9   9   9   SER SER A . n 
A 1 10  ARG 10  10  10  ARG ARG A . n 
A 1 11  ASP 11  11  11  ASP ASP A . n 
A 1 12  TYR 12  12  12  TYR TYR A . n 
A 1 13  PHE 13  13  13  PHE PHE A . n 
A 1 14  VAL 14  14  14  VAL VAL A . n 
A 1 15  GLU 15  15  15  GLU GLU A . n 
A 1 16  MET 16  16  16  MET MET A . n 
A 1 17  ASP 17  17  17  ASP ASP A . n 
A 1 18  VAL 18  18  18  VAL VAL A . n 
A 1 19  ARG 19  19  19  ARG ARG A . n 
A 1 20  ASP 20  20  20  ASP ASP A . n 
A 1 21  GLU 21  21  21  GLU GLU A . n 
A 1 22  GLU 22  22  22  GLU GLU A . n 
A 1 23  ALA 23  23  23  ALA ALA A . n 
A 1 24  HIS 24  24  24  HIS HIS A . n 
A 1 25  GLU 25  25  25  GLU GLU A . n 
A 1 26  LEU 26  26  26  LEU LEU A . n 
A 1 27  ALA 27  27  27  ALA ALA A . n 
A 1 28  SER 28  28  28  SER SER A . n 
A 1 29  ASP 29  29  29  ASP ASP A . n 
A 1 30  TRP 30  30  30  TRP TRP A . n 
A 1 31  PHE 31  31  31  PHE PHE A . n 
A 1 32  ASP 32  32  32  ASP ASP A . n 
A 1 33  GLU 33  33  33  GLU GLU A . n 
A 1 34  VAL 34  34  34  VAL VAL A . n 
A 1 35  VAL 35  35  35  VAL VAL A . n 
A 1 36  PHE 36  36  36  PHE PHE A . n 
A 1 37  THR 37  37  37  THR THR A . n 
A 1 38  LYS 38  38  38  LYS LYS A . n 
A 1 39  LYS 39  39  39  LYS LYS A . n 
A 1 40  LEU 40  40  40  LEU LEU A . n 
A 1 41  VAL 41  41  41  VAL VAL A . n 
A 1 42  LEU 42  42  42  LEU LEU A . n 
A 1 43  GLU 43  43  43  GLU GLU A . n 
A 1 44  ASP 44  44  44  ASP ASP A . n 
A 1 45  PRO 45  45  45  PRO PRO A . n 
A 1 46  PRO 46  46  46  PRO PRO A . n 
A 1 47  ASP 47  47  47  ASP ASP A . n 
A 1 48  TRP 48  48  48  TRP TRP A . n 
A 1 49  GLY 49  49  49  GLY GLY A . n 
A 1 50  SER 50  50  50  SER SER A . n 
A 1 51  LEU 51  51  51  LEU LEU A . n 
A 1 52  LYS 52  52  52  LYS LYS A . n 
A 1 53  GLU 53  53  53  GLU GLU A . n 
A 1 54  GLU 54  54  54  GLU GLU A . n 
A 1 55  LEU 55  55  55  LEU LEU A . n 
A 1 56  LYS 56  56  56  LYS LYS A . n 
A 1 57  GLU 57  57  57  GLU GLU A . n 
A 1 58  LEU 58  58  58  LEU LEU A . n 
A 1 59  ARG 59  59  59  ARG ARG A . n 
A 1 60  GLY 60  60  60  GLY GLY A . n 
A 1 61  LYS 61  61  61  LYS LYS A . n 
A 1 62  TYR 62  62  62  TYR TYR A . n 
A 1 63  GLY 63  63  63  GLY GLY A . n 
A 1 64  LYS 64  64  64  LYS LYS A . n 
A 1 65  VAL 65  65  65  VAL VAL A . n 
A 1 66  ALA 66  66  66  ALA ALA A . n 
A 1 67  LEU 67  67  67  LEU LEU A . n 
A 1 68  LEU 68  68  68  LEU LEU A . n 
A 1 69  LEU 69  69  69  LEU LEU A . n 
A 1 70  VAL 70  70  70  VAL VAL A . n 
A 1 71  THR 71  71  71  THR THR A . n 
A 1 72  ARG 72  72  72  ARG ARG A . n 
A 1 73  LYS 73  73  73  LYS LYS A . n 
A 1 74  PRO 74  74  74  PRO PRO A . n 
A 1 75  SER 75  75  75  SER SER A . n 
A 1 76  LEU 76  76  76  LEU LEU A . n 
A 1 77  ILE 77  77  77  ILE ILE A . n 
A 1 78  ARG 78  78  78  ARG ARG A . n 
A 1 79  GLU 79  79  79  GLU GLU A . n 
A 1 80  VAL 80  80  80  VAL VAL A . n 
A 1 81  LYS 81  81  81  LYS LYS A . n 
A 1 82  SER 82  82  82  SER SER A . n 
A 1 83  ARG 83  83  83  ARG ARG A . n 
A 1 84  ASN 84  84  84  ASN ASN A . n 
A 1 85  LEU 85  85  85  LEU LEU A . n 
A 1 86  LYS 86  86  86  LYS LYS A . n 
A 1 87  ALA 87  87  87  ALA ALA A . n 
A 1 88  LEU 88  88  88  LEU LEU A . n 
A 1 89  LEU 89  89  89  LEU LEU A . n 
A 1 90  TYR 90  90  90  TYR TYR A . n 
A 1 91  VAL 91  91  91  VAL VAL A . n 
A 1 92  GLN 92  92  92  GLN GLN A . n 
A 1 93  GLY 93  93  93  GLY GLY A . n 
A 1 94  GLY 94  94  94  GLY GLY A . n 
A 1 95  ASP 95  95  95  ASP ASP A . n 
A 1 96  MET 96  96  96  MET MET A . n 
A 1 97  ARG 97  97  97  ARG ARG A . n 
A 1 98  ILE 98  98  98  ILE ILE A . n 
A 1 99  ASN 99  99  99  ASN ASN A . n 
A 1 100 ARG 100 100 100 ARG ARG A . n 
A 1 101 MET 101 101 101 MET MET A . n 
A 1 102 ALA 102 102 102 ALA ALA A . n 
A 1 103 ILE 103 103 103 ILE ILE A . n 
A 1 104 GLU 104 104 104 GLU GLU A . n 
A 1 105 SER 105 105 105 SER SER A . n 
A 1 106 GLY 106 106 106 GLY GLY A . n 
A 1 107 VAL 107 107 107 VAL VAL A . n 
A 1 108 ASP 108 108 108 ASP ASP A . n 
A 1 109 ALA 109 109 109 ALA ALA A . n 
A 1 110 LEU 110 110 110 LEU LEU A . n 
A 1 111 ILE 111 111 111 ILE ILE A . n 
A 1 112 SER 112 112 112 SER SER A . n 
A 1 113 PRO 113 113 113 PRO PRO A . n 
A 1 114 TRP 114 114 114 TRP TRP A . n 
A 1 115 PHE 115 115 115 PHE PHE A . n 
A 1 116 GLY 116 116 116 GLY GLY A . n 
A 1 117 ARG 117 117 117 ARG ARG A . n 
A 1 118 LYS 118 118 118 LYS LYS A . n 
A 1 119 ASP 119 119 119 ASP ASP A . n 
A 1 120 PRO 120 120 120 PRO PRO A . n 
A 1 121 GLY 121 121 121 GLY GLY A . n 
A 1 122 PHE 122 122 122 PHE PHE A . n 
A 1 123 ASP 123 123 123 ASP ASP A . n 
A 1 124 HIS 124 124 124 HIS HIS A . n 
A 1 125 THR 125 125 125 THR THR A . n 
A 1 126 LEU 126 126 126 LEU LEU A . n 
A 1 127 ALA 127 127 127 ALA ALA A . n 
A 1 128 GLY 128 128 128 GLY GLY A . n 
A 1 129 MET 129 129 129 MET MET A . n 
A 1 130 ALA 130 130 130 ALA ALA A . n 
A 1 131 ALA 131 131 131 ALA ALA A . n 
A 1 132 ARG 132 132 132 ARG ARG A . n 
A 1 133 ARG 133 133 133 ARG ARG A . n 
A 1 134 GLY 134 134 134 GLY GLY A . n 
A 1 135 VAL 135 135 135 VAL VAL A . n 
A 1 136 ALA 136 136 136 ALA ALA A . n 
A 1 137 ILE 137 137 137 ILE ILE A . n 
A 1 138 GLY 138 138 138 GLY GLY A . n 
A 1 139 PHE 139 139 139 PHE PHE A . n 
A 1 140 SER 140 140 140 SER SER A . n 
A 1 141 LEU 141 141 141 LEU LEU A . n 
A 1 142 SER 142 142 142 SER SER A . n 
A 1 143 PRO 143 143 143 PRO PRO A . n 
A 1 144 LEU 144 144 144 LEU LEU A . n 
A 1 145 LEU 145 145 145 LEU LEU A . n 
A 1 146 ASN 146 146 146 ASN ASN A . n 
A 1 147 ALA 147 147 147 ALA ALA A . n 
A 1 148 ASN 148 148 148 ASN ASN A . n 
A 1 149 PRO 149 149 149 PRO PRO A . n 
A 1 150 TYR 150 150 150 TYR TYR A . n 
A 1 151 GLY 151 151 151 GLY GLY A . n 
A 1 152 ARG 152 152 152 ARG ARG A . n 
A 1 153 ALA 153 153 153 ALA ALA A . n 
A 1 154 GLN 154 154 154 GLN GLN A . n 
A 1 155 ILE 155 155 155 ILE ILE A . n 
A 1 156 LEU 156 156 156 LEU LEU A . n 
A 1 157 ARG 157 157 157 ARG ARG A . n 
A 1 158 PHE 158 158 158 PHE PHE A . n 
A 1 159 MET 159 159 159 MET MET A . n 
A 1 160 MET 160 160 160 MET MET A . n 
A 1 161 LYS 161 161 161 LYS LYS A . n 
A 1 162 THR 162 162 162 THR THR A . n 
A 1 163 TRP 163 163 163 TRP TRP A . n 
A 1 164 GLN 164 164 164 GLN GLN A . n 
A 1 165 LEU 165 165 165 LEU LEU A . n 
A 1 166 VAL 166 166 166 VAL VAL A . n 
A 1 167 LYS 167 167 167 LYS LYS A . n 
A 1 168 LYS 168 168 168 LYS LYS A . n 
A 1 169 TYR 169 169 169 TYR TYR A . n 
A 1 170 ARG 170 170 170 ARG ARG A . n 
A 1 171 VAL 171 171 171 VAL VAL A . n 
A 1 172 PRO 172 172 172 PRO PRO A . n 
A 1 173 ARG 173 173 173 ARG ARG A . n 
A 1 174 PHE 174 174 174 PHE PHE A . n 
A 1 175 ILE 175 175 175 ILE ILE A . n 
A 1 176 THR 176 176 176 THR THR A . n 
A 1 177 SER 177 177 177 SER SER A . n 
A 1 178 SER 178 178 178 SER SER A . n 
A 1 179 ALA 179 179 179 ALA ALA A . n 
A 1 180 GLU 180 180 180 GLU GLU A . n 
A 1 181 SER 181 181 181 SER SER A . n 
A 1 182 ARG 182 182 182 ARG ARG A . n 
A 1 183 TRP 183 183 183 TRP TRP A . n 
A 1 184 GLU 184 184 184 GLU GLU A . n 
A 1 185 VAL 185 185 185 VAL VAL A . n 
A 1 186 ARG 186 186 186 ARG ARG A . n 
A 1 187 GLY 187 187 187 GLY GLY A . n 
A 1 188 PRO 188 188 188 PRO PRO A . n 
A 1 189 ARG 189 189 189 ARG ARG A . n 
A 1 190 ASP 190 190 190 ASP ASP A . n 
A 1 191 LEU 191 191 191 LEU LEU A . n 
A 1 192 MET 192 192 192 MET MET A . n 
A 1 193 SER 193 193 193 SER SER A . n 
A 1 194 LEU 194 194 194 LEU LEU A . n 
A 1 195 GLY 195 195 195 GLY GLY A . n 
A 1 196 ILE 196 196 196 ILE ILE A . n 
A 1 197 ASN 197 197 197 ASN ASN A . n 
A 1 198 ILE 198 198 198 ILE ILE A . n 
A 1 199 GLY 199 199 199 GLY GLY A . n 
A 1 200 MET 200 200 200 MET MET A . n 
A 1 201 GLU 201 201 201 GLU GLU A . n 
A 1 202 ILE 202 202 202 ILE ILE A . n 
A 1 203 PRO 203 203 203 PRO PRO A . n 
A 1 204 GLU 204 204 204 GLU GLU A . n 
A 1 205 ALA 205 205 205 ALA ALA A . n 
A 1 206 ARG 206 206 206 ARG ARG A . n 
A 1 207 ALA 207 207 207 ALA ALA A . n 
A 1 208 SER 208 208 208 SER SER A . n 
A 1 209 LEU 209 209 209 LEU LEU A . n 
A 1 210 ASN 210 210 210 ASN ASN A . n 
A 1 211 PHE 211 211 211 PHE PHE A . n 
A 1 212 TYR 212 212 212 TYR TYR A . n 
A 1 213 PRO 213 213 213 PRO PRO A . n 
A 1 214 ARG 214 214 214 ARG ARG A . n 
A 1 215 THR 215 215 215 THR THR A . n 
A 1 216 ILE 216 216 216 ILE ILE A . n 
A 1 217 VAL 217 217 217 VAL VAL A . n 
A 1 218 TRP 218 218 218 TRP TRP A . n 
A 1 219 LYS 219 219 219 LYS LYS A . n 
A 1 220 LEU 220 220 ?   ?   ?   A . n 
# 
loop_
_pdbx_nonpoly_scheme.asym_id 
_pdbx_nonpoly_scheme.entity_id 
_pdbx_nonpoly_scheme.mon_id 
_pdbx_nonpoly_scheme.ndb_seq_num 
_pdbx_nonpoly_scheme.pdb_seq_num 
_pdbx_nonpoly_scheme.auth_seq_num 
_pdbx_nonpoly_scheme.pdb_mon_id 
_pdbx_nonpoly_scheme.auth_mon_id 
_pdbx_nonpoly_scheme.pdb_strand_id 
_pdbx_nonpoly_scheme.pdb_ins_code 
B 2 GOL 1  301 1   GOL GOL A . 
C 3 HOH 1  401 19  HOH HOH A . 
C 3 HOH 2  402 20  HOH HOH A . 
C 3 HOH 3  403 31  HOH HOH A . 
C 3 HOH 4  404 37  HOH HOH A . 
C 3 HOH 5  405 39  HOH HOH A . 
C 3 HOH 6  406 40  HOH HOH A . 
C 3 HOH 7  407 43  HOH HOH A . 
C 3 HOH 8  408 48  HOH HOH A . 
C 3 HOH 9  409 50  HOH HOH A . 
C 3 HOH 10 410 51  HOH HOH A . 
C 3 HOH 11 411 53  HOH HOH A . 
C 3 HOH 12 412 54  HOH HOH A . 
C 3 HOH 13 413 55  HOH HOH A . 
C 3 HOH 14 414 56  HOH HOH A . 
C 3 HOH 15 415 59  HOH HOH A . 
C 3 HOH 16 416 80  HOH HOH A . 
C 3 HOH 17 417 87  HOH HOH A . 
C 3 HOH 18 418 88  HOH HOH A . 
C 3 HOH 19 419 102 HOH HOH A . 
C 3 HOH 20 420 113 HOH HOH A . 
C 3 HOH 21 421 114 HOH HOH A . 
C 3 HOH 22 422 131 HOH HOH A . 
C 3 HOH 23 423 133 HOH HOH A . 
C 3 HOH 24 424 135 HOH HOH A . 
C 3 HOH 25 425 136 HOH HOH A . 
C 3 HOH 26 426 137 HOH HOH A . 
C 3 HOH 27 427 140 HOH HOH A . 
C 3 HOH 28 428 142 HOH HOH A . 
C 3 HOH 29 429 150 HOH HOH A . 
C 3 HOH 30 430 189 HOH HOH A . 
C 3 HOH 31 431 230 HOH HOH A . 
C 3 HOH 32 432 235 HOH HOH A . 
C 3 HOH 33 433 265 HOH HOH A . 
C 3 HOH 34 434 268 HOH HOH A . 
C 3 HOH 35 435 269 HOH HOH A . 
C 3 HOH 36 436 272 HOH HOH A . 
C 3 HOH 37 437 273 HOH HOH A . 
C 3 HOH 38 438 288 HOH HOH A . 
C 3 HOH 39 439 289 HOH HOH A . 
# 
loop_
_software.name 
_software.classification 
_software.version 
_software.citation_id 
_software.pdbx_ordinal 
MOLREP   phasing          .        ? 1 
REFMAC   refinement       5.8.0049 ? 2 
HKL-2000 'data reduction' .        ? 3 
HKL-2000 'data scaling'   .        ? 4 
# 
_cell.entry_id           3WYZ 
_cell.length_a           40.610 
_cell.length_b           58.725 
_cell.length_c           43.280 
_cell.angle_alpha        90.00 
_cell.angle_beta         109.67 
_cell.angle_gamma        90.00 
_cell.Z_PDB              2 
_cell.pdbx_unique_axis   ? 
_cell.length_a_esd       ? 
_cell.length_b_esd       ? 
_cell.length_c_esd       ? 
_cell.angle_alpha_esd    ? 
_cell.angle_beta_esd     ? 
_cell.angle_gamma_esd    ? 
# 
_symmetry.entry_id                         3WYZ 
_symmetry.space_group_name_H-M             'P 1 21 1' 
_symmetry.pdbx_full_space_group_name_H-M   ? 
_symmetry.cell_setting                     ? 
_symmetry.Int_Tables_number                4 
_symmetry.space_group_name_Hall            ? 
# 
_exptl.entry_id          3WYZ 
_exptl.method            'X-RAY DIFFRACTION' 
_exptl.crystals_number   1 
# 
_exptl_crystal.id                    1 
_exptl_crystal.density_meas          ? 
_exptl_crystal.density_Matthews      1.92 
_exptl_crystal.density_percent_sol   35.95 
_exptl_crystal.description           ? 
_exptl_crystal.F_000                 ? 
_exptl_crystal.preparation           ? 
# 
_exptl_crystal_grow.crystal_id      1 
_exptl_crystal_grow.method          Purification 
_exptl_crystal_grow.temp            283 
_exptl_crystal_grow.temp_details    ? 
_exptl_crystal_grow.pH              7.5 
_exptl_crystal_grow.pdbx_details    '50mM Tris-HCl (pH 7.5), 200mM NaCl, 10mM MgCl2, Purification, temperature 283K' 
_exptl_crystal_grow.pdbx_pH_range   . 
# 
_diffrn.id                     1 
_diffrn.ambient_temp           100 
_diffrn.ambient_temp_details   ? 
_diffrn.crystal_id             1 
# 
_diffrn_detector.diffrn_id              1 
_diffrn_detector.detector               CCD 
_diffrn_detector.type                   'RAYONIX MX300HE' 
_diffrn_detector.pdbx_collection_date   ? 
_diffrn_detector.details                ? 
# 
_diffrn_radiation.diffrn_id                        1 
_diffrn_radiation.wavelength_id                    1 
_diffrn_radiation.pdbx_monochromatic_or_laue_m_l   M 
_diffrn_radiation.monochromator                    ? 
_diffrn_radiation.pdbx_diffrn_protocol             'SINGLE WAVELENGTH' 
_diffrn_radiation.pdbx_scattering_type             x-ray 
# 
_diffrn_radiation_wavelength.id           1 
_diffrn_radiation_wavelength.wavelength   0.9 
_diffrn_radiation_wavelength.wt           1.0 
# 
_diffrn_source.diffrn_id                   1 
_diffrn_source.source                      SYNCHROTRON 
_diffrn_source.type                        'SPRING-8 BEAMLINE BL44XU' 
_diffrn_source.pdbx_synchrotron_site       SPring-8 
_diffrn_source.pdbx_synchrotron_beamline   BL44XU 
_diffrn_source.pdbx_wavelength             ? 
_diffrn_source.pdbx_wavelength_list        0.9 
# 
_reflns.entry_id                     3WYZ 
_reflns.observed_criterion_sigma_I   0.0 
_reflns.observed_criterion_sigma_F   0.0 
_reflns.d_resolution_low             50.0 
_reflns.d_resolution_high            2.2 
_reflns.number_obs                   9422 
_reflns.number_all                   9422 
_reflns.percent_possible_obs         96.8 
_reflns.pdbx_Rmerge_I_obs            0.141 
_reflns.pdbx_Rsym_value              ? 
_reflns.pdbx_netI_over_sigmaI        18.4 
_reflns.B_iso_Wilson_estimate        ? 
_reflns.pdbx_redundancy              3.2 
_reflns.R_free_details               ? 
_reflns.limit_h_max                  ? 
_reflns.limit_h_min                  ? 
_reflns.limit_k_max                  ? 
_reflns.limit_k_min                  ? 
_reflns.limit_l_max                  ? 
_reflns.limit_l_min                  ? 
_reflns.observed_criterion_F_max     ? 
_reflns.observed_criterion_F_min     ? 
_reflns.pdbx_chi_squared             ? 
_reflns.pdbx_scaling_rejects         ? 
_reflns.pdbx_ordinal                 1 
_reflns.pdbx_diffrn_id               1 
# 
_reflns_shell.d_res_high                  2.2 
_reflns_shell.d_res_low                   2.3 
_reflns_shell.percent_possible_all        93.5 
_reflns_shell.Rmerge_I_obs                0.917 
_reflns_shell.pdbx_Rsym_value             ? 
_reflns_shell.meanI_over_sigI_obs         2.7 
_reflns_shell.pdbx_redundancy             3.0 
_reflns_shell.percent_possible_obs        ? 
_reflns_shell.number_unique_all           ? 
_reflns_shell.number_measured_all         ? 
_reflns_shell.number_measured_obs         ? 
_reflns_shell.number_unique_obs           ? 
_reflns_shell.pdbx_chi_squared            ? 
_reflns_shell.pdbx_rejects                ? 
_reflns_shell.pdbx_netI_over_sigmaI_obs   ? 
_reflns_shell.number_possible             ? 
_reflns_shell.Rmerge_F_all                ? 
_reflns_shell.Rmerge_F_obs                ? 
_reflns_shell.Rmerge_I_all                ? 
_reflns_shell.meanI_over_sigI_all         ? 
_reflns_shell.pdbx_Rrim_I_all             ? 
_reflns_shell.pdbx_Rpim_I_all             ? 
_reflns_shell.pdbx_ordinal                1 
_reflns_shell.pdbx_diffrn_id              1 
# 
_refine.entry_id                                 3WYZ 
_refine.ls_number_reflns_obs                     8799 
_refine.ls_number_reflns_all                     8799 
_refine.pdbx_ls_sigma_I                          0.0 
_refine.pdbx_ls_sigma_F                          0.0 
_refine.pdbx_data_cutoff_high_absF               ? 
_refine.pdbx_data_cutoff_low_absF                ? 
_refine.pdbx_data_cutoff_high_rms_absF           ? 
_refine.ls_d_res_low                             33.48 
_refine.ls_d_res_high                            2.21 
_refine.ls_percent_reflns_obs                    94.63 
_refine.ls_R_factor_obs                          0.22191 
_refine.ls_R_factor_all                          0.22191 
_refine.ls_R_factor_R_work                       0.21901 
_refine.ls_R_factor_R_free                       0.28136 
_refine.ls_R_factor_R_free_error                 ? 
_refine.ls_R_factor_R_free_error_details         ? 
_refine.ls_percent_reflns_R_free                 4.7 
_refine.ls_number_reflns_R_free                  431 
_refine.ls_number_parameters                     ? 
_refine.ls_number_restraints                     ? 
_refine.occupancy_min                            ? 
_refine.occupancy_max                            ? 
_refine.correlation_coeff_Fo_to_Fc               0.953 
_refine.correlation_coeff_Fo_to_Fc_free          0.925 
_refine.B_iso_mean                               56.060 
_refine.aniso_B[1][1]                            -0.01 
_refine.aniso_B[2][2]                            -0.04 
_refine.aniso_B[3][3]                            0.02 
_refine.aniso_B[1][2]                            -0.00 
_refine.aniso_B[1][3]                            0.04 
_refine.aniso_B[2][3]                            -0.00 
_refine.solvent_model_details                    MASK 
_refine.solvent_model_param_ksol                 ? 
_refine.solvent_model_param_bsol                 ? 
_refine.pdbx_solvent_vdw_probe_radii             1.20 
_refine.pdbx_solvent_ion_probe_radii             0.80 
_refine.pdbx_solvent_shrinkage_radii             0.80 
_refine.pdbx_ls_cross_valid_method               THROUGHOUT 
_refine.details                                  'HYDROGENS HAVE BEEN ADDED IN THE RIDING POSITIONS' 
_refine.pdbx_starting_model                      ? 
_refine.pdbx_method_to_determine_struct          'MOLECULAR REPLACEMENT' 
_refine.pdbx_isotropic_thermal_model             ? 
_refine.pdbx_stereochemistry_target_values       'MAXIMUM LIKELIHOOD' 
_refine.pdbx_stereochem_target_val_spec_case     ? 
_refine.pdbx_R_Free_selection_details            RANDOM 
_refine.pdbx_overall_ESU_R                       0.510 
_refine.pdbx_overall_ESU_R_Free                  0.288 
_refine.overall_SU_ML                            0.262 
_refine.pdbx_overall_phase_error                 ? 
_refine.overall_SU_B                             10.894 
_refine.overall_SU_R_Cruickshank_DPI             ? 
_refine.ls_redundancy_reflns_obs                 ? 
_refine.B_iso_min                                ? 
_refine.B_iso_max                                ? 
_refine.overall_SU_R_free                        ? 
_refine.ls_wR_factor_R_free                      ? 
_refine.ls_wR_factor_R_work                      ? 
_refine.overall_FOM_free_R_set                   ? 
_refine.overall_FOM_work_R_set                   ? 
_refine.pdbx_diffrn_id                           1 
_refine.pdbx_refine_id                           'X-RAY DIFFRACTION' 
_refine.pdbx_TLS_residual_ADP_flag               ? 
_refine.pdbx_overall_SU_R_free_Cruickshank_DPI   ? 
_refine.pdbx_overall_SU_R_Blow_DPI               ? 
_refine.pdbx_overall_SU_R_free_Blow_DPI          ? 
# 
_refine_hist.pdbx_refine_id                   'X-RAY DIFFRACTION' 
_refine_hist.cycle_id                         LAST 
_refine_hist.pdbx_number_atoms_protein        1717 
_refine_hist.pdbx_number_atoms_nucleic_acid   0 
_refine_hist.pdbx_number_atoms_ligand         6 
_refine_hist.number_atoms_solvent             39 
_refine_hist.number_atoms_total               1762 
_refine_hist.d_res_high                       2.21 
_refine_hist.d_res_low                        33.48 
# 
loop_
_refine_ls_restr.type 
_refine_ls_restr.dev_ideal 
_refine_ls_restr.dev_ideal_target 
_refine_ls_restr.weight 
_refine_ls_restr.number 
_refine_ls_restr.pdbx_restraint_function 
_refine_ls_restr.pdbx_refine_id 
r_bond_refined_d       0.005  0.019  ? 1775 ? 'X-RAY DIFFRACTION' 
r_bond_other_d         0.001  0.020  ? 1747 ? 'X-RAY DIFFRACTION' 
r_angle_refined_deg    0.939  1.972  ? 2394 ? 'X-RAY DIFFRACTION' 
r_angle_other_deg      0.686  3.000  ? 4012 ? 'X-RAY DIFFRACTION' 
r_dihedral_angle_1_deg 5.043  5.000  ? 215  ? 'X-RAY DIFFRACTION' 
r_dihedral_angle_2_deg 30.083 22.099 ? 81   ? 'X-RAY DIFFRACTION' 
r_dihedral_angle_3_deg 14.138 15.000 ? 326  ? 'X-RAY DIFFRACTION' 
r_dihedral_angle_4_deg 13.973 15.000 ? 20   ? 'X-RAY DIFFRACTION' 
r_chiral_restr         0.050  0.200  ? 255  ? 'X-RAY DIFFRACTION' 
r_gen_planes_refined   0.004  0.021  ? 1960 ? 'X-RAY DIFFRACTION' 
r_gen_planes_other     0.001  0.020  ? 420  ? 'X-RAY DIFFRACTION' 
r_mcbond_it            1.971  5.355  ? 851  ? 'X-RAY DIFFRACTION' 
r_mcbond_other         1.971  5.354  ? 850  ? 'X-RAY DIFFRACTION' 
r_mcangle_it           3.268  8.024  ? 1063 ? 'X-RAY DIFFRACTION' 
r_mcangle_other        3.267  8.025  ? 1064 ? 'X-RAY DIFFRACTION' 
r_scbond_it            2.222  5.802  ? 924  ? 'X-RAY DIFFRACTION' 
r_scbond_other         2.222  5.802  ? 924  ? 'X-RAY DIFFRACTION' 
r_scangle_other        3.700  8.554  ? 1330 ? 'X-RAY DIFFRACTION' 
r_long_range_B_refined 7.223  50.702 ? 7366 ? 'X-RAY DIFFRACTION' 
r_long_range_B_other   7.223  50.698 ? 7365 ? 'X-RAY DIFFRACTION' 
# 
_refine_ls_shell.pdbx_refine_id                   'X-RAY DIFFRACTION' 
_refine_ls_shell.pdbx_total_number_of_bins_used   20 
_refine_ls_shell.d_res_high                       2.206 
_refine_ls_shell.d_res_low                        2.263 
_refine_ls_shell.number_reflns_R_work             580 
_refine_ls_shell.R_factor_R_work                  0.332 
_refine_ls_shell.percent_reflns_obs               83.45 
_refine_ls_shell.R_factor_R_free                  0.235 
_refine_ls_shell.R_factor_R_free_error            ? 
_refine_ls_shell.percent_reflns_R_free            ? 
_refine_ls_shell.number_reflns_R_free             25 
_refine_ls_shell.number_reflns_all                ? 
_refine_ls_shell.R_factor_all                     ? 
_refine_ls_shell.number_reflns_obs                ? 
_refine_ls_shell.redundancy_reflns_obs            ? 
# 
_struct.entry_id                  3WYZ 
_struct.title                     
'On archaeal homologs of the human RNase P protein Rpp30 in the hyperthermophilic archaeon Thermococcus kodakarensis' 
_struct.pdbx_model_details        ? 
_struct.pdbx_CASP_flag            ? 
_struct.pdbx_model_type_details   ? 
# 
_struct_keywords.entry_id        3WYZ 
_struct_keywords.pdbx_keywords   HYDROLASE 
_struct_keywords.text            'TIM barrel-like structure, pre-tRNA cleavage, RNA binding, HYDROLASE' 
# 
loop_
_struct_asym.id 
_struct_asym.pdbx_blank_PDB_chainid_flag 
_struct_asym.pdbx_modified 
_struct_asym.entity_id 
_struct_asym.details 
A N N 1 ? 
B N N 2 ? 
C N N 3 ? 
# 
_struct_ref.id                         1 
_struct_ref.db_name                    UNP 
_struct_ref.db_code                    RNP3_THEKO 
_struct_ref.pdbx_db_accession          Q5JH47 
_struct_ref.entity_id                  1 
_struct_ref.pdbx_seq_one_letter_code   
;MSEEEVSFSRDYFVEMDVRDEEAHELASDWFDEVVFTKKLVLEDPPDWGSLKEELKELRGKYGKVALLLVTRKPSLIREV
KSRNLKALLYVQGGDMRINRMAIESGVDALISPWFGRKDPGFDHTLAGMAARRGVAIGFSLSPLLNANPYGRAQILRFMM
KTWQLVKKYRVPRFITSSAESRWEVRGPRDLMSLGINIGMEIPEARASLNFYPRTIVWKL
;
_struct_ref.pdbx_align_begin           1 
_struct_ref.pdbx_db_isoform            ? 
# 
_struct_ref_seq.align_id                      1 
_struct_ref_seq.ref_id                        1 
_struct_ref_seq.pdbx_PDB_id_code              3WYZ 
_struct_ref_seq.pdbx_strand_id                A 
_struct_ref_seq.seq_align_beg                 1 
_struct_ref_seq.pdbx_seq_align_beg_ins_code   ? 
_struct_ref_seq.seq_align_end                 220 
_struct_ref_seq.pdbx_seq_align_end_ins_code   ? 
_struct_ref_seq.pdbx_db_accession             Q5JH47 
_struct_ref_seq.db_align_beg                  1 
_struct_ref_seq.pdbx_db_align_beg_ins_code    ? 
_struct_ref_seq.db_align_end                  220 
_struct_ref_seq.pdbx_db_align_end_ins_code    ? 
_struct_ref_seq.pdbx_auth_seq_align_beg       1 
_struct_ref_seq.pdbx_auth_seq_align_end       220 
# 
_pdbx_struct_assembly.id                   1 
_pdbx_struct_assembly.details              author_and_software_defined_assembly 
_pdbx_struct_assembly.method_details       PISA 
_pdbx_struct_assembly.oligomeric_details   monomeric 
_pdbx_struct_assembly.oligomeric_count     1 
# 
_pdbx_struct_assembly_gen.assembly_id       1 
_pdbx_struct_assembly_gen.oper_expression   1 
_pdbx_struct_assembly_gen.asym_id_list      A,B,C 
# 
_pdbx_struct_oper_list.id                   1 
_pdbx_struct_oper_list.type                 'identity operation' 
_pdbx_struct_oper_list.name                 1_555 
_pdbx_struct_oper_list.symmetry_operation   x,y,z 
_pdbx_struct_oper_list.matrix[1][1]         1.0000000000 
_pdbx_struct_oper_list.matrix[1][2]         0.0000000000 
_pdbx_struct_oper_list.matrix[1][3]         0.0000000000 
_pdbx_struct_oper_list.vector[1]            0.0000000000 
_pdbx_struct_oper_list.matrix[2][1]         0.0000000000 
_pdbx_struct_oper_list.matrix[2][2]         1.0000000000 
_pdbx_struct_oper_list.matrix[2][3]         0.0000000000 
_pdbx_struct_oper_list.vector[2]            0.0000000000 
_pdbx_struct_oper_list.matrix[3][1]         0.0000000000 
_pdbx_struct_oper_list.matrix[3][2]         0.0000000000 
_pdbx_struct_oper_list.matrix[3][3]         1.0000000000 
_pdbx_struct_oper_list.vector[3]            0.0000000000 
# 
_struct_biol.id        1 
_struct_biol.details   ? 
# 
loop_
_struct_conf.conf_type_id 
_struct_conf.id 
_struct_conf.pdbx_PDB_helix_id 
_struct_conf.beg_label_comp_id 
_struct_conf.beg_label_asym_id 
_struct_conf.beg_label_seq_id 
_struct_conf.pdbx_beg_PDB_ins_code 
_struct_conf.end_label_comp_id 
_struct_conf.end_label_asym_id 
_struct_conf.end_label_seq_id 
_struct_conf.pdbx_end_PDB_ins_code 
_struct_conf.beg_auth_comp_id 
_struct_conf.beg_auth_asym_id 
_struct_conf.beg_auth_seq_id 
_struct_conf.end_auth_comp_id 
_struct_conf.end_auth_asym_id 
_struct_conf.end_auth_seq_id 
_struct_conf.pdbx_PDB_helix_class 
_struct_conf.details 
_struct_conf.pdbx_PDB_helix_length 
HELX_P HELX_P1  1  ASP A 20  ? PHE A 31  ? ASP A 20  PHE A 31  1 ? 12 
HELX_P HELX_P2  2  ASP A 47  ? GLY A 63  ? ASP A 47  GLY A 63  1 ? 17 
HELX_P HELX_P3  3  LYS A 73  ? ASN A 84  ? LYS A 73  ASN A 84  1 ? 12 
HELX_P HELX_P4  4  ASP A 95  ? SER A 105 ? ASP A 95  SER A 105 1 ? 11 
HELX_P HELX_P5  5  ASP A 123 ? GLY A 134 ? ASP A 123 GLY A 134 1 ? 12 
HELX_P HELX_P6  6  LEU A 141 ? ASN A 146 ? LEU A 141 ASN A 146 1 ? 6  
HELX_P HELX_P7  7  ASN A 148 ? TYR A 169 ? ASN A 148 TYR A 169 1 ? 22 
HELX_P HELX_P8  8  SER A 181 ? VAL A 185 ? SER A 181 VAL A 185 5 ? 5  
HELX_P HELX_P9  9  GLY A 187 ? GLY A 199 ? GLY A 187 GLY A 199 1 ? 13 
HELX_P HELX_P10 10 GLU A 201 ? ASN A 210 ? GLU A 201 ASN A 210 1 ? 10 
HELX_P HELX_P11 11 ASN A 210 ? TRP A 218 ? ASN A 210 TRP A 218 1 ? 9  
# 
_struct_conf_type.id          HELX_P 
_struct_conf_type.criteria    ? 
_struct_conf_type.reference   ? 
# 
loop_
_struct_mon_prot_cis.pdbx_id 
_struct_mon_prot_cis.label_comp_id 
_struct_mon_prot_cis.label_seq_id 
_struct_mon_prot_cis.label_asym_id 
_struct_mon_prot_cis.label_alt_id 
_struct_mon_prot_cis.pdbx_PDB_ins_code 
_struct_mon_prot_cis.auth_comp_id 
_struct_mon_prot_cis.auth_seq_id 
_struct_mon_prot_cis.auth_asym_id 
_struct_mon_prot_cis.pdbx_label_comp_id_2 
_struct_mon_prot_cis.pdbx_label_seq_id_2 
_struct_mon_prot_cis.pdbx_label_asym_id_2 
_struct_mon_prot_cis.pdbx_PDB_ins_code_2 
_struct_mon_prot_cis.pdbx_auth_comp_id_2 
_struct_mon_prot_cis.pdbx_auth_seq_id_2 
_struct_mon_prot_cis.pdbx_auth_asym_id_2 
_struct_mon_prot_cis.pdbx_PDB_model_num 
_struct_mon_prot_cis.pdbx_omega_angle 
1 GLU 43 A . ? GLU 43 A ASP 44 A ? ASP 44 A 1 3.75 
2 PRO 46 A . ? PRO 46 A ASP 47 A ? ASP 47 A 1 9.11 
# 
_struct_sheet.id               A 
_struct_sheet.type             ? 
_struct_sheet.number_strands   7 
_struct_sheet.details          ? 
# 
loop_
_struct_sheet_order.sheet_id 
_struct_sheet_order.range_id_1 
_struct_sheet_order.range_id_2 
_struct_sheet_order.offset 
_struct_sheet_order.sense 
A 1 2 ? parallel 
A 2 3 ? parallel 
A 3 4 ? parallel 
A 4 5 ? parallel 
A 5 6 ? parallel 
A 6 7 ? parallel 
# 
loop_
_struct_sheet_range.sheet_id 
_struct_sheet_range.id 
_struct_sheet_range.beg_label_comp_id 
_struct_sheet_range.beg_label_asym_id 
_struct_sheet_range.beg_label_seq_id 
_struct_sheet_range.pdbx_beg_PDB_ins_code 
_struct_sheet_range.end_label_comp_id 
_struct_sheet_range.end_label_asym_id 
_struct_sheet_range.end_label_seq_id 
_struct_sheet_range.pdbx_end_PDB_ins_code 
_struct_sheet_range.beg_auth_comp_id 
_struct_sheet_range.beg_auth_asym_id 
_struct_sheet_range.beg_auth_seq_id 
_struct_sheet_range.end_auth_comp_id 
_struct_sheet_range.end_auth_asym_id 
_struct_sheet_range.end_auth_seq_id 
A 1 VAL A 14  ? VAL A 18  ? VAL A 14  VAL A 18  
A 2 GLU A 33  ? VAL A 41  ? GLU A 33  VAL A 41  
A 3 VAL A 65  ? VAL A 70  ? VAL A 65  VAL A 70  
A 4 LEU A 88  ? GLN A 92  ? LEU A 88  GLN A 92  
A 5 ALA A 109 ? ILE A 111 ? ALA A 109 ILE A 111 
A 6 ALA A 136 ? SER A 140 ? ALA A 136 SER A 140 
A 7 ARG A 173 ? THR A 176 ? ARG A 173 THR A 176 
# 
loop_
_pdbx_struct_sheet_hbond.sheet_id 
_pdbx_struct_sheet_hbond.range_id_1 
_pdbx_struct_sheet_hbond.range_id_2 
_pdbx_struct_sheet_hbond.range_1_label_atom_id 
_pdbx_struct_sheet_hbond.range_1_label_comp_id 
_pdbx_struct_sheet_hbond.range_1_label_asym_id 
_pdbx_struct_sheet_hbond.range_1_label_seq_id 
_pdbx_struct_sheet_hbond.range_1_PDB_ins_code 
_pdbx_struct_sheet_hbond.range_1_auth_atom_id 
_pdbx_struct_sheet_hbond.range_1_auth_comp_id 
_pdbx_struct_sheet_hbond.range_1_auth_asym_id 
_pdbx_struct_sheet_hbond.range_1_auth_seq_id 
_pdbx_struct_sheet_hbond.range_2_label_atom_id 
_pdbx_struct_sheet_hbond.range_2_label_comp_id 
_pdbx_struct_sheet_hbond.range_2_label_asym_id 
_pdbx_struct_sheet_hbond.range_2_label_seq_id 
_pdbx_struct_sheet_hbond.range_2_PDB_ins_code 
_pdbx_struct_sheet_hbond.range_2_auth_atom_id 
_pdbx_struct_sheet_hbond.range_2_auth_comp_id 
_pdbx_struct_sheet_hbond.range_2_auth_asym_id 
_pdbx_struct_sheet_hbond.range_2_auth_seq_id 
A 1 2 N VAL A 18  ? N VAL A 18  O THR A 37  ? O THR A 37  
A 2 3 N LEU A 40  ? N LEU A 40  O LEU A 68  ? O LEU A 68  
A 3 4 N LEU A 67  ? N LEU A 67  O LEU A 88  ? O LEU A 88  
A 4 5 N VAL A 91  ? N VAL A 91  O ILE A 111 ? O ILE A 111 
A 5 6 N LEU A 110 ? N LEU A 110 O GLY A 138 ? O GLY A 138 
A 6 7 N PHE A 139 ? N PHE A 139 O PHE A 174 ? O PHE A 174 
# 
_struct_site.id                   AC1 
_struct_site.pdbx_evidence_code   Software 
_struct_site.pdbx_auth_asym_id    A 
_struct_site.pdbx_auth_comp_id    GOL 
_struct_site.pdbx_auth_seq_id     301 
_struct_site.pdbx_auth_ins_code   ? 
_struct_site.pdbx_num_residues    8 
_struct_site.details              'BINDING SITE FOR RESIDUE GOL A 301' 
# 
loop_
_struct_site_gen.id 
_struct_site_gen.site_id 
_struct_site_gen.pdbx_num_res 
_struct_site_gen.label_comp_id 
_struct_site_gen.label_asym_id 
_struct_site_gen.label_seq_id 
_struct_site_gen.pdbx_auth_ins_code 
_struct_site_gen.auth_comp_id 
_struct_site_gen.auth_asym_id 
_struct_site_gen.auth_seq_id 
_struct_site_gen.label_atom_id 
_struct_site_gen.label_alt_id 
_struct_site_gen.symmetry 
_struct_site_gen.details 
1 AC1 8 ARG A 19  ? ARG A 19  . ? 1_555 ? 
2 AC1 8 GLN A 92  ? GLN A 92  . ? 1_555 ? 
3 AC1 8 ILE A 111 ? ILE A 111 . ? 1_555 ? 
4 AC1 8 SER A 112 ? SER A 112 . ? 1_555 ? 
5 AC1 8 SER A 140 ? SER A 140 . ? 1_555 ? 
6 AC1 8 SER A 142 ? SER A 142 . ? 1_555 ? 
7 AC1 8 SER A 178 ? SER A 178 . ? 1_555 ? 
8 AC1 8 HOH C .   ? HOH A 402 . ? 1_555 ? 
# 
loop_
_pdbx_validate_torsion.id 
_pdbx_validate_torsion.PDB_model_num 
_pdbx_validate_torsion.auth_comp_id 
_pdbx_validate_torsion.auth_asym_id 
_pdbx_validate_torsion.auth_seq_id 
_pdbx_validate_torsion.PDB_ins_code 
_pdbx_validate_torsion.label_alt_id 
_pdbx_validate_torsion.phi 
_pdbx_validate_torsion.psi 
1 1 ASP A 11  ? ? -104.70 55.26   
2 1 GLU A 43  ? ? -159.65 76.12   
3 1 ASP A 44  ? ? -123.17 -105.64 
4 1 ASP A 47  ? ? 78.99   31.02   
5 1 ASN A 84  ? ? 55.66   72.61   
6 1 SER A 112 ? ? 49.60   74.46   
7 1 ASN A 146 ? ? -100.46 46.98   
8 1 ASN A 210 ? ? -115.78 -75.91  
# 
loop_
_pdbx_unobs_or_zero_occ_residues.id 
_pdbx_unobs_or_zero_occ_residues.PDB_model_num 
_pdbx_unobs_or_zero_occ_residues.polymer_flag 
_pdbx_unobs_or_zero_occ_residues.occupancy_flag 
_pdbx_unobs_or_zero_occ_residues.auth_asym_id 
_pdbx_unobs_or_zero_occ_residues.auth_comp_id 
_pdbx_unobs_or_zero_occ_residues.auth_seq_id 
_pdbx_unobs_or_zero_occ_residues.PDB_ins_code 
_pdbx_unobs_or_zero_occ_residues.label_asym_id 
_pdbx_unobs_or_zero_occ_residues.label_comp_id 
_pdbx_unobs_or_zero_occ_residues.label_seq_id 
1 1 Y 1 A MET 1   ? A MET 1   
2 1 Y 1 A SER 2   ? A SER 2   
3 1 Y 1 A GLU 3   ? A GLU 3   
4 1 Y 1 A GLU 4   ? A GLU 4   
5 1 Y 1 A GLU 5   ? A GLU 5   
6 1 Y 1 A VAL 6   ? A VAL 6   
7 1 Y 1 A SER 7   ? A SER 7   
8 1 Y 1 A LEU 220 ? A LEU 220 
# 
loop_
_chem_comp_atom.comp_id 
_chem_comp_atom.atom_id 
_chem_comp_atom.type_symbol 
_chem_comp_atom.pdbx_aromatic_flag 
_chem_comp_atom.pdbx_stereo_config 
_chem_comp_atom.pdbx_ordinal 
ALA N    N N N 1   
ALA CA   C N S 2   
ALA C    C N N 3   
ALA O    O N N 4   
ALA CB   C N N 5   
ALA OXT  O N N 6   
ALA H    H N N 7   
ALA H2   H N N 8   
ALA HA   H N N 9   
ALA HB1  H N N 10  
ALA HB2  H N N 11  
ALA HB3  H N N 12  
ALA HXT  H N N 13  
ARG N    N N N 14  
ARG CA   C N S 15  
ARG C    C N N 16  
ARG O    O N N 17  
ARG CB   C N N 18  
ARG CG   C N N 19  
ARG CD   C N N 20  
ARG NE   N N N 21  
ARG CZ   C N N 22  
ARG NH1  N N N 23  
ARG NH2  N N N 24  
ARG OXT  O N N 25  
ARG H    H N N 26  
ARG H2   H N N 27  
ARG HA   H N N 28  
ARG HB2  H N N 29  
ARG HB3  H N N 30  
ARG HG2  H N N 31  
ARG HG3  H N N 32  
ARG HD2  H N N 33  
ARG HD3  H N N 34  
ARG HE   H N N 35  
ARG HH11 H N N 36  
ARG HH12 H N N 37  
ARG HH21 H N N 38  
ARG HH22 H N N 39  
ARG HXT  H N N 40  
ASN N    N N N 41  
ASN CA   C N S 42  
ASN C    C N N 43  
ASN O    O N N 44  
ASN CB   C N N 45  
ASN CG   C N N 46  
ASN OD1  O N N 47  
ASN ND2  N N N 48  
ASN OXT  O N N 49  
ASN H    H N N 50  
ASN H2   H N N 51  
ASN HA   H N N 52  
ASN HB2  H N N 53  
ASN HB3  H N N 54  
ASN HD21 H N N 55  
ASN HD22 H N N 56  
ASN HXT  H N N 57  
ASP N    N N N 58  
ASP CA   C N S 59  
ASP C    C N N 60  
ASP O    O N N 61  
ASP CB   C N N 62  
ASP CG   C N N 63  
ASP OD1  O N N 64  
ASP OD2  O N N 65  
ASP OXT  O N N 66  
ASP H    H N N 67  
ASP H2   H N N 68  
ASP HA   H N N 69  
ASP HB2  H N N 70  
ASP HB3  H N N 71  
ASP HD2  H N N 72  
ASP HXT  H N N 73  
GLN N    N N N 74  
GLN CA   C N S 75  
GLN C    C N N 76  
GLN O    O N N 77  
GLN CB   C N N 78  
GLN CG   C N N 79  
GLN CD   C N N 80  
GLN OE1  O N N 81  
GLN NE2  N N N 82  
GLN OXT  O N N 83  
GLN H    H N N 84  
GLN H2   H N N 85  
GLN HA   H N N 86  
GLN HB2  H N N 87  
GLN HB3  H N N 88  
GLN HG2  H N N 89  
GLN HG3  H N N 90  
GLN HE21 H N N 91  
GLN HE22 H N N 92  
GLN HXT  H N N 93  
GLU N    N N N 94  
GLU CA   C N S 95  
GLU C    C N N 96  
GLU O    O N N 97  
GLU CB   C N N 98  
GLU CG   C N N 99  
GLU CD   C N N 100 
GLU OE1  O N N 101 
GLU OE2  O N N 102 
GLU OXT  O N N 103 
GLU H    H N N 104 
GLU H2   H N N 105 
GLU HA   H N N 106 
GLU HB2  H N N 107 
GLU HB3  H N N 108 
GLU HG2  H N N 109 
GLU HG3  H N N 110 
GLU HE2  H N N 111 
GLU HXT  H N N 112 
GLY N    N N N 113 
GLY CA   C N N 114 
GLY C    C N N 115 
GLY O    O N N 116 
GLY OXT  O N N 117 
GLY H    H N N 118 
GLY H2   H N N 119 
GLY HA2  H N N 120 
GLY HA3  H N N 121 
GLY HXT  H N N 122 
GOL C1   C N N 123 
GOL O1   O N N 124 
GOL C2   C N N 125 
GOL O2   O N N 126 
GOL C3   C N N 127 
GOL O3   O N N 128 
GOL H11  H N N 129 
GOL H12  H N N 130 
GOL HO1  H N N 131 
GOL H2   H N N 132 
GOL HO2  H N N 133 
GOL H31  H N N 134 
GOL H32  H N N 135 
GOL HO3  H N N 136 
HIS N    N N N 137 
HIS CA   C N S 138 
HIS C    C N N 139 
HIS O    O N N 140 
HIS CB   C N N 141 
HIS CG   C Y N 142 
HIS ND1  N Y N 143 
HIS CD2  C Y N 144 
HIS CE1  C Y N 145 
HIS NE2  N Y N 146 
HIS OXT  O N N 147 
HIS H    H N N 148 
HIS H2   H N N 149 
HIS HA   H N N 150 
HIS HB2  H N N 151 
HIS HB3  H N N 152 
HIS HD1  H N N 153 
HIS HD2  H N N 154 
HIS HE1  H N N 155 
HIS HE2  H N N 156 
HIS HXT  H N N 157 
HOH O    O N N 158 
HOH H1   H N N 159 
HOH H2   H N N 160 
ILE N    N N N 161 
ILE CA   C N S 162 
ILE C    C N N 163 
ILE O    O N N 164 
ILE CB   C N S 165 
ILE CG1  C N N 166 
ILE CG2  C N N 167 
ILE CD1  C N N 168 
ILE OXT  O N N 169 
ILE H    H N N 170 
ILE H2   H N N 171 
ILE HA   H N N 172 
ILE HB   H N N 173 
ILE HG12 H N N 174 
ILE HG13 H N N 175 
ILE HG21 H N N 176 
ILE HG22 H N N 177 
ILE HG23 H N N 178 
ILE HD11 H N N 179 
ILE HD12 H N N 180 
ILE HD13 H N N 181 
ILE HXT  H N N 182 
LEU N    N N N 183 
LEU CA   C N S 184 
LEU C    C N N 185 
LEU O    O N N 186 
LEU CB   C N N 187 
LEU CG   C N N 188 
LEU CD1  C N N 189 
LEU CD2  C N N 190 
LEU OXT  O N N 191 
LEU H    H N N 192 
LEU H2   H N N 193 
LEU HA   H N N 194 
LEU HB2  H N N 195 
LEU HB3  H N N 196 
LEU HG   H N N 197 
LEU HD11 H N N 198 
LEU HD12 H N N 199 
LEU HD13 H N N 200 
LEU HD21 H N N 201 
LEU HD22 H N N 202 
LEU HD23 H N N 203 
LEU HXT  H N N 204 
LYS N    N N N 205 
LYS CA   C N S 206 
LYS C    C N N 207 
LYS O    O N N 208 
LYS CB   C N N 209 
LYS CG   C N N 210 
LYS CD   C N N 211 
LYS CE   C N N 212 
LYS NZ   N N N 213 
LYS OXT  O N N 214 
LYS H    H N N 215 
LYS H2   H N N 216 
LYS HA   H N N 217 
LYS HB2  H N N 218 
LYS HB3  H N N 219 
LYS HG2  H N N 220 
LYS HG3  H N N 221 
LYS HD2  H N N 222 
LYS HD3  H N N 223 
LYS HE2  H N N 224 
LYS HE3  H N N 225 
LYS HZ1  H N N 226 
LYS HZ2  H N N 227 
LYS HZ3  H N N 228 
LYS HXT  H N N 229 
MET N    N N N 230 
MET CA   C N S 231 
MET C    C N N 232 
MET O    O N N 233 
MET CB   C N N 234 
MET CG   C N N 235 
MET SD   S N N 236 
MET CE   C N N 237 
MET OXT  O N N 238 
MET H    H N N 239 
MET H2   H N N 240 
MET HA   H N N 241 
MET HB2  H N N 242 
MET HB3  H N N 243 
MET HG2  H N N 244 
MET HG3  H N N 245 
MET HE1  H N N 246 
MET HE2  H N N 247 
MET HE3  H N N 248 
MET HXT  H N N 249 
PHE N    N N N 250 
PHE CA   C N S 251 
PHE C    C N N 252 
PHE O    O N N 253 
PHE CB   C N N 254 
PHE CG   C Y N 255 
PHE CD1  C Y N 256 
PHE CD2  C Y N 257 
PHE CE1  C Y N 258 
PHE CE2  C Y N 259 
PHE CZ   C Y N 260 
PHE OXT  O N N 261 
PHE H    H N N 262 
PHE H2   H N N 263 
PHE HA   H N N 264 
PHE HB2  H N N 265 
PHE HB3  H N N 266 
PHE HD1  H N N 267 
PHE HD2  H N N 268 
PHE HE1  H N N 269 
PHE HE2  H N N 270 
PHE HZ   H N N 271 
PHE HXT  H N N 272 
PRO N    N N N 273 
PRO CA   C N S 274 
PRO C    C N N 275 
PRO O    O N N 276 
PRO CB   C N N 277 
PRO CG   C N N 278 
PRO CD   C N N 279 
PRO OXT  O N N 280 
PRO H    H N N 281 
PRO HA   H N N 282 
PRO HB2  H N N 283 
PRO HB3  H N N 284 
PRO HG2  H N N 285 
PRO HG3  H N N 286 
PRO HD2  H N N 287 
PRO HD3  H N N 288 
PRO HXT  H N N 289 
SER N    N N N 290 
SER CA   C N S 291 
SER C    C N N 292 
SER O    O N N 293 
SER CB   C N N 294 
SER OG   O N N 295 
SER OXT  O N N 296 
SER H    H N N 297 
SER H2   H N N 298 
SER HA   H N N 299 
SER HB2  H N N 300 
SER HB3  H N N 301 
SER HG   H N N 302 
SER HXT  H N N 303 
THR N    N N N 304 
THR CA   C N S 305 
THR C    C N N 306 
THR O    O N N 307 
THR CB   C N R 308 
THR OG1  O N N 309 
THR CG2  C N N 310 
THR OXT  O N N 311 
THR H    H N N 312 
THR H2   H N N 313 
THR HA   H N N 314 
THR HB   H N N 315 
THR HG1  H N N 316 
THR HG21 H N N 317 
THR HG22 H N N 318 
THR HG23 H N N 319 
THR HXT  H N N 320 
TRP N    N N N 321 
TRP CA   C N S 322 
TRP C    C N N 323 
TRP O    O N N 324 
TRP CB   C N N 325 
TRP CG   C Y N 326 
TRP CD1  C Y N 327 
TRP CD2  C Y N 328 
TRP NE1  N Y N 329 
TRP CE2  C Y N 330 
TRP CE3  C Y N 331 
TRP CZ2  C Y N 332 
TRP CZ3  C Y N 333 
TRP CH2  C Y N 334 
TRP OXT  O N N 335 
TRP H    H N N 336 
TRP H2   H N N 337 
TRP HA   H N N 338 
TRP HB2  H N N 339 
TRP HB3  H N N 340 
TRP HD1  H N N 341 
TRP HE1  H N N 342 
TRP HE3  H N N 343 
TRP HZ2  H N N 344 
TRP HZ3  H N N 345 
TRP HH2  H N N 346 
TRP HXT  H N N 347 
TYR N    N N N 348 
TYR CA   C N S 349 
TYR C    C N N 350 
TYR O    O N N 351 
TYR CB   C N N 352 
TYR CG   C Y N 353 
TYR CD1  C Y N 354 
TYR CD2  C Y N 355 
TYR CE1  C Y N 356 
TYR CE2  C Y N 357 
TYR CZ   C Y N 358 
TYR OH   O N N 359 
TYR OXT  O N N 360 
TYR H    H N N 361 
TYR H2   H N N 362 
TYR HA   H N N 363 
TYR HB2  H N N 364 
TYR HB3  H N N 365 
TYR HD1  H N N 366 
TYR HD2  H N N 367 
TYR HE1  H N N 368 
TYR HE2  H N N 369 
TYR HH   H N N 370 
TYR HXT  H N N 371 
VAL N    N N N 372 
VAL CA   C N S 373 
VAL C    C N N 374 
VAL O    O N N 375 
VAL CB   C N N 376 
VAL CG1  C N N 377 
VAL CG2  C N N 378 
VAL OXT  O N N 379 
VAL H    H N N 380 
VAL H2   H N N 381 
VAL HA   H N N 382 
VAL HB   H N N 383 
VAL HG11 H N N 384 
VAL HG12 H N N 385 
VAL HG13 H N N 386 
VAL HG21 H N N 387 
VAL HG22 H N N 388 
VAL HG23 H N N 389 
VAL HXT  H N N 390 
# 
loop_
_chem_comp_bond.comp_id 
_chem_comp_bond.atom_id_1 
_chem_comp_bond.atom_id_2 
_chem_comp_bond.value_order 
_chem_comp_bond.pdbx_aromatic_flag 
_chem_comp_bond.pdbx_stereo_config 
_chem_comp_bond.pdbx_ordinal 
ALA N   CA   sing N N 1   
ALA N   H    sing N N 2   
ALA N   H2   sing N N 3   
ALA CA  C    sing N N 4   
ALA CA  CB   sing N N 5   
ALA CA  HA   sing N N 6   
ALA C   O    doub N N 7   
ALA C   OXT  sing N N 8   
ALA CB  HB1  sing N N 9   
ALA CB  HB2  sing N N 10  
ALA CB  HB3  sing N N 11  
ALA OXT HXT  sing N N 12  
ARG N   CA   sing N N 13  
ARG N   H    sing N N 14  
ARG N   H2   sing N N 15  
ARG CA  C    sing N N 16  
ARG CA  CB   sing N N 17  
ARG CA  HA   sing N N 18  
ARG C   O    doub N N 19  
ARG C   OXT  sing N N 20  
ARG CB  CG   sing N N 21  
ARG CB  HB2  sing N N 22  
ARG CB  HB3  sing N N 23  
ARG CG  CD   sing N N 24  
ARG CG  HG2  sing N N 25  
ARG CG  HG3  sing N N 26  
ARG CD  NE   sing N N 27  
ARG CD  HD2  sing N N 28  
ARG CD  HD3  sing N N 29  
ARG NE  CZ   sing N N 30  
ARG NE  HE   sing N N 31  
ARG CZ  NH1  sing N N 32  
ARG CZ  NH2  doub N N 33  
ARG NH1 HH11 sing N N 34  
ARG NH1 HH12 sing N N 35  
ARG NH2 HH21 sing N N 36  
ARG NH2 HH22 sing N N 37  
ARG OXT HXT  sing N N 38  
ASN N   CA   sing N N 39  
ASN N   H    sing N N 40  
ASN N   H2   sing N N 41  
ASN CA  C    sing N N 42  
ASN CA  CB   sing N N 43  
ASN CA  HA   sing N N 44  
ASN C   O    doub N N 45  
ASN C   OXT  sing N N 46  
ASN CB  CG   sing N N 47  
ASN CB  HB2  sing N N 48  
ASN CB  HB3  sing N N 49  
ASN CG  OD1  doub N N 50  
ASN CG  ND2  sing N N 51  
ASN ND2 HD21 sing N N 52  
ASN ND2 HD22 sing N N 53  
ASN OXT HXT  sing N N 54  
ASP N   CA   sing N N 55  
ASP N   H    sing N N 56  
ASP N   H2   sing N N 57  
ASP CA  C    sing N N 58  
ASP CA  CB   sing N N 59  
ASP CA  HA   sing N N 60  
ASP C   O    doub N N 61  
ASP C   OXT  sing N N 62  
ASP CB  CG   sing N N 63  
ASP CB  HB2  sing N N 64  
ASP CB  HB3  sing N N 65  
ASP CG  OD1  doub N N 66  
ASP CG  OD2  sing N N 67  
ASP OD2 HD2  sing N N 68  
ASP OXT HXT  sing N N 69  
GLN N   CA   sing N N 70  
GLN N   H    sing N N 71  
GLN N   H2   sing N N 72  
GLN CA  C    sing N N 73  
GLN CA  CB   sing N N 74  
GLN CA  HA   sing N N 75  
GLN C   O    doub N N 76  
GLN C   OXT  sing N N 77  
GLN CB  CG   sing N N 78  
GLN CB  HB2  sing N N 79  
GLN CB  HB3  sing N N 80  
GLN CG  CD   sing N N 81  
GLN CG  HG2  sing N N 82  
GLN CG  HG3  sing N N 83  
GLN CD  OE1  doub N N 84  
GLN CD  NE2  sing N N 85  
GLN NE2 HE21 sing N N 86  
GLN NE2 HE22 sing N N 87  
GLN OXT HXT  sing N N 88  
GLU N   CA   sing N N 89  
GLU N   H    sing N N 90  
GLU N   H2   sing N N 91  
GLU CA  C    sing N N 92  
GLU CA  CB   sing N N 93  
GLU CA  HA   sing N N 94  
GLU C   O    doub N N 95  
GLU C   OXT  sing N N 96  
GLU CB  CG   sing N N 97  
GLU CB  HB2  sing N N 98  
GLU CB  HB3  sing N N 99  
GLU CG  CD   sing N N 100 
GLU CG  HG2  sing N N 101 
GLU CG  HG3  sing N N 102 
GLU CD  OE1  doub N N 103 
GLU CD  OE2  sing N N 104 
GLU OE2 HE2  sing N N 105 
GLU OXT HXT  sing N N 106 
GLY N   CA   sing N N 107 
GLY N   H    sing N N 108 
GLY N   H2   sing N N 109 
GLY CA  C    sing N N 110 
GLY CA  HA2  sing N N 111 
GLY CA  HA3  sing N N 112 
GLY C   O    doub N N 113 
GLY C   OXT  sing N N 114 
GLY OXT HXT  sing N N 115 
GOL C1  O1   sing N N 116 
GOL C1  C2   sing N N 117 
GOL C1  H11  sing N N 118 
GOL C1  H12  sing N N 119 
GOL O1  HO1  sing N N 120 
GOL C2  O2   sing N N 121 
GOL C2  C3   sing N N 122 
GOL C2  H2   sing N N 123 
GOL O2  HO2  sing N N 124 
GOL C3  O3   sing N N 125 
GOL C3  H31  sing N N 126 
GOL C3  H32  sing N N 127 
GOL O3  HO3  sing N N 128 
HIS N   CA   sing N N 129 
HIS N   H    sing N N 130 
HIS N   H2   sing N N 131 
HIS CA  C    sing N N 132 
HIS CA  CB   sing N N 133 
HIS CA  HA   sing N N 134 
HIS C   O    doub N N 135 
HIS C   OXT  sing N N 136 
HIS CB  CG   sing N N 137 
HIS CB  HB2  sing N N 138 
HIS CB  HB3  sing N N 139 
HIS CG  ND1  sing Y N 140 
HIS CG  CD2  doub Y N 141 
HIS ND1 CE1  doub Y N 142 
HIS ND1 HD1  sing N N 143 
HIS CD2 NE2  sing Y N 144 
HIS CD2 HD2  sing N N 145 
HIS CE1 NE2  sing Y N 146 
HIS CE1 HE1  sing N N 147 
HIS NE2 HE2  sing N N 148 
HIS OXT HXT  sing N N 149 
HOH O   H1   sing N N 150 
HOH O   H2   sing N N 151 
ILE N   CA   sing N N 152 
ILE N   H    sing N N 153 
ILE N   H2   sing N N 154 
ILE CA  C    sing N N 155 
ILE CA  CB   sing N N 156 
ILE CA  HA   sing N N 157 
ILE C   O    doub N N 158 
ILE C   OXT  sing N N 159 
ILE CB  CG1  sing N N 160 
ILE CB  CG2  sing N N 161 
ILE CB  HB   sing N N 162 
ILE CG1 CD1  sing N N 163 
ILE CG1 HG12 sing N N 164 
ILE CG1 HG13 sing N N 165 
ILE CG2 HG21 sing N N 166 
ILE CG2 HG22 sing N N 167 
ILE CG2 HG23 sing N N 168 
ILE CD1 HD11 sing N N 169 
ILE CD1 HD12 sing N N 170 
ILE CD1 HD13 sing N N 171 
ILE OXT HXT  sing N N 172 
LEU N   CA   sing N N 173 
LEU N   H    sing N N 174 
LEU N   H2   sing N N 175 
LEU CA  C    sing N N 176 
LEU CA  CB   sing N N 177 
LEU CA  HA   sing N N 178 
LEU C   O    doub N N 179 
LEU C   OXT  sing N N 180 
LEU CB  CG   sing N N 181 
LEU CB  HB2  sing N N 182 
LEU CB  HB3  sing N N 183 
LEU CG  CD1  sing N N 184 
LEU CG  CD2  sing N N 185 
LEU CG  HG   sing N N 186 
LEU CD1 HD11 sing N N 187 
LEU CD1 HD12 sing N N 188 
LEU CD1 HD13 sing N N 189 
LEU CD2 HD21 sing N N 190 
LEU CD2 HD22 sing N N 191 
LEU CD2 HD23 sing N N 192 
LEU OXT HXT  sing N N 193 
LYS N   CA   sing N N 194 
LYS N   H    sing N N 195 
LYS N   H2   sing N N 196 
LYS CA  C    sing N N 197 
LYS CA  CB   sing N N 198 
LYS CA  HA   sing N N 199 
LYS C   O    doub N N 200 
LYS C   OXT  sing N N 201 
LYS CB  CG   sing N N 202 
LYS CB  HB2  sing N N 203 
LYS CB  HB3  sing N N 204 
LYS CG  CD   sing N N 205 
LYS CG  HG2  sing N N 206 
LYS CG  HG3  sing N N 207 
LYS CD  CE   sing N N 208 
LYS CD  HD2  sing N N 209 
LYS CD  HD3  sing N N 210 
LYS CE  NZ   sing N N 211 
LYS CE  HE2  sing N N 212 
LYS CE  HE3  sing N N 213 
LYS NZ  HZ1  sing N N 214 
LYS NZ  HZ2  sing N N 215 
LYS NZ  HZ3  sing N N 216 
LYS OXT HXT  sing N N 217 
MET N   CA   sing N N 218 
MET N   H    sing N N 219 
MET N   H2   sing N N 220 
MET CA  C    sing N N 221 
MET CA  CB   sing N N 222 
MET CA  HA   sing N N 223 
MET C   O    doub N N 224 
MET C   OXT  sing N N 225 
MET CB  CG   sing N N 226 
MET CB  HB2  sing N N 227 
MET CB  HB3  sing N N 228 
MET CG  SD   sing N N 229 
MET CG  HG2  sing N N 230 
MET CG  HG3  sing N N 231 
MET SD  CE   sing N N 232 
MET CE  HE1  sing N N 233 
MET CE  HE2  sing N N 234 
MET CE  HE3  sing N N 235 
MET OXT HXT  sing N N 236 
PHE N   CA   sing N N 237 
PHE N   H    sing N N 238 
PHE N   H2   sing N N 239 
PHE CA  C    sing N N 240 
PHE CA  CB   sing N N 241 
PHE CA  HA   sing N N 242 
PHE C   O    doub N N 243 
PHE C   OXT  sing N N 244 
PHE CB  CG   sing N N 245 
PHE CB  HB2  sing N N 246 
PHE CB  HB3  sing N N 247 
PHE CG  CD1  doub Y N 248 
PHE CG  CD2  sing Y N 249 
PHE CD1 CE1  sing Y N 250 
PHE CD1 HD1  sing N N 251 
PHE CD2 CE2  doub Y N 252 
PHE CD2 HD2  sing N N 253 
PHE CE1 CZ   doub Y N 254 
PHE CE1 HE1  sing N N 255 
PHE CE2 CZ   sing Y N 256 
PHE CE2 HE2  sing N N 257 
PHE CZ  HZ   sing N N 258 
PHE OXT HXT  sing N N 259 
PRO N   CA   sing N N 260 
PRO N   CD   sing N N 261 
PRO N   H    sing N N 262 
PRO CA  C    sing N N 263 
PRO CA  CB   sing N N 264 
PRO CA  HA   sing N N 265 
PRO C   O    doub N N 266 
PRO C   OXT  sing N N 267 
PRO CB  CG   sing N N 268 
PRO CB  HB2  sing N N 269 
PRO CB  HB3  sing N N 270 
PRO CG  CD   sing N N 271 
PRO CG  HG2  sing N N 272 
PRO CG  HG3  sing N N 273 
PRO CD  HD2  sing N N 274 
PRO CD  HD3  sing N N 275 
PRO OXT HXT  sing N N 276 
SER N   CA   sing N N 277 
SER N   H    sing N N 278 
SER N   H2   sing N N 279 
SER CA  C    sing N N 280 
SER CA  CB   sing N N 281 
SER CA  HA   sing N N 282 
SER C   O    doub N N 283 
SER C   OXT  sing N N 284 
SER CB  OG   sing N N 285 
SER CB  HB2  sing N N 286 
SER CB  HB3  sing N N 287 
SER OG  HG   sing N N 288 
SER OXT HXT  sing N N 289 
THR N   CA   sing N N 290 
THR N   H    sing N N 291 
THR N   H2   sing N N 292 
THR CA  C    sing N N 293 
THR CA  CB   sing N N 294 
THR CA  HA   sing N N 295 
THR C   O    doub N N 296 
THR C   OXT  sing N N 297 
THR CB  OG1  sing N N 298 
THR CB  CG2  sing N N 299 
THR CB  HB   sing N N 300 
THR OG1 HG1  sing N N 301 
THR CG2 HG21 sing N N 302 
THR CG2 HG22 sing N N 303 
THR CG2 HG23 sing N N 304 
THR OXT HXT  sing N N 305 
TRP N   CA   sing N N 306 
TRP N   H    sing N N 307 
TRP N   H2   sing N N 308 
TRP CA  C    sing N N 309 
TRP CA  CB   sing N N 310 
TRP CA  HA   sing N N 311 
TRP C   O    doub N N 312 
TRP C   OXT  sing N N 313 
TRP CB  CG   sing N N 314 
TRP CB  HB2  sing N N 315 
TRP CB  HB3  sing N N 316 
TRP CG  CD1  doub Y N 317 
TRP CG  CD2  sing Y N 318 
TRP CD1 NE1  sing Y N 319 
TRP CD1 HD1  sing N N 320 
TRP CD2 CE2  doub Y N 321 
TRP CD2 CE3  sing Y N 322 
TRP NE1 CE2  sing Y N 323 
TRP NE1 HE1  sing N N 324 
TRP CE2 CZ2  sing Y N 325 
TRP CE3 CZ3  doub Y N 326 
TRP CE3 HE3  sing N N 327 
TRP CZ2 CH2  doub Y N 328 
TRP CZ2 HZ2  sing N N 329 
TRP CZ3 CH2  sing Y N 330 
TRP CZ3 HZ3  sing N N 331 
TRP CH2 HH2  sing N N 332 
TRP OXT HXT  sing N N 333 
TYR N   CA   sing N N 334 
TYR N   H    sing N N 335 
TYR N   H2   sing N N 336 
TYR CA  C    sing N N 337 
TYR CA  CB   sing N N 338 
TYR CA  HA   sing N N 339 
TYR C   O    doub N N 340 
TYR C   OXT  sing N N 341 
TYR CB  CG   sing N N 342 
TYR CB  HB2  sing N N 343 
TYR CB  HB3  sing N N 344 
TYR CG  CD1  doub Y N 345 
TYR CG  CD2  sing Y N 346 
TYR CD1 CE1  sing Y N 347 
TYR CD1 HD1  sing N N 348 
TYR CD2 CE2  doub Y N 349 
TYR CD2 HD2  sing N N 350 
TYR CE1 CZ   doub Y N 351 
TYR CE1 HE1  sing N N 352 
TYR CE2 CZ   sing Y N 353 
TYR CE2 HE2  sing N N 354 
TYR CZ  OH   sing N N 355 
TYR OH  HH   sing N N 356 
TYR OXT HXT  sing N N 357 
VAL N   CA   sing N N 358 
VAL N   H    sing N N 359 
VAL N   H2   sing N N 360 
VAL CA  C    sing N N 361 
VAL CA  CB   sing N N 362 
VAL CA  HA   sing N N 363 
VAL C   O    doub N N 364 
VAL C   OXT  sing N N 365 
VAL CB  CG1  sing N N 366 
VAL CB  CG2  sing N N 367 
VAL CB  HB   sing N N 368 
VAL CG1 HG11 sing N N 369 
VAL CG1 HG12 sing N N 370 
VAL CG1 HG13 sing N N 371 
VAL CG2 HG21 sing N N 372 
VAL CG2 HG22 sing N N 373 
VAL CG2 HG23 sing N N 374 
VAL OXT HXT  sing N N 375 
# 
_atom_sites.entry_id                    3WYZ 
_atom_sites.fract_transf_matrix[1][1]   -0.02414333 
_atom_sites.fract_transf_matrix[1][2]   -0.00908417 
_atom_sites.fract_transf_matrix[1][3]   0.00429089 
_atom_sites.fract_transf_matrix[2][1]   -0.00076323 
_atom_sites.fract_transf_matrix[2][2]   -0.00556497 
_atom_sites.fract_transf_matrix[2][3]   -0.01607593 
_atom_sites.fract_transf_matrix[3][1]   0.00118998 
_atom_sites.fract_transf_matrix[3][2]   -0.02317715 
_atom_sites.fract_transf_matrix[3][3]   0.00796669 
_atom_sites.fract_transf_vector[1]      0.145732 
_atom_sites.fract_transf_vector[2]      -0.009026 
_atom_sites.fract_transf_vector[3]      0.140324 
# 
loop_
_atom_type.symbol 
C 
N 
O 
S 
# 
loop_
_atom_site.group_PDB 
_atom_site.id 
_atom_site.type_symbol 
_atom_site.label_atom_id 
_atom_site.label_alt_id 
_atom_site.label_comp_id 
_atom_site.label_asym_id 
_atom_site.label_entity_id 
_atom_site.label_seq_id 
_atom_site.pdbx_PDB_ins_code 
_atom_site.Cartn_x 
_atom_site.Cartn_y 
_atom_site.Cartn_z 
_atom_site.occupancy 
_atom_site.B_iso_or_equiv 
_atom_site.pdbx_formal_charge 
_atom_site.auth_seq_id 
_atom_site.auth_comp_id 
_atom_site.auth_asym_id 
_atom_site.auth_atom_id 
_atom_site.pdbx_PDB_model_num 
ATOM   1    N N   . PHE A 1 8   ? 8.728   22.931  0.970   1.00 97.77  ? 8   PHE A N   1 
ATOM   2    C CA  . PHE A 1 8   ? 9.466   21.663  0.702   1.00 99.11  ? 8   PHE A CA  1 
ATOM   3    C C   . PHE A 1 8   ? 9.578   21.403  -0.792  1.00 99.76  ? 8   PHE A C   1 
ATOM   4    O O   . PHE A 1 8   ? 8.831   21.971  -1.586  1.00 101.98 ? 8   PHE A O   1 
ATOM   5    C CB  . PHE A 1 8   ? 8.766   20.478  1.363   1.00 101.38 ? 8   PHE A CB  1 
ATOM   6    C CG  . PHE A 1 8   ? 9.552   19.203  1.290   1.00 104.50 ? 8   PHE A CG  1 
ATOM   7    C CD1 . PHE A 1 8   ? 10.566  18.945  2.202   1.00 104.73 ? 8   PHE A CD1 1 
ATOM   8    C CD2 . PHE A 1 8   ? 9.308   18.277  0.286   1.00 106.78 ? 8   PHE A CD2 1 
ATOM   9    C CE1 . PHE A 1 8   ? 11.307  17.775  2.132   1.00 104.76 ? 8   PHE A CE1 1 
ATOM   10   C CE2 . PHE A 1 8   ? 10.044  17.104  0.210   1.00 107.60 ? 8   PHE A CE2 1 
ATOM   11   C CZ  . PHE A 1 8   ? 11.044  16.851  1.136   1.00 105.40 ? 8   PHE A CZ  1 
ATOM   12   N N   . SER A 1 9   ? 10.518  20.542  -1.166  1.00 97.37  ? 9   SER A N   1 
ATOM   13   C CA  . SER A 1 9   ? 10.682  20.135  -2.556  1.00 94.42  ? 9   SER A CA  1 
ATOM   14   C C   . SER A 1 9   ? 9.328   19.823  -3.206  1.00 91.30  ? 9   SER A C   1 
ATOM   15   O O   . SER A 1 9   ? 8.443   19.213  -2.592  1.00 87.88  ? 9   SER A O   1 
ATOM   16   C CB  . SER A 1 9   ? 11.618  18.921  -2.662  1.00 94.91  ? 9   SER A CB  1 
ATOM   17   O OG  . SER A 1 9   ? 12.399  18.964  -3.848  1.00 92.87  ? 9   SER A OG  1 
ATOM   18   N N   . ARG A 1 10  ? 9.181   20.267  -4.450  1.00 88.16  ? 10  ARG A N   1 
ATOM   19   C CA  . ARG A 1 10  ? 7.967   20.042  -5.223  1.00 85.38  ? 10  ARG A CA  1 
ATOM   20   C C   . ARG A 1 10  ? 8.057   18.721  -5.994  1.00 79.37  ? 10  ARG A C   1 
ATOM   21   O O   . ARG A 1 10  ? 7.067   18.014  -6.145  1.00 78.57  ? 10  ARG A O   1 
ATOM   22   C CB  . ARG A 1 10  ? 7.738   21.211  -6.187  1.00 86.63  ? 10  ARG A CB  1 
ATOM   23   C CG  . ARG A 1 10  ? 6.352   21.825  -6.078  1.00 90.21  ? 10  ARG A CG  1 
ATOM   24   C CD  . ARG A 1 10  ? 6.225   23.087  -6.921  1.00 92.42  ? 10  ARG A CD  1 
ATOM   25   N NE  . ARG A 1 10  ? 5.846   22.787  -8.299  1.00 93.41  ? 10  ARG A NE  1 
ATOM   26   C CZ  . ARG A 1 10  ? 4.646   22.346  -8.670  1.00 91.67  ? 10  ARG A CZ  1 
ATOM   27   N NH1 . ARG A 1 10  ? 4.398   22.099  -9.953  1.00 90.47  ? 10  ARG A NH1 1 
ATOM   28   N NH2 . ARG A 1 10  ? 3.688   22.141  -7.767  1.00 90.24  ? 10  ARG A NH2 1 
ATOM   29   N N   . ASP A 1 11  ? 9.247   18.385  -6.475  1.00 72.48  ? 11  ASP A N   1 
ATOM   30   C CA  . ASP A 1 11  ? 9.422   17.170  -7.263  1.00 71.73  ? 11  ASP A CA  1 
ATOM   31   C C   . ASP A 1 11  ? 10.101  16.066  -6.469  1.00 65.21  ? 11  ASP A C   1 
ATOM   32   O O   . ASP A 1 11  ? 11.112  15.523  -6.892  1.00 66.86  ? 11  ASP A O   1 
ATOM   33   C CB  . ASP A 1 11  ? 10.210  17.477  -8.539  1.00 73.50  ? 11  ASP A CB  1 
ATOM   34   C CG  . ASP A 1 11  ? 9.414   18.302  -9.528  1.00 75.86  ? 11  ASP A CG  1 
ATOM   35   O OD1 . ASP A 1 11  ? 8.195   18.482  -9.311  1.00 76.46  ? 11  ASP A OD1 1 
ATOM   36   O OD2 . ASP A 1 11  ? 10.008  18.768  -10.526 1.00 77.74  ? 11  ASP A OD2 1 
ATOM   37   N N   . TYR A 1 12  ? 9.527   15.726  -5.321  1.00 58.29  ? 12  TYR A N   1 
ATOM   38   C CA  . TYR A 1 12  ? 10.055  14.663  -4.478  1.00 54.27  ? 12  TYR A CA  1 
ATOM   39   C C   . TYR A 1 12  ? 9.083   13.482  -4.510  1.00 52.95  ? 12  TYR A C   1 
ATOM   40   O O   . TYR A 1 12  ? 7.892   13.658  -4.266  1.00 55.32  ? 12  TYR A O   1 
ATOM   41   C CB  . TYR A 1 12  ? 10.245  15.175  -3.051  1.00 53.92  ? 12  TYR A CB  1 
ATOM   42   C CG  . TYR A 1 12  ? 11.022  14.229  -2.169  1.00 54.26  ? 12  TYR A CG  1 
ATOM   43   C CD1 . TYR A 1 12  ? 10.370  13.227  -1.442  1.00 55.11  ? 12  TYR A CD1 1 
ATOM   44   C CD2 . TYR A 1 12  ? 12.409  14.321  -2.064  1.00 52.05  ? 12  TYR A CD2 1 
ATOM   45   C CE1 . TYR A 1 12  ? 11.080  12.347  -0.636  1.00 52.92  ? 12  TYR A CE1 1 
ATOM   46   C CE2 . TYR A 1 12  ? 13.124  13.445  -1.262  1.00 52.46  ? 12  TYR A CE2 1 
ATOM   47   C CZ  . TYR A 1 12  ? 12.455  12.461  -0.553  1.00 52.82  ? 12  TYR A CZ  1 
ATOM   48   O OH  . TYR A 1 12  ? 13.157  11.588  0.238   1.00 51.52  ? 12  TYR A OH  1 
ATOM   49   N N   . PHE A 1 13  ? 9.585   12.285  -4.804  1.00 49.27  ? 13  PHE A N   1 
ATOM   50   C CA  . PHE A 1 13  ? 8.722   11.117  -5.015  1.00 48.02  ? 13  PHE A CA  1 
ATOM   51   C C   . PHE A 1 13  ? 9.190   9.890   -4.237  1.00 44.21  ? 13  PHE A C   1 
ATOM   52   O O   . PHE A 1 13  ? 10.379  9.603   -4.193  1.00 42.68  ? 13  PHE A O   1 
ATOM   53   C CB  . PHE A 1 13  ? 8.656   10.785  -6.510  1.00 48.83  ? 13  PHE A CB  1 
ATOM   54   C CG  . PHE A 1 13  ? 8.203   11.939  -7.363  1.00 51.73  ? 13  PHE A CG  1 
ATOM   55   C CD1 . PHE A 1 13  ? 6.901   12.422  -7.268  1.00 53.57  ? 13  PHE A CD1 1 
ATOM   56   C CD2 . PHE A 1 13  ? 9.077   12.551  -8.253  1.00 52.13  ? 13  PHE A CD2 1 
ATOM   57   C CE1 . PHE A 1 13  ? 6.480   13.486  -8.045  1.00 53.57  ? 13  PHE A CE1 1 
ATOM   58   C CE2 . PHE A 1 13  ? 8.661   13.613  -9.038  1.00 52.87  ? 13  PHE A CE2 1 
ATOM   59   C CZ  . PHE A 1 13  ? 7.362   14.084  -8.930  1.00 53.92  ? 13  PHE A CZ  1 
ATOM   60   N N   . VAL A 1 14  ? 8.242   9.165   -3.642  1.00 41.81  ? 14  VAL A N   1 
ATOM   61   C CA  . VAL A 1 14  ? 8.537   7.975   -2.832  1.00 41.09  ? 14  VAL A CA  1 
ATOM   62   C C   . VAL A 1 14  ? 7.742   6.769   -3.341  1.00 39.01  ? 14  VAL A C   1 
ATOM   63   O O   . VAL A 1 14  ? 6.541   6.861   -3.554  1.00 38.46  ? 14  VAL A O   1 
ATOM   64   C CB  . VAL A 1 14  ? 8.191   8.204   -1.355  1.00 42.81  ? 14  VAL A CB  1 
ATOM   65   C CG1 . VAL A 1 14  ? 8.403   6.928   -0.541  1.00 43.57  ? 14  VAL A CG1 1 
ATOM   66   C CG2 . VAL A 1 14  ? 9.015   9.356   -0.788  1.00 44.77  ? 14  VAL A CG2 1 
ATOM   67   N N   . GLU A 1 15  ? 8.422   5.644   -3.538  1.00 38.51  ? 15  GLU A N   1 
ATOM   68   C CA  . GLU A 1 15  ? 7.758   4.397   -3.926  1.00 39.70  ? 15  GLU A CA  1 
ATOM   69   C C   . GLU A 1 15  ? 7.610   3.528   -2.682  1.00 37.32  ? 15  GLU A C   1 
ATOM   70   O O   . GLU A 1 15  ? 8.597   3.051   -2.140  1.00 35.95  ? 15  GLU A O   1 
ATOM   71   C CB  . GLU A 1 15  ? 8.563   3.690   -5.020  1.00 42.73  ? 15  GLU A CB  1 
ATOM   72   C CG  . GLU A 1 15  ? 8.090   2.294   -5.410  1.00 45.36  ? 15  GLU A CG  1 
ATOM   73   C CD  . GLU A 1 15  ? 6.588   2.179   -5.616  1.00 44.66  ? 15  GLU A CD  1 
ATOM   74   O OE1 . GLU A 1 15  ? 5.876   1.975   -4.620  1.00 39.86  ? 15  GLU A OE1 1 
ATOM   75   O OE2 . GLU A 1 15  ? 6.125   2.257   -6.776  1.00 48.55  ? 15  GLU A OE2 1 
ATOM   76   N N   . MET A 1 16  ? 6.366   3.343   -2.244  1.00 37.41  ? 16  MET A N   1 
ATOM   77   C CA  . MET A 1 16  ? 6.055   2.712   -0.963  1.00 37.42  ? 16  MET A CA  1 
ATOM   78   C C   . MET A 1 16  ? 6.022   1.191   -0.984  1.00 38.16  ? 16  MET A C   1 
ATOM   79   O O   . MET A 1 16  ? 6.061   0.571   0.071   1.00 36.70  ? 16  MET A O   1 
ATOM   80   C CB  . MET A 1 16  ? 4.702   3.205   -0.447  1.00 39.04  ? 16  MET A CB  1 
ATOM   81   C CG  . MET A 1 16  ? 4.678   4.659   -0.022  1.00 40.35  ? 16  MET A CG  1 
ATOM   82   S SD  . MET A 1 16  ? 5.778   4.980   1.358   1.00 43.13  ? 16  MET A SD  1 
ATOM   83   C CE  . MET A 1 16  ? 4.827   4.317   2.730   1.00 43.24  ? 16  MET A CE  1 
ATOM   84   N N   . ASP A 1 17  ? 5.957   0.587   -2.164  1.00 40.04  ? 17  ASP A N   1 
ATOM   85   C CA  . ASP A 1 17  ? 5.749   -0.852  -2.252  1.00 43.79  ? 17  ASP A CA  1 
ATOM   86   C C   . ASP A 1 17  ? 6.318   -1.440  -3.546  1.00 43.31  ? 17  ASP A C   1 
ATOM   87   O O   . ASP A 1 17  ? 5.704   -1.355  -4.602  1.00 42.58  ? 17  ASP A O   1 
ATOM   88   C CB  . ASP A 1 17  ? 4.244   -1.127  -2.126  1.00 47.61  ? 17  ASP A CB  1 
ATOM   89   C CG  . ASP A 1 17  ? 3.902   -2.599  -2.042  1.00 48.53  ? 17  ASP A CG  1 
ATOM   90   O OD1 . ASP A 1 17  ? 4.807   -3.418  -1.791  1.00 49.32  ? 17  ASP A OD1 1 
ATOM   91   O OD2 . ASP A 1 17  ? 2.700   -2.918  -2.217  1.00 46.05  ? 17  ASP A OD2 1 
ATOM   92   N N   . VAL A 1 18  ? 7.521   -2.001  -3.447  1.00 46.27  ? 18  VAL A N   1 
ATOM   93   C CA  . VAL A 1 18  ? 8.106   -2.832  -4.501  1.00 46.62  ? 18  VAL A CA  1 
ATOM   94   C C   . VAL A 1 18  ? 8.596   -4.128  -3.858  1.00 46.12  ? 18  VAL A C   1 
ATOM   95   O O   . VAL A 1 18  ? 9.129   -4.116  -2.751  1.00 46.08  ? 18  VAL A O   1 
ATOM   96   C CB  . VAL A 1 18  ? 9.260   -2.125  -5.247  1.00 48.99  ? 18  VAL A CB  1 
ATOM   97   C CG1 . VAL A 1 18  ? 8.732   -0.962  -6.061  1.00 51.09  ? 18  VAL A CG1 1 
ATOM   98   C CG2 . VAL A 1 18  ? 10.324  -1.631  -4.295  1.00 52.66  ? 18  VAL A CG2 1 
ATOM   99   N N   . ARG A 1 19  ? 8.417   -5.243  -4.558  1.00 47.37  ? 19  ARG A N   1 
ATOM   100  C CA  . ARG A 1 19  ? 8.590   -6.566  -3.953  1.00 48.22  ? 19  ARG A CA  1 
ATOM   101  C C   . ARG A 1 19  ? 9.652   -7.442  -4.621  1.00 48.27  ? 19  ARG A C   1 
ATOM   102  O O   . ARG A 1 19  ? 9.774   -8.619  -4.287  1.00 49.91  ? 19  ARG A O   1 
ATOM   103  C CB  . ARG A 1 19  ? 7.243   -7.289  -3.954  1.00 47.92  ? 19  ARG A CB  1 
ATOM   104  C CG  . ARG A 1 19  ? 6.177   -6.573  -3.145  1.00 47.56  ? 19  ARG A CG  1 
ATOM   105  C CD  . ARG A 1 19  ? 4.772   -6.931  -3.592  1.00 47.08  ? 19  ARG A CD  1 
ATOM   106  N NE  . ARG A 1 19  ? 3.772   -6.103  -2.924  1.00 46.87  ? 19  ARG A NE  1 
ATOM   107  C CZ  . ARG A 1 19  ? 2.458   -6.276  -3.029  1.00 46.92  ? 19  ARG A CZ  1 
ATOM   108  N NH1 . ARG A 1 19  ? 1.960   -7.260  -3.772  1.00 48.90  ? 19  ARG A NH1 1 
ATOM   109  N NH2 . ARG A 1 19  ? 1.634   -5.463  -2.378  1.00 45.23  ? 19  ARG A NH2 1 
ATOM   110  N N   . ASP A 1 20  ? 10.430  -6.859  -5.534  1.00 49.84  ? 20  ASP A N   1 
ATOM   111  C CA  . ASP A 1 20  ? 11.427  -7.593  -6.322  1.00 51.44  ? 20  ASP A CA  1 
ATOM   112  C C   . ASP A 1 20  ? 12.771  -6.847  -6.325  1.00 50.14  ? 20  ASP A C   1 
ATOM   113  O O   . ASP A 1 20  ? 12.801  -5.611  -6.350  1.00 47.69  ? 20  ASP A O   1 
ATOM   114  C CB  . ASP A 1 20  ? 10.905  -7.767  -7.754  1.00 52.48  ? 20  ASP A CB  1 
ATOM   115  C CG  . ASP A 1 20  ? 11.803  -8.639  -8.614  1.00 54.42  ? 20  ASP A CG  1 
ATOM   116  O OD1 . ASP A 1 20  ? 11.921  -9.848  -8.325  1.00 57.37  ? 20  ASP A OD1 1 
ATOM   117  O OD2 . ASP A 1 20  ? 12.375  -8.125  -9.596  1.00 56.96  ? 20  ASP A OD2 1 
ATOM   118  N N   . GLU A 1 21  ? 13.869  -7.603  -6.293  1.00 51.22  ? 21  GLU A N   1 
ATOM   119  C CA  . GLU A 1 21  ? 15.226  -7.032  -6.310  1.00 53.03  ? 21  GLU A CA  1 
ATOM   120  C C   . GLU A 1 21  ? 15.465  -6.093  -7.488  1.00 54.07  ? 21  GLU A C   1 
ATOM   121  O O   . GLU A 1 21  ? 15.859  -4.938  -7.295  1.00 50.59  ? 21  GLU A O   1 
ATOM   122  C CB  . GLU A 1 21  ? 16.285  -8.134  -6.379  1.00 57.81  ? 21  GLU A CB  1 
ATOM   123  C CG  . GLU A 1 21  ? 16.915  -8.507  -5.052  1.00 61.82  ? 21  GLU A CG  1 
ATOM   124  C CD  . GLU A 1 21  ? 18.167  -9.357  -5.212  1.00 64.89  ? 21  GLU A CD  1 
ATOM   125  O OE1 . GLU A 1 21  ? 18.426  -9.865  -6.327  1.00 65.45  ? 21  GLU A OE1 1 
ATOM   126  O OE2 . GLU A 1 21  ? 18.898  -9.518  -4.214  1.00 67.12  ? 21  GLU A OE2 1 
ATOM   127  N N   . GLU A 1 22  ? 15.250  -6.602  -8.703  1.00 52.06  ? 22  GLU A N   1 
ATOM   128  C CA  . GLU A 1 22  ? 15.499  -5.819  -9.915  1.00 56.34  ? 22  GLU A CA  1 
ATOM   129  C C   . GLU A 1 22  ? 14.564  -4.615  -10.018 1.00 53.27  ? 22  GLU A C   1 
ATOM   130  O O   . GLU A 1 22  ? 14.952  -3.561  -10.516 1.00 53.81  ? 22  GLU A O   1 
ATOM   131  C CB  . GLU A 1 22  ? 15.365  -6.688  -11.169 1.00 60.14  ? 22  GLU A CB  1 
ATOM   132  C CG  . GLU A 1 22  ? 16.436  -7.760  -11.297 1.00 62.98  ? 22  GLU A CG  1 
ATOM   133  C CD  . GLU A 1 22  ? 16.386  -8.476  -12.635 1.00 67.80  ? 22  GLU A CD  1 
ATOM   134  O OE1 . GLU A 1 22  ? 16.234  -7.789  -13.671 1.00 65.11  ? 22  GLU A OE1 1 
ATOM   135  O OE2 . GLU A 1 22  ? 16.504  -9.726  -12.651 1.00 72.33  ? 22  GLU A OE2 1 
ATOM   136  N N   . ALA A 1 23  ? 13.328  -4.793  -9.558  1.00 51.31  ? 23  ALA A N   1 
ATOM   137  C CA  . ALA A 1 23  ? 12.353  -3.707  -9.506  1.00 49.73  ? 23  ALA A CA  1 
ATOM   138  C C   . ALA A 1 23  ? 12.844  -2.596  -8.576  1.00 46.14  ? 23  ALA A C   1 
ATOM   139  O O   . ALA A 1 23  ? 12.738  -1.414  -8.900  1.00 42.90  ? 23  ALA A O   1 
ATOM   140  C CB  . ALA A 1 23  ? 11.001  -4.236  -9.035  1.00 49.57  ? 23  ALA A CB  1 
ATOM   141  N N   . HIS A 1 24  ? 13.385  -2.995  -7.428  1.00 45.55  ? 24  HIS A N   1 
ATOM   142  C CA  . HIS A 1 24  ? 13.920  -2.056  -6.448  1.00 45.51  ? 24  HIS A CA  1 
ATOM   143  C C   . HIS A 1 24  ? 15.096  -1.248  -7.005  1.00 44.31  ? 24  HIS A C   1 
ATOM   144  O O   . HIS A 1 24  ? 15.105  -0.025  -6.899  1.00 42.86  ? 24  HIS A O   1 
ATOM   145  C CB  . HIS A 1 24  ? 14.355  -2.804  -5.188  1.00 44.59  ? 24  HIS A CB  1 
ATOM   146  C CG  . HIS A 1 24  ? 14.723  -1.903  -4.053  1.00 45.69  ? 24  HIS A CG  1 
ATOM   147  N ND1 . HIS A 1 24  ? 13.867  -1.647  -3.002  1.00 46.87  ? 24  HIS A ND1 1 
ATOM   148  C CD2 . HIS A 1 24  ? 15.852  -1.201  -3.801  1.00 45.14  ? 24  HIS A CD2 1 
ATOM   149  C CE1 . HIS A 1 24  ? 14.457  -0.828  -2.152  1.00 46.49  ? 24  HIS A CE1 1 
ATOM   150  N NE2 . HIS A 1 24  ? 15.658  -0.536  -2.617  1.00 45.21  ? 24  HIS A NE2 1 
ATOM   151  N N   . GLU A 1 25  ? 16.078  -1.932  -7.592  1.00 46.27  ? 25  GLU A N   1 
ATOM   152  C CA  . GLU A 1 25  ? 17.246  -1.258  -8.173  1.00 47.83  ? 25  GLU A CA  1 
ATOM   153  C C   . GLU A 1 25  ? 16.849  -0.315  -9.310  1.00 48.16  ? 25  GLU A C   1 
ATOM   154  O O   . GLU A 1 25  ? 17.448  0.750   -9.482  1.00 51.10  ? 25  GLU A O   1 
ATOM   155  C CB  . GLU A 1 25  ? 18.275  -2.275  -8.672  1.00 49.37  ? 25  GLU A CB  1 
ATOM   156  C CG  . GLU A 1 25  ? 19.655  -1.680  -8.992  1.00 51.46  ? 25  GLU A CG  1 
ATOM   157  C CD  . GLU A 1 25  ? 19.835  -1.234  -10.442 1.00 52.81  ? 25  GLU A CD  1 
ATOM   158  O OE1 . GLU A 1 25  ? 20.932  -0.722  -10.776 1.00 50.51  ? 25  GLU A OE1 1 
ATOM   159  O OE2 . GLU A 1 25  ? 18.895  -1.397  -11.254 1.00 52.81  ? 25  GLU A OE2 1 
ATOM   160  N N   . LEU A 1 26  ? 15.840  -0.709  -10.083 1.00 47.13  ? 26  LEU A N   1 
ATOM   161  C CA  . LEU A 1 26  ? 15.333  0.118   -11.173 1.00 47.17  ? 26  LEU A CA  1 
ATOM   162  C C   . LEU A 1 26  ? 14.604  1.354   -10.651 1.00 46.66  ? 26  LEU A C   1 
ATOM   163  O O   . LEU A 1 26  ? 14.869  2.470   -11.093 1.00 44.99  ? 26  LEU A O   1 
ATOM   164  C CB  . LEU A 1 26  ? 14.410  -0.712  -12.074 1.00 49.03  ? 26  LEU A CB  1 
ATOM   165  C CG  . LEU A 1 26  ? 13.821  -0.019  -13.306 1.00 49.27  ? 26  LEU A CG  1 
ATOM   166  C CD1 . LEU A 1 26  ? 14.917  0.607   -14.156 1.00 48.82  ? 26  LEU A CD1 1 
ATOM   167  C CD2 . LEU A 1 26  ? 12.990  -1.005  -14.125 1.00 49.63  ? 26  LEU A CD2 1 
ATOM   168  N N   . ALA A 1 27  ? 13.697  1.145   -9.701  1.00 46.88  ? 27  ALA A N   1 
ATOM   169  C CA  . ALA A 1 27  ? 12.917  2.236   -9.106  1.00 48.77  ? 27  ALA A CA  1 
ATOM   170  C C   . ALA A 1 27  ? 13.767  3.267   -8.360  1.00 49.73  ? 27  ALA A C   1 
ATOM   171  O O   . ALA A 1 27  ? 13.371  4.430   -8.253  1.00 45.72  ? 27  ALA A O   1 
ATOM   172  C CB  . ALA A 1 27  ? 11.859  1.671   -8.167  1.00 49.27  ? 27  ALA A CB  1 
ATOM   173  N N   . SER A 1 28  ? 14.927  2.848   -7.847  1.00 51.37  ? 28  SER A N   1 
ATOM   174  C CA  . SER A 1 28  ? 15.809  3.754   -7.096  1.00 52.67  ? 28  SER A CA  1 
ATOM   175  C C   . SER A 1 28  ? 16.334  4.944   -7.923  1.00 51.65  ? 28  SER A C   1 
ATOM   176  O O   . SER A 1 28  ? 16.718  5.969   -7.359  1.00 50.04  ? 28  SER A O   1 
ATOM   177  C CB  . SER A 1 28  ? 16.977  2.974   -6.496  1.00 53.61  ? 28  SER A CB  1 
ATOM   178  O OG  . SER A 1 28  ? 17.779  2.388   -7.514  1.00 59.51  ? 28  SER A OG  1 
ATOM   179  N N   . ASP A 1 29  ? 16.353  4.802   -9.249  1.00 52.97  ? 29  ASP A N   1 
ATOM   180  C CA  . ASP A 1 29  ? 16.695  5.913   -10.142 1.00 54.13  ? 29  ASP A CA  1 
ATOM   181  C C   . ASP A 1 29  ? 15.568  6.937   -10.254 1.00 51.57  ? 29  ASP A C   1 
ATOM   182  O O   . ASP A 1 29  ? 15.823  8.137   -10.320 1.00 49.92  ? 29  ASP A O   1 
ATOM   183  C CB  . ASP A 1 29  ? 17.011  5.400   -11.553 1.00 58.61  ? 29  ASP A CB  1 
ATOM   184  C CG  . ASP A 1 29  ? 18.342  4.685   -11.646 1.00 62.16  ? 29  ASP A CG  1 
ATOM   185  O OD1 . ASP A 1 29  ? 19.169  4.781   -10.716 1.00 68.51  ? 29  ASP A OD1 1 
ATOM   186  O OD2 . ASP A 1 29  ? 18.565  4.024   -12.680 1.00 67.17  ? 29  ASP A OD2 1 
ATOM   187  N N   . TRP A 1 30  ? 14.327  6.456   -10.299 1.00 51.49  ? 30  TRP A N   1 
ATOM   188  C CA  . TRP A 1 30  ? 13.171  7.320   -10.563 1.00 50.86  ? 30  TRP A CA  1 
ATOM   189  C C   . TRP A 1 30  ? 12.567  7.944   -9.300  1.00 49.52  ? 30  TRP A C   1 
ATOM   190  O O   . TRP A 1 30  ? 11.916  8.985   -9.379  1.00 49.01  ? 30  TRP A O   1 
ATOM   191  C CB  . TRP A 1 30  ? 12.075  6.549   -11.307 1.00 51.45  ? 30  TRP A CB  1 
ATOM   192  C CG  . TRP A 1 30  ? 12.544  5.824   -12.531 1.00 52.68  ? 30  TRP A CG  1 
ATOM   193  C CD1 . TRP A 1 30  ? 13.615  6.138   -13.311 1.00 52.30  ? 30  TRP A CD1 1 
ATOM   194  C CD2 . TRP A 1 30  ? 11.934  4.673   -13.130 1.00 53.04  ? 30  TRP A CD2 1 
ATOM   195  N NE1 . TRP A 1 30  ? 13.723  5.245   -14.346 1.00 51.82  ? 30  TRP A NE1 1 
ATOM   196  C CE2 . TRP A 1 30  ? 12.698  4.340   -14.266 1.00 53.37  ? 30  TRP A CE2 1 
ATOM   197  C CE3 . TRP A 1 30  ? 10.811  3.892   -12.817 1.00 51.83  ? 30  TRP A CE3 1 
ATOM   198  C CZ2 . TRP A 1 30  ? 12.383  3.251   -15.093 1.00 54.92  ? 30  TRP A CZ2 1 
ATOM   199  C CZ3 . TRP A 1 30  ? 10.500  2.810   -13.636 1.00 52.46  ? 30  TRP A CZ3 1 
ATOM   200  C CH2 . TRP A 1 30  ? 11.286  2.498   -14.759 1.00 53.86  ? 30  TRP A CH2 1 
ATOM   201  N N   . PHE A 1 31  ? 12.756  7.298   -8.150  1.00 47.74  ? 31  PHE A N   1 
ATOM   202  C CA  . PHE A 1 31  ? 12.177  7.773   -6.891  1.00 46.84  ? 31  PHE A CA  1 
ATOM   203  C C   . PHE A 1 31  ? 13.264  8.131   -5.887  1.00 48.33  ? 31  PHE A C   1 
ATOM   204  O O   . PHE A 1 31  ? 14.347  7.550   -5.899  1.00 47.62  ? 31  PHE A O   1 
ATOM   205  C CB  . PHE A 1 31  ? 11.247  6.714   -6.304  1.00 45.21  ? 31  PHE A CB  1 
ATOM   206  C CG  . PHE A 1 31  ? 10.048  6.428   -7.160  1.00 44.51  ? 31  PHE A CG  1 
ATOM   207  C CD1 . PHE A 1 31  ? 10.097  5.441   -8.144  1.00 42.61  ? 31  PHE A CD1 1 
ATOM   208  C CD2 . PHE A 1 31  ? 8.871   7.153   -6.996  1.00 43.17  ? 31  PHE A CD2 1 
ATOM   209  C CE1 . PHE A 1 31  ? 8.994   5.178   -8.942  1.00 42.17  ? 31  PHE A CE1 1 
ATOM   210  C CE2 . PHE A 1 31  ? 7.766   6.899   -7.795  1.00 44.16  ? 31  PHE A CE2 1 
ATOM   211  C CZ  . PHE A 1 31  ? 7.826   5.910   -8.769  1.00 43.37  ? 31  PHE A CZ  1 
ATOM   212  N N   . ASP A 1 32  ? 12.959  9.091   -5.021  1.00 48.87  ? 32  ASP A N   1 
ATOM   213  C CA  . ASP A 1 32  ? 13.897  9.544   -3.996  1.00 50.32  ? 32  ASP A CA  1 
ATOM   214  C C   . ASP A 1 32  ? 14.064  8.539   -2.858  1.00 49.72  ? 32  ASP A C   1 
ATOM   215  O O   . ASP A 1 32  ? 15.131  8.458   -2.248  1.00 46.42  ? 32  ASP A O   1 
ATOM   216  C CB  . ASP A 1 32  ? 13.451  10.894  -3.442  1.00 50.66  ? 32  ASP A CB  1 
ATOM   217  C CG  . ASP A 1 32  ? 13.542  11.996  -4.474  1.00 51.63  ? 32  ASP A CG  1 
ATOM   218  O OD1 . ASP A 1 32  ? 12.722  12.010  -5.416  1.00 49.22  ? 32  ASP A OD1 1 
ATOM   219  O OD2 . ASP A 1 32  ? 14.449  12.841  -4.346  1.00 54.13  ? 32  ASP A OD2 1 
ATOM   220  N N   . GLU A 1 33  ? 12.999  7.799   -2.562  1.00 49.47  ? 33  GLU A N   1 
ATOM   221  C CA  . GLU A 1 33  ? 13.048  6.706   -1.598  1.00 48.39  ? 33  GLU A CA  1 
ATOM   222  C C   . GLU A 1 33  ? 12.255  5.534   -2.145  1.00 47.07  ? 33  GLU A C   1 
ATOM   223  O O   . GLU A 1 33  ? 11.209  5.723   -2.768  1.00 46.31  ? 33  GLU A O   1 
ATOM   224  C CB  . GLU A 1 33  ? 12.448  7.127   -0.257  1.00 52.08  ? 33  GLU A CB  1 
ATOM   225  C CG  . GLU A 1 33  ? 13.049  8.387   0.341   1.00 55.07  ? 33  GLU A CG  1 
ATOM   226  C CD  . GLU A 1 33  ? 12.540  8.670   1.747   1.00 57.39  ? 33  GLU A CD  1 
ATOM   227  O OE1 . GLU A 1 33  ? 12.633  7.761   2.606   1.00 57.75  ? 33  GLU A OE1 1 
ATOM   228  O OE2 . GLU A 1 33  ? 12.056  9.803   1.994   1.00 55.20  ? 33  GLU A OE2 1 
ATOM   229  N N   . VAL A 1 34  ? 12.750  4.325   -1.908  1.00 45.59  ? 34  VAL A N   1 
ATOM   230  C CA  . VAL A 1 34  ? 12.058  3.116   -2.339  1.00 47.09  ? 34  VAL A CA  1 
ATOM   231  C C   . VAL A 1 34  ? 11.980  2.134   -1.175  1.00 46.59  ? 34  VAL A C   1 
ATOM   232  O O   . VAL A 1 34  ? 13.003  1.728   -0.627  1.00 50.04  ? 34  VAL A O   1 
ATOM   233  C CB  . VAL A 1 34  ? 12.750  2.451   -3.549  1.00 47.40  ? 34  VAL A CB  1 
ATOM   234  C CG1 . VAL A 1 34  ? 11.955  1.243   -4.021  1.00 47.85  ? 34  VAL A CG1 1 
ATOM   235  C CG2 . VAL A 1 34  ? 12.904  3.443   -4.691  1.00 48.15  ? 34  VAL A CG2 1 
ATOM   236  N N   . VAL A 1 35  ? 10.756  1.773   -0.798  1.00 42.75  ? 35  VAL A N   1 
ATOM   237  C CA  . VAL A 1 35  ? 10.517  0.806   0.262   1.00 42.74  ? 35  VAL A CA  1 
ATOM   238  C C   . VAL A 1 35  ? 10.409  -0.600  -0.338  1.00 41.86  ? 35  VAL A C   1 
ATOM   239  O O   . VAL A 1 35  ? 9.601   -0.830  -1.229  1.00 40.80  ? 35  VAL A O   1 
ATOM   240  C CB  . VAL A 1 35  ? 9.223   1.150   1.024   1.00 43.39  ? 35  VAL A CB  1 
ATOM   241  C CG1 . VAL A 1 35  ? 8.943   0.124   2.117   1.00 44.39  ? 35  VAL A CG1 1 
ATOM   242  C CG2 . VAL A 1 35  ? 9.301   2.561   1.607   1.00 42.82  ? 35  VAL A CG2 1 
ATOM   243  N N   . PHE A 1 36  ? 11.236  -1.527  0.139   1.00 41.91  ? 36  PHE A N   1 
ATOM   244  C CA  . PHE A 1 36  ? 11.150  -2.921  -0.274  1.00 42.23  ? 36  PHE A CA  1 
ATOM   245  C C   . PHE A 1 36  ? 10.154  -3.670  0.607   1.00 41.95  ? 36  PHE A C   1 
ATOM   246  O O   . PHE A 1 36  ? 10.278  -3.679  1.829   1.00 43.72  ? 36  PHE A O   1 
ATOM   247  C CB  . PHE A 1 36  ? 12.516  -3.606  -0.206  1.00 44.14  ? 36  PHE A CB  1 
ATOM   248  C CG  . PHE A 1 36  ? 12.490  -5.039  -0.669  1.00 44.62  ? 36  PHE A CG  1 
ATOM   249  C CD1 . PHE A 1 36  ? 12.197  -6.066  0.224   1.00 45.44  ? 36  PHE A CD1 1 
ATOM   250  C CD2 . PHE A 1 36  ? 12.744  -5.356  -1.992  1.00 44.69  ? 36  PHE A CD2 1 
ATOM   251  C CE1 . PHE A 1 36  ? 12.161  -7.384  -0.199  1.00 45.89  ? 36  PHE A CE1 1 
ATOM   252  C CE2 . PHE A 1 36  ? 12.713  -6.670  -2.422  1.00 45.85  ? 36  PHE A CE2 1 
ATOM   253  C CZ  . PHE A 1 36  ? 12.422  -7.685  -1.524  1.00 44.66  ? 36  PHE A CZ  1 
ATOM   254  N N   . THR A 1 37  ? 9.169   -4.302  -0.020  1.00 41.21  ? 37  THR A N   1 
ATOM   255  C CA  . THR A 1 37  ? 8.123   -5.014  0.700   1.00 42.15  ? 37  THR A CA  1 
ATOM   256  C C   . THR A 1 37  ? 8.354   -6.526  0.654   1.00 44.59  ? 37  THR A C   1 
ATOM   257  O O   . THR A 1 37  ? 8.494   -7.112  -0.422  1.00 42.69  ? 37  THR A O   1 
ATOM   258  C CB  . THR A 1 37  ? 6.741   -4.689  0.103   1.00 41.69  ? 37  THR A CB  1 
ATOM   259  O OG1 . THR A 1 37  ? 6.489   -3.278  0.221   1.00 40.38  ? 37  THR A OG1 1 
ATOM   260  C CG2 . THR A 1 37  ? 5.647   -5.464  0.823   1.00 41.56  ? 37  THR A CG2 1 
ATOM   261  N N   . LYS A 1 38  ? 8.417   -7.145  1.829   1.00 48.34  ? 38  LYS A N   1 
ATOM   262  C CA  . LYS A 1 38  ? 8.488   -8.596  1.932   1.00 53.11  ? 38  LYS A CA  1 
ATOM   263  C C   . LYS A 1 38  ? 7.068   -9.138  2.051   1.00 51.84  ? 38  LYS A C   1 
ATOM   264  O O   . LYS A 1 38  ? 6.355   -8.830  3.005   1.00 51.75  ? 38  LYS A O   1 
ATOM   265  C CB  . LYS A 1 38  ? 9.313   -9.014  3.150   1.00 56.79  ? 38  LYS A CB  1 
ATOM   266  C CG  . LYS A 1 38  ? 9.480   -10.520 3.303   1.00 59.61  ? 38  LYS A CG  1 
ATOM   267  C CD  . LYS A 1 38  ? 9.861   -10.898 4.726   1.00 62.28  ? 38  LYS A CD  1 
ATOM   268  C CE  . LYS A 1 38  ? 10.095  -12.397 4.866   1.00 64.23  ? 38  LYS A CE  1 
ATOM   269  N NZ  . LYS A 1 38  ? 8.872   -13.207 4.618   1.00 67.61  ? 38  LYS A NZ  1 
ATOM   270  N N   . LYS A 1 39  ? 6.662   -9.937  1.074   1.00 54.12  ? 39  LYS A N   1 
ATOM   271  C CA  . LYS A 1 39  ? 5.341   -10.546 1.069   1.00 57.64  ? 39  LYS A CA  1 
ATOM   272  C C   . LYS A 1 39  ? 5.341   -11.731 2.030   1.00 59.98  ? 39  LYS A C   1 
ATOM   273  O O   . LYS A 1 39  ? 6.237   -12.575 1.981   1.00 63.37  ? 39  LYS A O   1 
ATOM   274  C CB  . LYS A 1 39  ? 4.977   -10.981 -0.349  1.00 59.33  ? 39  LYS A CB  1 
ATOM   275  C CG  . LYS A 1 39  ? 3.502   -11.276 -0.558  1.00 63.03  ? 39  LYS A CG  1 
ATOM   276  C CD  . LYS A 1 39  ? 3.146   -11.237 -2.037  1.00 64.65  ? 39  LYS A CD  1 
ATOM   277  C CE  . LYS A 1 39  ? 1.698   -11.627 -2.274  1.00 66.58  ? 39  LYS A CE  1 
ATOM   278  N NZ  . LYS A 1 39  ? 1.291   -11.427 -3.691  1.00 68.66  ? 39  LYS A NZ  1 
ATOM   279  N N   . LEU A 1 40  ? 4.345   -11.783 2.910   1.00 61.51  ? 40  LEU A N   1 
ATOM   280  C CA  . LEU A 1 40  ? 4.311   -12.773 3.983   1.00 62.20  ? 40  LEU A CA  1 
ATOM   281  C C   . LEU A 1 40  ? 2.946   -13.453 4.117   1.00 62.45  ? 40  LEU A C   1 
ATOM   282  O O   . LEU A 1 40  ? 1.976   -12.836 4.555   1.00 58.26  ? 40  LEU A O   1 
ATOM   283  C CB  . LEU A 1 40  ? 4.692   -12.103 5.299   1.00 64.56  ? 40  LEU A CB  1 
ATOM   284  C CG  . LEU A 1 40  ? 4.745   -12.981 6.547   1.00 66.44  ? 40  LEU A CG  1 
ATOM   285  C CD1 . LEU A 1 40  ? 5.564   -14.244 6.296   1.00 69.32  ? 40  LEU A CD1 1 
ATOM   286  C CD2 . LEU A 1 40  ? 5.311   -12.190 7.718   1.00 67.66  ? 40  LEU A CD2 1 
ATOM   287  N N   . VAL A 1 41  ? 2.899   -14.736 3.753   1.00 66.53  ? 41  VAL A N   1 
ATOM   288  C CA  . VAL A 1 41  ? 1.674   -15.536 3.801   1.00 68.49  ? 41  VAL A CA  1 
ATOM   289  C C   . VAL A 1 41  ? 1.633   -16.340 5.095   1.00 70.67  ? 41  VAL A C   1 
ATOM   290  O O   . VAL A 1 41  ? 2.552   -17.111 5.374   1.00 75.25  ? 41  VAL A O   1 
ATOM   291  C CB  . VAL A 1 41  ? 1.590   -16.504 2.606   1.00 70.50  ? 41  VAL A CB  1 
ATOM   292  C CG1 . VAL A 1 41  ? 0.192   -17.101 2.501   1.00 70.22  ? 41  VAL A CG1 1 
ATOM   293  C CG2 . VAL A 1 41  ? 1.981   -15.793 1.310   1.00 70.61  ? 41  VAL A CG2 1 
ATOM   294  N N   . LEU A 1 42  ? 0.566   -16.164 5.873   1.00 72.18  ? 42  LEU A N   1 
ATOM   295  C CA  . LEU A 1 42  ? 0.467   -16.749 7.210   1.00 75.78  ? 42  LEU A CA  1 
ATOM   296  C C   . LEU A 1 42  ? -0.841  -17.507 7.449   1.00 79.99  ? 42  LEU A C   1 
ATOM   297  O O   . LEU A 1 42  ? -1.925  -16.974 7.219   1.00 78.36  ? 42  LEU A O   1 
ATOM   298  C CB  . LEU A 1 42  ? 0.617   -15.649 8.266   1.00 74.80  ? 42  LEU A CB  1 
ATOM   299  C CG  . LEU A 1 42  ? 1.964   -15.492 8.983   1.00 76.05  ? 42  LEU A CG  1 
ATOM   300  C CD1 . LEU A 1 42  ? 3.153   -15.642 8.047   1.00 74.72  ? 42  LEU A CD1 1 
ATOM   301  C CD2 . LEU A 1 42  ? 2.009   -14.155 9.712   1.00 77.68  ? 42  LEU A CD2 1 
ATOM   302  N N   . GLU A 1 43  ? -0.716  -18.750 7.910   1.00 85.89  ? 43  GLU A N   1 
ATOM   303  C CA  . GLU A 1 43  ? -1.849  -19.535 8.409   1.00 92.30  ? 43  GLU A CA  1 
ATOM   304  C C   . GLU A 1 43  ? -1.333  -20.677 9.314   1.00 95.94  ? 43  GLU A C   1 
ATOM   305  O O   . GLU A 1 43  ? -1.288  -21.837 8.898   1.00 96.26  ? 43  GLU A O   1 
ATOM   306  C CB  . GLU A 1 43  ? -2.713  -20.075 7.261   1.00 92.65  ? 43  GLU A CB  1 
ATOM   307  C CG  . GLU A 1 43  ? -1.948  -20.681 6.093   1.00 95.41  ? 43  GLU A CG  1 
ATOM   308  C CD  . GLU A 1 43  ? -2.845  -21.470 5.150   1.00 98.12  ? 43  GLU A CD  1 
ATOM   309  O OE1 . GLU A 1 43  ? -4.086  -21.332 5.232   1.00 97.86  ? 43  GLU A OE1 1 
ATOM   310  O OE2 . GLU A 1 43  ? -2.305  -22.236 4.327   1.00 101.31 ? 43  GLU A OE2 1 
ATOM   311  N N   . ASP A 1 44  ? -0.936  -20.357 10.548  1.00 96.82  ? 44  ASP A N   1 
ATOM   312  C CA  . ASP A 1 44  ? -1.036  -19.004 11.112  1.00 97.90  ? 44  ASP A CA  1 
ATOM   313  C C   . ASP A 1 44  ? 0.317   -18.440 11.595  1.00 98.85  ? 44  ASP A C   1 
ATOM   314  O O   . ASP A 1 44  ? 1.146   -18.091 10.755  1.00 98.66  ? 44  ASP A O   1 
ATOM   315  C CB  . ASP A 1 44  ? -2.180  -18.902 12.148  1.00 101.16 ? 44  ASP A CB  1 
ATOM   316  C CG  . ASP A 1 44  ? -2.573  -20.255 12.753  1.00 102.40 ? 44  ASP A CG  1 
ATOM   317  O OD1 . ASP A 1 44  ? -1.815  -21.240 12.609  1.00 100.84 ? 44  ASP A OD1 1 
ATOM   318  O OD2 . ASP A 1 44  ? -3.654  -20.325 13.379  1.00 104.13 ? 44  ASP A OD2 1 
ATOM   319  N N   . PRO A 1 45  ? 0.568   -18.373 12.922  1.00 100.09 ? 45  PRO A N   1 
ATOM   320  C CA  . PRO A 1 45  ? 1.568   -17.391 13.346  1.00 102.95 ? 45  PRO A CA  1 
ATOM   321  C C   . PRO A 1 45  ? 3.029   -17.759 13.041  1.00 105.88 ? 45  PRO A C   1 
ATOM   322  O O   . PRO A 1 45  ? 3.318   -18.910 12.704  1.00 106.51 ? 45  PRO A O   1 
ATOM   323  C CB  . PRO A 1 45  ? 1.355   -17.337 14.856  1.00 101.67 ? 45  PRO A CB  1 
ATOM   324  C CG  . PRO A 1 45  ? 0.985   -18.739 15.208  1.00 101.49 ? 45  PRO A CG  1 
ATOM   325  C CD  . PRO A 1 45  ? 0.298   -19.340 14.005  1.00 100.63 ? 45  PRO A CD  1 
ATOM   326  N N   . PRO A 1 46  ? 3.946   -16.776 13.155  1.00 108.37 ? 46  PRO A N   1 
ATOM   327  C CA  . PRO A 1 46  ? 5.392   -17.001 13.034  1.00 108.46 ? 46  PRO A CA  1 
ATOM   328  C C   . PRO A 1 46  ? 5.943   -17.690 14.296  1.00 108.06 ? 46  PRO A C   1 
ATOM   329  O O   . PRO A 1 46  ? 5.190   -17.808 15.262  1.00 106.58 ? 46  PRO A O   1 
ATOM   330  C CB  . PRO A 1 46  ? 5.949   -15.584 12.861  1.00 109.72 ? 46  PRO A CB  1 
ATOM   331  C CG  . PRO A 1 46  ? 4.958   -14.697 13.524  1.00 109.72 ? 46  PRO A CG  1 
ATOM   332  C CD  . PRO A 1 46  ? 3.622   -15.346 13.319  1.00 109.26 ? 46  PRO A CD  1 
ATOM   333  N N   . ASP A 1 47  ? 7.203   -18.143 14.356  1.00 109.60 ? 47  ASP A N   1 
ATOM   334  C CA  . ASP A 1 47  ? 8.309   -17.932 13.394  1.00 109.92 ? 47  ASP A CA  1 
ATOM   335  C C   . ASP A 1 47  ? 8.964   -16.549 13.547  1.00 108.40 ? 47  ASP A C   1 
ATOM   336  O O   . ASP A 1 47  ? 9.469   -15.981 12.577  1.00 110.51 ? 47  ASP A O   1 
ATOM   337  C CB  . ASP A 1 47  ? 7.897   -18.209 11.933  1.00 110.92 ? 47  ASP A CB  1 
ATOM   338  C CG  . ASP A 1 47  ? 9.074   -18.604 11.052  1.00 111.63 ? 47  ASP A CG  1 
ATOM   339  O OD1 . ASP A 1 47  ? 9.863   -19.487 11.455  1.00 110.52 ? 47  ASP A OD1 1 
ATOM   340  O OD2 . ASP A 1 47  ? 9.201   -18.033 9.947   1.00 113.08 ? 47  ASP A OD2 1 
ATOM   341  N N   . TRP A 1 48  ? 8.969   -16.026 14.772  1.00 104.24 ? 48  TRP A N   1 
ATOM   342  C CA  . TRP A 1 48  ? 9.443   -14.663 15.030  1.00 103.91 ? 48  TRP A CA  1 
ATOM   343  C C   . TRP A 1 48  ? 10.959  -14.524 14.917  1.00 101.38 ? 48  TRP A C   1 
ATOM   344  O O   . TRP A 1 48  ? 11.460  -13.576 14.302  1.00 101.95 ? 48  TRP A O   1 
ATOM   345  C CB  . TRP A 1 48  ? 8.986   -14.181 16.410  1.00 105.26 ? 48  TRP A CB  1 
ATOM   346  C CG  . TRP A 1 48  ? 7.579   -13.667 16.443  1.00 109.29 ? 48  TRP A CG  1 
ATOM   347  C CD1 . TRP A 1 48  ? 7.019   -12.742 15.603  1.00 111.36 ? 48  TRP A CD1 1 
ATOM   348  C CD2 . TRP A 1 48  ? 6.560   -14.020 17.383  1.00 111.35 ? 48  TRP A CD2 1 
ATOM   349  N NE1 . TRP A 1 48  ? 5.712   -12.510 15.954  1.00 110.37 ? 48  TRP A NE1 1 
ATOM   350  C CE2 . TRP A 1 48  ? 5.405   -13.281 17.045  1.00 112.25 ? 48  TRP A CE2 1 
ATOM   351  C CE3 . TRP A 1 48  ? 6.508   -14.894 18.474  1.00 113.86 ? 48  TRP A CE3 1 
ATOM   352  C CZ2 . TRP A 1 48  ? 4.214   -13.387 17.761  1.00 112.56 ? 48  TRP A CZ2 1 
ATOM   353  C CZ3 . TRP A 1 48  ? 5.320   -14.998 19.188  1.00 114.76 ? 48  TRP A CZ3 1 
ATOM   354  C CH2 . TRP A 1 48  ? 4.189   -14.249 18.825  1.00 112.74 ? 48  TRP A CH2 1 
ATOM   355  N N   . GLY A 1 49  ? 11.684  -15.461 15.521  1.00 97.70  ? 49  GLY A N   1 
ATOM   356  C CA  . GLY A 1 49  ? 13.147  -15.439 15.506  1.00 93.29  ? 49  GLY A CA  1 
ATOM   357  C C   . GLY A 1 49  ? 13.712  -15.425 14.099  1.00 90.46  ? 49  GLY A C   1 
ATOM   358  O O   . GLY A 1 49  ? 14.681  -14.721 13.821  1.00 86.79  ? 49  GLY A O   1 
ATOM   359  N N   . SER A 1 50  ? 13.096  -16.208 13.219  1.00 90.67  ? 50  SER A N   1 
ATOM   360  C CA  . SER A 1 50  ? 13.475  -16.265 11.811  1.00 90.69  ? 50  SER A CA  1 
ATOM   361  C C   . SER A 1 50  ? 13.087  -14.979 11.078  1.00 92.59  ? 50  SER A C   1 
ATOM   362  O O   . SER A 1 50  ? 13.823  -14.507 10.210  1.00 93.82  ? 50  SER A O   1 
ATOM   363  C CB  . SER A 1 50  ? 12.808  -17.470 11.144  1.00 89.20  ? 50  SER A CB  1 
ATOM   364  O OG  . SER A 1 50  ? 13.245  -17.627 9.809   1.00 90.34  ? 50  SER A OG  1 
ATOM   365  N N   . LEU A 1 51  ? 11.931  -14.420 11.439  1.00 93.59  ? 51  LEU A N   1 
ATOM   366  C CA  . LEU A 1 51  ? 11.414  -13.198 10.810  1.00 92.13  ? 51  LEU A CA  1 
ATOM   367  C C   . LEU A 1 51  ? 12.353  -12.015 11.034  1.00 90.55  ? 51  LEU A C   1 
ATOM   368  O O   . LEU A 1 51  ? 12.712  -11.310 10.090  1.00 89.91  ? 51  LEU A O   1 
ATOM   369  C CB  . LEU A 1 51  ? 10.017  -12.854 11.352  1.00 94.23  ? 51  LEU A CB  1 
ATOM   370  C CG  . LEU A 1 51  ? 8.995   -12.283 10.363  1.00 94.06  ? 51  LEU A CG  1 
ATOM   371  C CD1 . LEU A 1 51  ? 9.562   -11.115 9.568   1.00 93.30  ? 51  LEU A CD1 1 
ATOM   372  C CD2 . LEU A 1 51  ? 8.502   -13.378 9.428   1.00 95.36  ? 51  LEU A CD2 1 
ATOM   373  N N   . LYS A 1 52  ? 12.745  -11.802 12.286  1.00 87.81  ? 52  LYS A N   1 
ATOM   374  C CA  . LYS A 1 52  ? 13.647  -10.708 12.634  1.00 86.05  ? 52  LYS A CA  1 
ATOM   375  C C   . LYS A 1 52  ? 15.019  -10.852 11.971  1.00 84.46  ? 52  LYS A C   1 
ATOM   376  O O   . LYS A 1 52  ? 15.635  -9.854  11.602  1.00 81.56  ? 52  LYS A O   1 
ATOM   377  C CB  . LYS A 1 52  ? 13.800  -10.605 14.152  1.00 88.96  ? 52  LYS A CB  1 
ATOM   378  C CG  . LYS A 1 52  ? 12.569  -10.056 14.853  1.00 90.48  ? 52  LYS A CG  1 
ATOM   379  C CD  . LYS A 1 52  ? 12.783  -9.960  16.356  1.00 90.78  ? 52  LYS A CD  1 
ATOM   380  C CE  . LYS A 1 52  ? 11.715  -9.106  17.024  1.00 91.87  ? 52  LYS A CE  1 
ATOM   381  N NZ  . LYS A 1 52  ? 11.846  -7.654  16.707  1.00 92.50  ? 52  LYS A NZ  1 
ATOM   382  N N   . GLU A 1 53  ? 15.491  -12.089 11.825  1.00 83.58  ? 53  GLU A N   1 
ATOM   383  C CA  . GLU A 1 53  ? 16.751  -12.367 11.132  1.00 83.15  ? 53  GLU A CA  1 
ATOM   384  C C   . GLU A 1 53  ? 16.640  -11.973 9.665   1.00 79.79  ? 53  GLU A C   1 
ATOM   385  O O   . GLU A 1 53  ? 17.580  -11.428 9.091   1.00 75.79  ? 53  GLU A O   1 
ATOM   386  C CB  . GLU A 1 53  ? 17.120  -13.852 11.254  1.00 86.63  ? 53  GLU A CB  1 
ATOM   387  C CG  . GLU A 1 53  ? 18.514  -14.218 10.742  1.00 91.31  ? 53  GLU A CG  1 
ATOM   388  C CD  . GLU A 1 53  ? 18.570  -14.505 9.244   1.00 94.34  ? 53  GLU A CD  1 
ATOM   389  O OE1 . GLU A 1 53  ? 17.613  -15.104 8.704   1.00 97.62  ? 53  GLU A OE1 1 
ATOM   390  O OE2 . GLU A 1 53  ? 19.583  -14.142 8.603   1.00 94.28  ? 53  GLU A OE2 1 
ATOM   391  N N   . GLU A 1 54  ? 15.489  -12.259 9.065   1.00 78.81  ? 54  GLU A N   1 
ATOM   392  C CA  . GLU A 1 54  ? 15.211  -11.870 7.689   1.00 77.75  ? 54  GLU A CA  1 
ATOM   393  C C   . GLU A 1 54  ? 15.107  -10.347 7.564   1.00 72.81  ? 54  GLU A C   1 
ATOM   394  O O   . GLU A 1 54  ? 15.705  -9.755  6.668   1.00 71.70  ? 54  GLU A O   1 
ATOM   395  C CB  . GLU A 1 54  ? 13.917  -12.527 7.205   1.00 81.60  ? 54  GLU A CB  1 
ATOM   396  C CG  . GLU A 1 54  ? 13.622  -12.343 5.722   1.00 86.95  ? 54  GLU A CG  1 
ATOM   397  C CD  . GLU A 1 54  ? 14.355  -13.324 4.824   1.00 92.65  ? 54  GLU A CD  1 
ATOM   398  O OE1 . GLU A 1 54  ? 15.353  -13.937 5.266   1.00 96.52  ? 54  GLU A OE1 1 
ATOM   399  O OE2 . GLU A 1 54  ? 13.924  -13.476 3.660   1.00 96.52  ? 54  GLU A OE2 1 
ATOM   400  N N   . LEU A 1 55  ? 14.353  -9.721  8.464   1.00 65.81  ? 55  LEU A N   1 
ATOM   401  C CA  . LEU A 1 55  ? 14.169  -8.272  8.429   1.00 63.63  ? 55  LEU A CA  1 
ATOM   402  C C   . LEU A 1 55  ? 15.489  -7.520  8.601   1.00 63.84  ? 55  LEU A C   1 
ATOM   403  O O   . LEU A 1 55  ? 15.712  -6.497  7.952   1.00 64.18  ? 55  LEU A O   1 
ATOM   404  C CB  . LEU A 1 55  ? 13.154  -7.820  9.485   1.00 62.74  ? 55  LEU A CB  1 
ATOM   405  C CG  . LEU A 1 55  ? 11.689  -8.192  9.219   1.00 62.97  ? 55  LEU A CG  1 
ATOM   406  C CD1 . LEU A 1 55  ? 10.837  -7.868  10.438  1.00 64.43  ? 55  LEU A CD1 1 
ATOM   407  C CD2 . LEU A 1 55  ? 11.138  -7.486  7.986   1.00 61.98  ? 55  LEU A CD2 1 
ATOM   408  N N   . LYS A 1 56  ? 16.361  -8.030  9.466   1.00 64.55  ? 56  LYS A N   1 
ATOM   409  C CA  . LYS A 1 56  ? 17.692  -7.460  9.642   1.00 66.38  ? 56  LYS A CA  1 
ATOM   410  C C   . LYS A 1 56  ? 18.481  -7.541  8.340   1.00 64.82  ? 56  LYS A C   1 
ATOM   411  O O   . LYS A 1 56  ? 19.126  -6.575  7.936   1.00 62.99  ? 56  LYS A O   1 
ATOM   412  C CB  . LYS A 1 56  ? 18.451  -8.180  10.765  1.00 70.12  ? 56  LYS A CB  1 
ATOM   413  C CG  . LYS A 1 56  ? 19.764  -7.508  11.150  1.00 74.17  ? 56  LYS A CG  1 
ATOM   414  C CD  . LYS A 1 56  ? 20.538  -8.298  12.198  1.00 76.91  ? 56  LYS A CD  1 
ATOM   415  C CE  . LYS A 1 56  ? 21.933  -7.721  12.397  1.00 78.53  ? 56  LYS A CE  1 
ATOM   416  N NZ  . LYS A 1 56  ? 22.640  -8.326  13.561  1.00 79.20  ? 56  LYS A NZ  1 
ATOM   417  N N   . GLU A 1 57  ? 18.412  -8.698  7.688   1.00 65.91  ? 57  GLU A N   1 
ATOM   418  C CA  . GLU A 1 57  ? 19.070  -8.911  6.400   1.00 67.80  ? 57  GLU A CA  1 
ATOM   419  C C   . GLU A 1 57  ? 18.464  -8.018  5.316   1.00 64.96  ? 57  GLU A C   1 
ATOM   420  O O   . GLU A 1 57  ? 19.184  -7.520  4.449   1.00 67.07  ? 57  GLU A O   1 
ATOM   421  C CB  . GLU A 1 57  ? 18.980  -10.389 5.989   1.00 70.84  ? 57  GLU A CB  1 
ATOM   422  C CG  . GLU A 1 57  ? 19.865  -10.774 4.810   1.00 76.18  ? 57  GLU A CG  1 
ATOM   423  C CD  . GLU A 1 57  ? 19.750  -12.246 4.420   1.00 81.46  ? 57  GLU A CD  1 
ATOM   424  O OE1 . GLU A 1 57  ? 19.360  -13.080 5.273   1.00 83.23  ? 57  GLU A OE1 1 
ATOM   425  O OE2 . GLU A 1 57  ? 20.059  -12.571 3.249   1.00 83.58  ? 57  GLU A OE2 1 
ATOM   426  N N   . LEU A 1 58  ? 17.146  -7.823  5.369   1.00 61.53  ? 58  LEU A N   1 
ATOM   427  C CA  . LEU A 1 58  ? 16.445  -6.931  4.435   1.00 60.33  ? 58  LEU A CA  1 
ATOM   428  C C   . LEU A 1 58  ? 16.780  -5.459  4.671   1.00 56.24  ? 58  LEU A C   1 
ATOM   429  O O   . LEU A 1 58  ? 17.000  -4.709  3.720   1.00 52.99  ? 58  LEU A O   1 
ATOM   430  C CB  . LEU A 1 58  ? 14.927  -7.134  4.523   1.00 59.96  ? 58  LEU A CB  1 
ATOM   431  C CG  . LEU A 1 58  ? 14.402  -8.458  3.963   1.00 60.25  ? 58  LEU A CG  1 
ATOM   432  C CD1 . LEU A 1 58  ? 12.978  -8.709  4.424   1.00 58.91  ? 58  LEU A CD1 1 
ATOM   433  C CD2 . LEU A 1 58  ? 14.490  -8.480  2.443   1.00 61.19  ? 58  LEU A CD2 1 
ATOM   434  N N   . ARG A 1 59  ? 16.815  -5.059  5.937   1.00 57.17  ? 59  ARG A N   1 
ATOM   435  C CA  . ARG A 1 59  ? 17.171  -3.691  6.314   1.00 60.07  ? 59  ARG A CA  1 
ATOM   436  C C   . ARG A 1 59  ? 18.596  -3.342  5.894   1.00 59.21  ? 59  ARG A C   1 
ATOM   437  O O   . ARG A 1 59  ? 18.850  -2.234  5.433   1.00 64.32  ? 59  ARG A O   1 
ATOM   438  C CB  . ARG A 1 59  ? 17.016  -3.485  7.821   1.00 63.26  ? 59  ARG A CB  1 
ATOM   439  C CG  . ARG A 1 59  ? 15.621  -3.061  8.261   1.00 65.73  ? 59  ARG A CG  1 
ATOM   440  C CD  . ARG A 1 59  ? 15.260  -3.618  9.632   1.00 70.21  ? 59  ARG A CD  1 
ATOM   441  N NE  . ARG A 1 59  ? 16.369  -3.546  10.586  1.00 74.01  ? 59  ARG A NE  1 
ATOM   442  C CZ  . ARG A 1 59  ? 16.461  -4.269  11.703  1.00 76.53  ? 59  ARG A CZ  1 
ATOM   443  N NH1 . ARG A 1 59  ? 15.502  -5.126  12.042  1.00 78.94  ? 59  ARG A NH1 1 
ATOM   444  N NH2 . ARG A 1 59  ? 17.521  -4.128  12.495  1.00 76.79  ? 59  ARG A NH2 1 
ATOM   445  N N   . GLY A 1 60  ? 19.516  -4.287  6.055   1.00 58.75  ? 60  GLY A N   1 
ATOM   446  C CA  . GLY A 1 60  ? 20.900  -4.101  5.622   1.00 57.65  ? 60  GLY A CA  1 
ATOM   447  C C   . GLY A 1 60  ? 21.051  -4.077  4.113   1.00 55.92  ? 60  GLY A C   1 
ATOM   448  O O   . GLY A 1 60  ? 21.963  -3.453  3.588   1.00 56.93  ? 60  GLY A O   1 
ATOM   449  N N   . LYS A 1 61  ? 20.151  -4.760  3.415   1.00 57.43  ? 61  LYS A N   1 
ATOM   450  C CA  . LYS A 1 61  ? 20.194  -4.854  1.958   1.00 57.03  ? 61  LYS A CA  1 
ATOM   451  C C   . LYS A 1 61  ? 19.500  -3.672  1.271   1.00 59.17  ? 61  LYS A C   1 
ATOM   452  O O   . LYS A 1 61  ? 20.054  -3.078  0.341   1.00 63.32  ? 61  LYS A O   1 
ATOM   453  C CB  . LYS A 1 61  ? 19.568  -6.182  1.512   1.00 55.10  ? 61  LYS A CB  1 
ATOM   454  C CG  . LYS A 1 61  ? 19.413  -6.364  0.012   1.00 55.82  ? 61  LYS A CG  1 
ATOM   455  C CD  . LYS A 1 61  ? 20.731  -6.235  -0.735  1.00 57.84  ? 61  LYS A CD  1 
ATOM   456  C CE  . LYS A 1 61  ? 20.541  -6.487  -2.222  1.00 58.65  ? 61  LYS A CE  1 
ATOM   457  N NZ  . LYS A 1 61  ? 20.062  -7.871  -2.503  1.00 58.39  ? 61  LYS A NZ  1 
ATOM   458  N N   . TYR A 1 62  ? 18.287  -3.347  1.720   1.00 58.59  ? 62  TYR A N   1 
ATOM   459  C CA  . TYR A 1 62  ? 17.453  -2.332  1.062   1.00 56.66  ? 62  TYR A CA  1 
ATOM   460  C C   . TYR A 1 62  ? 17.289  -1.016  1.825   1.00 55.18  ? 62  TYR A C   1 
ATOM   461  O O   . TYR A 1 62  ? 16.959  0.002   1.217   1.00 57.65  ? 62  TYR A O   1 
ATOM   462  C CB  . TYR A 1 62  ? 16.066  -2.900  0.790   1.00 55.68  ? 62  TYR A CB  1 
ATOM   463  C CG  . TYR A 1 62  ? 16.074  -4.149  -0.048  1.00 55.63  ? 62  TYR A CG  1 
ATOM   464  C CD1 . TYR A 1 62  ? 16.237  -4.085  -1.426  1.00 56.55  ? 62  TYR A CD1 1 
ATOM   465  C CD2 . TYR A 1 62  ? 15.909  -5.399  0.539   1.00 55.80  ? 62  TYR A CD2 1 
ATOM   466  C CE1 . TYR A 1 62  ? 16.241  -5.233  -2.195  1.00 57.88  ? 62  TYR A CE1 1 
ATOM   467  C CE2 . TYR A 1 62  ? 15.905  -6.549  -0.218  1.00 55.98  ? 62  TYR A CE2 1 
ATOM   468  C CZ  . TYR A 1 62  ? 16.069  -6.464  -1.581  1.00 57.68  ? 62  TYR A CZ  1 
ATOM   469  O OH  . TYR A 1 62  ? 16.060  -7.621  -2.326  1.00 57.90  ? 62  TYR A OH  1 
ATOM   470  N N   . GLY A 1 63  ? 17.490  -1.039  3.139   1.00 56.46  ? 63  GLY A N   1 
ATOM   471  C CA  . GLY A 1 63  ? 17.331  0.152   3.976   1.00 57.12  ? 63  GLY A CA  1 
ATOM   472  C C   . GLY A 1 63  ? 15.947  0.232   4.591   1.00 57.03  ? 63  GLY A C   1 
ATOM   473  O O   . GLY A 1 63  ? 15.763  -0.102  5.763   1.00 60.58  ? 63  GLY A O   1 
ATOM   474  N N   . LYS A 1 64  ? 14.977  0.689   3.799   1.00 53.25  ? 64  LYS A N   1 
ATOM   475  C CA  . LYS A 1 64  ? 13.583  0.775   4.233   1.00 51.85  ? 64  LYS A CA  1 
ATOM   476  C C   . LYS A 1 64  ? 12.846  -0.504  3.848   1.00 48.00  ? 64  LYS A C   1 
ATOM   477  O O   . LYS A 1 64  ? 12.896  -0.935  2.694   1.00 47.91  ? 64  LYS A O   1 
ATOM   478  C CB  . LYS A 1 64  ? 12.894  1.981   3.596   1.00 53.59  ? 64  LYS A CB  1 
ATOM   479  C CG  . LYS A 1 64  ? 13.496  3.323   3.990   1.00 57.78  ? 64  LYS A CG  1 
ATOM   480  C CD  . LYS A 1 64  ? 13.137  3.670   5.422   1.00 61.35  ? 64  LYS A CD  1 
ATOM   481  C CE  . LYS A 1 64  ? 13.641  5.044   5.845   1.00 63.50  ? 64  LYS A CE  1 
ATOM   482  N NZ  . LYS A 1 64  ? 13.492  5.327   7.306   1.00 65.29  ? 64  LYS A NZ  1 
ATOM   483  N N   . VAL A 1 65  ? 12.162  -1.103  4.814   1.00 43.69  ? 65  VAL A N   1 
ATOM   484  C CA  . VAL A 1 65  ? 11.493  -2.379  4.604   1.00 44.41  ? 65  VAL A CA  1 
ATOM   485  C C   . VAL A 1 65  ? 10.050  -2.325  5.097   1.00 43.76  ? 65  VAL A C   1 
ATOM   486  O O   . VAL A 1 65  ? 9.773   -1.818  6.191   1.00 43.41  ? 65  VAL A O   1 
ATOM   487  C CB  . VAL A 1 65  ? 12.249  -3.539  5.308   1.00 45.21  ? 65  VAL A CB  1 
ATOM   488  C CG1 . VAL A 1 65  ? 11.496  -4.854  5.154   1.00 46.51  ? 65  VAL A CG1 1 
ATOM   489  C CG2 . VAL A 1 65  ? 13.652  -3.685  4.734   1.00 44.67  ? 65  VAL A CG2 1 
ATOM   490  N N   . ALA A 1 66  ? 9.136   -2.844  4.278   1.00 44.53  ? 66  ALA A N   1 
ATOM   491  C CA  . ALA A 1 66  ? 7.742   -3.028  4.682   1.00 44.79  ? 66  ALA A CA  1 
ATOM   492  C C   . ALA A 1 66  ? 7.407   -4.512  4.737   1.00 46.09  ? 66  ALA A C   1 
ATOM   493  O O   . ALA A 1 66  ? 8.010   -5.324  4.037   1.00 48.70  ? 66  ALA A O   1 
ATOM   494  C CB  . ALA A 1 66  ? 6.817   -2.319  3.723   1.00 43.68  ? 66  ALA A CB  1 
ATOM   495  N N   . LEU A 1 67  ? 6.444   -4.858  5.578   1.00 48.42  ? 67  LEU A N   1 
ATOM   496  C CA  . LEU A 1 67  ? 5.994   -6.229  5.718   1.00 51.35  ? 67  LEU A CA  1 
ATOM   497  C C   . LEU A 1 67  ? 4.535   -6.330  5.282   1.00 51.96  ? 67  LEU A C   1 
ATOM   498  O O   . LEU A 1 67  ? 3.651   -5.743  5.916   1.00 58.56  ? 67  LEU A O   1 
ATOM   499  C CB  . LEU A 1 67  ? 6.151   -6.666  7.171   1.00 54.08  ? 67  LEU A CB  1 
ATOM   500  C CG  . LEU A 1 67  ? 5.991   -8.153  7.472   1.00 57.75  ? 67  LEU A CG  1 
ATOM   501  C CD1 . LEU A 1 67  ? 7.110   -8.962  6.827   1.00 58.37  ? 67  LEU A CD1 1 
ATOM   502  C CD2 . LEU A 1 67  ? 5.969   -8.359  8.980   1.00 59.06  ? 67  LEU A CD2 1 
ATOM   503  N N   . LEU A 1 68  ? 4.283   -7.064  4.203   1.00 49.53  ? 68  LEU A N   1 
ATOM   504  C CA  . LEU A 1 68  ? 2.926   -7.225  3.682   1.00 49.77  ? 68  LEU A CA  1 
ATOM   505  C C   . LEU A 1 68  ? 2.316   -8.543  4.146   1.00 49.46  ? 68  LEU A C   1 
ATOM   506  O O   . LEU A 1 68  ? 2.734   -9.618  3.710   1.00 47.68  ? 68  LEU A O   1 
ATOM   507  C CB  . LEU A 1 68  ? 2.920   -7.149  2.153   1.00 48.35  ? 68  LEU A CB  1 
ATOM   508  C CG  . LEU A 1 68  ? 1.571   -7.419  1.472   1.00 50.16  ? 68  LEU A CG  1 
ATOM   509  C CD1 . LEU A 1 68  ? 0.571   -6.319  1.785   1.00 51.13  ? 68  LEU A CD1 1 
ATOM   510  C CD2 . LEU A 1 68  ? 1.755   -7.575  -0.027  1.00 50.27  ? 68  LEU A CD2 1 
ATOM   511  N N   . LEU A 1 69  ? 1.317   -8.446  5.019   1.00 50.32  ? 69  LEU A N   1 
ATOM   512  C CA  . LEU A 1 69  ? 0.626   -9.616  5.539   1.00 53.39  ? 69  LEU A CA  1 
ATOM   513  C C   . LEU A 1 69  ? -0.549  -9.981  4.643   1.00 55.25  ? 69  LEU A C   1 
ATOM   514  O O   . LEU A 1 69  ? -1.455  -9.171  4.435   1.00 50.57  ? 69  LEU A O   1 
ATOM   515  C CB  . LEU A 1 69  ? 0.114   -9.360  6.959   1.00 53.81  ? 69  LEU A CB  1 
ATOM   516  C CG  . LEU A 1 69  ? 1.128   -8.921  8.013   1.00 55.35  ? 69  LEU A CG  1 
ATOM   517  C CD1 . LEU A 1 69  ? 0.436   -8.816  9.368   1.00 56.85  ? 69  LEU A CD1 1 
ATOM   518  C CD2 . LEU A 1 69  ? 2.322   -9.868  8.081   1.00 57.44  ? 69  LEU A CD2 1 
ATOM   519  N N   . VAL A 1 70  ? -0.523  -11.201 4.111   1.00 59.51  ? 70  VAL A N   1 
ATOM   520  C CA  . VAL A 1 70  ? -1.672  -11.759 3.405   1.00 63.24  ? 70  VAL A CA  1 
ATOM   521  C C   . VAL A 1 70  ? -2.173  -12.963 4.212   1.00 65.03  ? 70  VAL A C   1 
ATOM   522  O O   . VAL A 1 70  ? -1.432  -13.916 4.458   1.00 63.32  ? 70  VAL A O   1 
ATOM   523  C CB  . VAL A 1 70  ? -1.338  -12.120 1.938   1.00 64.88  ? 70  VAL A CB  1 
ATOM   524  C CG1 . VAL A 1 70  ? -0.577  -10.982 1.268   1.00 65.08  ? 70  VAL A CG1 1 
ATOM   525  C CG2 . VAL A 1 70  ? -0.527  -13.399 1.835   1.00 66.67  ? 70  VAL A CG2 1 
ATOM   526  N N   . THR A 1 71  ? -3.422  -12.890 4.661   1.00 68.67  ? 71  THR A N   1 
ATOM   527  C CA  . THR A 1 71  ? -3.992  -13.915 5.533   1.00 72.02  ? 71  THR A CA  1 
ATOM   528  C C   . THR A 1 71  ? -5.509  -13.769 5.641   1.00 71.47  ? 71  THR A C   1 
ATOM   529  O O   . THR A 1 71  ? -6.074  -12.737 5.275   1.00 69.07  ? 71  THR A O   1 
ATOM   530  C CB  . THR A 1 71  ? -3.370  -13.864 6.950   1.00 74.41  ? 71  THR A CB  1 
ATOM   531  O OG1 . THR A 1 71  ? -3.955  -14.881 7.771   1.00 81.28  ? 71  THR A OG1 1 
ATOM   532  C CG2 . THR A 1 71  ? -3.592  -12.509 7.611   1.00 74.18  ? 71  THR A CG2 1 
ATOM   533  N N   . ARG A 1 72  ? -6.156  -14.820 6.139   1.00 74.96  ? 72  ARG A N   1 
ATOM   534  C CA  . ARG A 1 72  ? -7.597  -14.814 6.374   1.00 77.85  ? 72  ARG A CA  1 
ATOM   535  C C   . ARG A 1 72  ? -7.896  -15.027 7.857   1.00 77.68  ? 72  ARG A C   1 
ATOM   536  O O   . ARG A 1 72  ? -8.891  -15.658 8.213   1.00 81.73  ? 72  ARG A O   1 
ATOM   537  C CB  . ARG A 1 72  ? -8.282  -15.899 5.530   1.00 81.85  ? 72  ARG A CB  1 
ATOM   538  C CG  . ARG A 1 72  ? -8.136  -15.729 4.024   1.00 86.20  ? 72  ARG A CG  1 
ATOM   539  C CD  . ARG A 1 72  ? -8.667  -14.382 3.549   1.00 88.89  ? 72  ARG A CD  1 
ATOM   540  N NE  . ARG A 1 72  ? -9.147  -14.428 2.169   1.00 90.89  ? 72  ARG A NE  1 
ATOM   541  C CZ  . ARG A 1 72  ? -10.343 -14.879 1.793   1.00 93.24  ? 72  ARG A CZ  1 
ATOM   542  N NH1 . ARG A 1 72  ? -11.213 -15.345 2.688   1.00 94.02  ? 72  ARG A NH1 1 
ATOM   543  N NH2 . ARG A 1 72  ? -10.671 -14.869 0.507   1.00 94.03  ? 72  ARG A NH2 1 
ATOM   544  N N   . LYS A 1 73  ? -7.034  -14.491 8.719   1.00 76.29  ? 73  LYS A N   1 
ATOM   545  C CA  . LYS A 1 73  ? -7.202  -14.611 10.163  1.00 78.28  ? 73  LYS A CA  1 
ATOM   546  C C   . LYS A 1 73  ? -6.903  -13.274 10.834  1.00 77.16  ? 73  LYS A C   1 
ATOM   547  O O   . LYS A 1 73  ? -5.739  -12.917 11.004  1.00 79.46  ? 73  LYS A O   1 
ATOM   548  C CB  . LYS A 1 73  ? -6.290  -15.707 10.717  1.00 81.11  ? 73  LYS A CB  1 
ATOM   549  C CG  . LYS A 1 73  ? -6.674  -17.106 10.257  1.00 83.99  ? 73  LYS A CG  1 
ATOM   550  C CD  . LYS A 1 73  ? -5.677  -18.152 10.722  1.00 87.41  ? 73  LYS A CD  1 
ATOM   551  C CE  . LYS A 1 73  ? -6.006  -19.513 10.127  1.00 89.68  ? 73  LYS A CE  1 
ATOM   552  N NZ  . LYS A 1 73  ? -5.122  -20.588 10.653  1.00 90.81  ? 73  LYS A NZ  1 
ATOM   553  N N   . PRO A 1 74  ? -7.958  -12.520 11.203  1.00 76.21  ? 74  PRO A N   1 
ATOM   554  C CA  . PRO A 1 74  ? -7.834  -11.219 11.869  1.00 76.22  ? 74  PRO A CA  1 
ATOM   555  C C   . PRO A 1 74  ? -6.894  -11.192 13.079  1.00 77.62  ? 74  PRO A C   1 
ATOM   556  O O   . PRO A 1 74  ? -6.180  -10.208 13.283  1.00 79.53  ? 74  PRO A O   1 
ATOM   557  C CB  . PRO A 1 74  ? -9.270  -10.931 12.304  1.00 76.34  ? 74  PRO A CB  1 
ATOM   558  C CG  . PRO A 1 74  ? -10.098 -11.566 11.247  1.00 76.73  ? 74  PRO A CG  1 
ATOM   559  C CD  . PRO A 1 74  ? -9.365  -12.823 10.873  1.00 76.57  ? 74  PRO A CD  1 
ATOM   560  N N   . SER A 1 75  ? -6.893  -12.264 13.867  1.00 78.64  ? 75  SER A N   1 
ATOM   561  C CA  . SER A 1 75  ? -6.066  -12.347 15.076  1.00 80.89  ? 75  SER A CA  1 
ATOM   562  C C   . SER A 1 75  ? -4.562  -12.196 14.810  1.00 78.78  ? 75  SER A C   1 
ATOM   563  O O   . SER A 1 75  ? -3.815  -11.764 15.687  1.00 80.41  ? 75  SER A O   1 
ATOM   564  C CB  . SER A 1 75  ? -6.331  -13.671 15.809  1.00 82.37  ? 75  SER A CB  1 
ATOM   565  O OG  . SER A 1 75  ? -6.202  -14.781 14.934  1.00 81.85  ? 75  SER A OG  1 
ATOM   566  N N   . LEU A 1 76  ? -4.124  -12.553 13.606  1.00 76.92  ? 76  LEU A N   1 
ATOM   567  C CA  . LEU A 1 76  ? -2.711  -12.441 13.225  1.00 78.08  ? 76  LEU A CA  1 
ATOM   568  C C   . LEU A 1 76  ? -2.264  -10.988 13.028  1.00 77.06  ? 76  LEU A C   1 
ATOM   569  O O   . LEU A 1 76  ? -1.112  -10.655 13.302  1.00 74.31  ? 76  LEU A O   1 
ATOM   570  C CB  . LEU A 1 76  ? -2.426  -13.246 11.952  1.00 78.57  ? 76  LEU A CB  1 
ATOM   571  C CG  . LEU A 1 76  ? -2.272  -14.766 12.104  1.00 81.60  ? 76  LEU A CG  1 
ATOM   572  C CD1 . LEU A 1 76  ? -3.382  -15.413 12.922  1.00 84.04  ? 76  LEU A CD1 1 
ATOM   573  C CD2 . LEU A 1 76  ? -2.205  -15.400 10.729  1.00 82.18  ? 76  LEU A CD2 1 
ATOM   574  N N   . ILE A 1 77  ? -3.176  -10.135 12.559  1.00 75.39  ? 77  ILE A N   1 
ATOM   575  C CA  . ILE A 1 77  ? -2.884  -8.715  12.354  1.00 73.32  ? 77  ILE A CA  1 
ATOM   576  C C   . ILE A 1 77  ? -2.575  -8.053  13.694  1.00 74.00  ? 77  ILE A C   1 
ATOM   577  O O   . ILE A 1 77  ? -1.623  -7.276  13.796  1.00 73.97  ? 77  ILE A O   1 
ATOM   578  C CB  . ILE A 1 77  ? -4.045  -7.964  11.642  1.00 72.49  ? 77  ILE A CB  1 
ATOM   579  C CG1 . ILE A 1 77  ? -4.049  -8.239  10.132  1.00 72.19  ? 77  ILE A CG1 1 
ATOM   580  C CG2 . ILE A 1 77  ? -3.926  -6.453  11.838  1.00 70.72  ? 77  ILE A CG2 1 
ATOM   581  C CD1 . ILE A 1 77  ? -4.368  -9.662  9.734   1.00 73.00  ? 77  ILE A CD1 1 
ATOM   582  N N   . ARG A 1 78  ? -3.380  -8.361  14.710  1.00 75.11  ? 78  ARG A N   1 
ATOM   583  C CA  . ARG A 1 78  ? -3.162  -7.832  16.061  1.00 76.38  ? 78  ARG A CA  1 
ATOM   584  C C   . ARG A 1 78  ? -1.873  -8.379  16.665  1.00 74.30  ? 78  ARG A C   1 
ATOM   585  O O   . ARG A 1 78  ? -1.118  -7.648  17.304  1.00 73.77  ? 78  ARG A O   1 
ATOM   586  C CB  . ARG A 1 78  ? -4.336  -8.179  16.983  1.00 78.53  ? 78  ARG A CB  1 
ATOM   587  C CG  . ARG A 1 78  ? -4.426  -7.295  18.218  1.00 81.59  ? 78  ARG A CG  1 
ATOM   588  C CD  . ARG A 1 78  ? -5.406  -7.834  19.250  1.00 83.96  ? 78  ARG A CD  1 
ATOM   589  N NE  . ARG A 1 78  ? -6.761  -8.011  18.716  1.00 86.77  ? 78  ARG A NE  1 
ATOM   590  C CZ  . ARG A 1 78  ? -7.288  -9.164  18.293  1.00 90.03  ? 78  ARG A CZ  1 
ATOM   591  N NH1 . ARG A 1 78  ? -6.593  -10.301 18.321  1.00 89.66  ? 78  ARG A NH1 1 
ATOM   592  N NH2 . ARG A 1 78  ? -8.535  -9.181  17.833  1.00 91.33  ? 78  ARG A NH2 1 
ATOM   593  N N   . GLU A 1 79  ? -1.630  -9.669  16.454  1.00 73.97  ? 79  GLU A N   1 
ATOM   594  C CA  . GLU A 1 79  ? -0.472  -10.343 17.031  1.00 75.20  ? 79  GLU A CA  1 
ATOM   595  C C   . GLU A 1 79  ? 0.838   -9.789  16.481  1.00 70.25  ? 79  GLU A C   1 
ATOM   596  O O   . GLU A 1 79  ? 1.776   -9.555  17.238  1.00 68.97  ? 79  GLU A O   1 
ATOM   597  C CB  . GLU A 1 79  ? -0.561  -11.857 16.792  1.00 78.71  ? 79  GLU A CB  1 
ATOM   598  C CG  . GLU A 1 79  ? 0.483   -12.683 17.534  1.00 82.14  ? 79  GLU A CG  1 
ATOM   599  C CD  . GLU A 1 79  ? 0.438   -12.506 19.047  1.00 87.05  ? 79  GLU A CD  1 
ATOM   600  O OE1 . GLU A 1 79  ? -0.671  -12.360 19.609  1.00 88.30  ? 79  GLU A OE1 1 
ATOM   601  O OE2 . GLU A 1 79  ? 1.517   -12.519 19.679  1.00 88.13  ? 79  GLU A OE2 1 
ATOM   602  N N   . VAL A 1 80  ? 0.892   -9.574  15.169  1.00 68.45  ? 80  VAL A N   1 
ATOM   603  C CA  . VAL A 1 80  ? 2.081   -9.009  14.521  1.00 67.92  ? 80  VAL A CA  1 
ATOM   604  C C   . VAL A 1 80  ? 2.290   -7.541  14.921  1.00 69.43  ? 80  VAL A C   1 
ATOM   605  O O   . VAL A 1 80  ? 3.421   -7.106  15.134  1.00 68.72  ? 80  VAL A O   1 
ATOM   606  C CB  . VAL A 1 80  ? 1.997   -9.137  12.985  1.00 66.21  ? 80  VAL A CB  1 
ATOM   607  C CG1 . VAL A 1 80  ? 3.156   -8.415  12.308  1.00 65.53  ? 80  VAL A CG1 1 
ATOM   608  C CG2 . VAL A 1 80  ? 1.985   -10.603 12.572  1.00 65.97  ? 80  VAL A CG2 1 
ATOM   609  N N   . LYS A 1 81  ? 1.198   -6.789  15.027  1.00 70.74  ? 81  LYS A N   1 
ATOM   610  C CA  . LYS A 1 81  ? 1.251   -5.386  15.436  1.00 73.24  ? 81  LYS A CA  1 
ATOM   611  C C   . LYS A 1 81  ? 1.780   -5.208  16.866  1.00 77.25  ? 81  LYS A C   1 
ATOM   612  O O   . LYS A 1 81  ? 2.465   -4.225  17.157  1.00 73.84  ? 81  LYS A O   1 
ATOM   613  C CB  . LYS A 1 81  ? -0.140  -4.750  15.313  1.00 74.19  ? 81  LYS A CB  1 
ATOM   614  C CG  . LYS A 1 81  ? -0.185  -3.244  15.536  1.00 75.08  ? 81  LYS A CG  1 
ATOM   615  C CD  . LYS A 1 81  ? 0.497   -2.489  14.404  1.00 77.77  ? 81  LYS A CD  1 
ATOM   616  C CE  . LYS A 1 81  ? 0.436   -0.985  14.617  1.00 78.67  ? 81  LYS A CE  1 
ATOM   617  N NZ  . LYS A 1 81  ? 1.408   -0.517  15.643  1.00 81.30  ? 81  LYS A NZ  1 
ATOM   618  N N   . SER A 1 82  ? 1.463   -6.157  17.748  1.00 80.44  ? 82  SER A N   1 
ATOM   619  C CA  . SER A 1 82  ? 1.855   -6.070  19.163  1.00 82.85  ? 82  SER A CA  1 
ATOM   620  C C   . SER A 1 82  ? 3.361   -6.248  19.409  1.00 83.45  ? 82  SER A C   1 
ATOM   621  O O   . SER A 1 82  ? 3.876   -5.788  20.430  1.00 85.64  ? 82  SER A O   1 
ATOM   622  C CB  . SER A 1 82  ? 1.082   -7.097  19.996  1.00 82.13  ? 82  SER A CB  1 
ATOM   623  O OG  . SER A 1 82  ? 1.457   -8.419  19.652  1.00 82.88  ? 82  SER A OG  1 
ATOM   624  N N   . ARG A 1 83  ? 4.060   -6.903  18.484  1.00 82.37  ? 83  ARG A N   1 
ATOM   625  C CA  . ARG A 1 83  ? 5.485   -7.197  18.665  1.00 82.53  ? 83  ARG A CA  1 
ATOM   626  C C   . ARG A 1 83  ? 6.372   -5.995  18.324  1.00 83.61  ? 83  ARG A C   1 
ATOM   627  O O   . ARG A 1 83  ? 7.527   -5.947  18.742  1.00 85.35  ? 83  ARG A O   1 
ATOM   628  C CB  . ARG A 1 83  ? 5.917   -8.410  17.828  1.00 83.13  ? 83  ARG A CB  1 
ATOM   629  C CG  . ARG A 1 83  ? 4.941   -9.582  17.782  1.00 84.83  ? 83  ARG A CG  1 
ATOM   630  C CD  . ARG A 1 83  ? 4.466   -10.053 19.151  1.00 86.44  ? 83  ARG A CD  1 
ATOM   631  N NE  . ARG A 1 83  ? 5.472   -10.853 19.851  1.00 89.52  ? 83  ARG A NE  1 
ATOM   632  C CZ  . ARG A 1 83  ? 5.283   -11.451 21.028  1.00 92.93  ? 83  ARG A CZ  1 
ATOM   633  N NH1 . ARG A 1 83  ? 4.119   -11.347 21.664  1.00 93.26  ? 83  ARG A NH1 1 
ATOM   634  N NH2 . ARG A 1 83  ? 6.268   -12.157 21.578  1.00 92.87  ? 83  ARG A NH2 1 
ATOM   635  N N   . ASN A 1 84  ? 5.834   -5.039  17.564  1.00 85.07  ? 84  ASN A N   1 
ATOM   636  C CA  . ASN A 1 84  ? 6.556   -3.817  17.183  1.00 84.08  ? 84  ASN A CA  1 
ATOM   637  C C   . ASN A 1 84  ? 7.891   -4.093  16.477  1.00 84.31  ? 84  ASN A C   1 
ATOM   638  O O   . ASN A 1 84  ? 8.963   -3.882  17.049  1.00 85.99  ? 84  ASN A O   1 
ATOM   639  C CB  . ASN A 1 84  ? 6.777   -2.913  18.406  1.00 84.77  ? 84  ASN A CB  1 
ATOM   640  C CG  . ASN A 1 84  ? 5.473   -2.490  19.073  1.00 87.45  ? 84  ASN A CG  1 
ATOM   641  O OD1 . ASN A 1 84  ? 4.422   -2.421  18.435  1.00 84.95  ? 84  ASN A OD1 1 
ATOM   642  N ND2 . ASN A 1 84  ? 5.543   -2.194  20.367  1.00 90.02  ? 84  ASN A ND2 1 
ATOM   643  N N   . LEU A 1 85  ? 7.809   -4.550  15.228  1.00 82.64  ? 85  LEU A N   1 
ATOM   644  C CA  . LEU A 1 85  ? 8.991   -4.915  14.441  1.00 80.37  ? 85  LEU A CA  1 
ATOM   645  C C   . LEU A 1 85  ? 9.547   -3.696  13.714  1.00 77.12  ? 85  LEU A C   1 
ATOM   646  O O   . LEU A 1 85  ? 8.829   -2.722  13.483  1.00 72.19  ? 85  LEU A O   1 
ATOM   647  C CB  . LEU A 1 85  ? 8.652   -6.006  13.419  1.00 80.74  ? 85  LEU A CB  1 
ATOM   648  C CG  . LEU A 1 85  ? 8.208   -7.368  13.973  1.00 83.80  ? 85  LEU A CG  1 
ATOM   649  C CD1 . LEU A 1 85  ? 6.713   -7.395  14.259  1.00 85.48  ? 85  LEU A CD1 1 
ATOM   650  C CD2 . LEU A 1 85  ? 8.571   -8.497  13.017  1.00 83.24  ? 85  LEU A CD2 1 
ATOM   651  N N   . LYS A 1 86  ? 10.825  -3.757  13.346  1.00 73.90  ? 86  LYS A N   1 
ATOM   652  C CA  . LYS A 1 86  ? 11.467  -2.664  12.616  1.00 71.02  ? 86  LYS A CA  1 
ATOM   653  C C   . LYS A 1 86  ? 11.091  -2.721  11.135  1.00 66.15  ? 86  LYS A C   1 
ATOM   654  O O   . LYS A 1 86  ? 11.924  -3.008  10.277  1.00 64.97  ? 86  LYS A O   1 
ATOM   655  C CB  . LYS A 1 86  ? 12.988  -2.716  12.781  1.00 73.83  ? 86  LYS A CB  1 
ATOM   656  C CG  . LYS A 1 86  ? 13.477  -2.409  14.184  1.00 77.76  ? 86  LYS A CG  1 
ATOM   657  C CD  . LYS A 1 86  ? 14.994  -2.310  14.218  1.00 78.44  ? 86  LYS A CD  1 
ATOM   658  C CE  . LYS A 1 86  ? 15.499  -1.823  15.564  1.00 80.14  ? 86  LYS A CE  1 
ATOM   659  N NZ  . LYS A 1 86  ? 16.975  -1.626  15.557  1.00 79.49  ? 86  LYS A NZ  1 
ATOM   660  N N   . ALA A 1 87  ? 9.826   -2.433  10.848  1.00 61.43  ? 87  ALA A N   1 
ATOM   661  C CA  . ALA A 1 87  ? 9.310   -2.473  9.485   1.00 56.67  ? 87  ALA A CA  1 
ATOM   662  C C   . ALA A 1 87  ? 7.928   -1.847  9.443   1.00 53.18  ? 87  ALA A C   1 
ATOM   663  O O   . ALA A 1 87  ? 7.207   -1.849  10.446  1.00 51.06  ? 87  ALA A O   1 
ATOM   664  C CB  . ALA A 1 87  ? 9.248   -3.910  8.981   1.00 57.05  ? 87  ALA A CB  1 
ATOM   665  N N   . LEU A 1 88  ? 7.561   -1.313  8.280   1.00 49.97  ? 88  LEU A N   1 
ATOM   666  C CA  . LEU A 1 88  ? 6.194   -0.874  8.054   1.00 47.55  ? 88  LEU A CA  1 
ATOM   667  C C   . LEU A 1 88  ? 5.328   -2.112  7.957   1.00 47.25  ? 88  LEU A C   1 
ATOM   668  O O   . LEU A 1 88  ? 5.720   -3.105  7.343   1.00 45.69  ? 88  LEU A O   1 
ATOM   669  C CB  . LEU A 1 88  ? 6.061   -0.074  6.760   1.00 47.44  ? 88  LEU A CB  1 
ATOM   670  C CG  . LEU A 1 88  ? 6.877   1.205   6.659   1.00 47.79  ? 88  LEU A CG  1 
ATOM   671  C CD1 . LEU A 1 88  ? 6.678   1.845   5.300   1.00 48.17  ? 88  LEU A CD1 1 
ATOM   672  C CD2 . LEU A 1 88  ? 6.556   2.192   7.772   1.00 47.90  ? 88  LEU A CD2 1 
ATOM   673  N N   . LEU A 1 89  ? 4.147   -2.053  8.561   1.00 47.71  ? 89  LEU A N   1 
ATOM   674  C CA  . LEU A 1 89  ? 3.211   -3.157  8.497   1.00 47.62  ? 89  LEU A CA  1 
ATOM   675  C C   . LEU A 1 89  ? 2.122   -2.837  7.481   1.00 46.38  ? 89  LEU A C   1 
ATOM   676  O O   . LEU A 1 89  ? 1.272   -1.982  7.722   1.00 45.62  ? 89  LEU A O   1 
ATOM   677  C CB  . LEU A 1 89  ? 2.614   -3.431  9.881   1.00 48.52  ? 89  LEU A CB  1 
ATOM   678  C CG  . LEU A 1 89  ? 1.807   -4.728  10.043  1.00 49.69  ? 89  LEU A CG  1 
ATOM   679  C CD1 . LEU A 1 89  ? 2.660   -5.943  9.731   1.00 48.63  ? 89  LEU A CD1 1 
ATOM   680  C CD2 . LEU A 1 89  ? 1.235   -4.833  11.454  1.00 50.24  ? 89  LEU A CD2 1 
ATOM   681  N N   . TYR A 1 90  ? 2.178   -3.506  6.335   1.00 43.66  ? 90  TYR A N   1 
ATOM   682  C CA  . TYR A 1 90  ? 1.104   -3.449  5.350   1.00 44.78  ? 90  TYR A CA  1 
ATOM   683  C C   . TYR A 1 90  ? 0.205   -4.668  5.499   1.00 44.92  ? 90  TYR A C   1 
ATOM   684  O O   . TYR A 1 90  ? 0.633   -5.707  5.996   1.00 45.12  ? 90  TYR A O   1 
ATOM   685  C CB  . TYR A 1 90  ? 1.651   -3.433  3.922   1.00 43.57  ? 90  TYR A CB  1 
ATOM   686  C CG  . TYR A 1 90  ? 2.519   -2.255  3.542   1.00 42.75  ? 90  TYR A CG  1 
ATOM   687  C CD1 . TYR A 1 90  ? 2.460   -1.042  4.232   1.00 43.00  ? 90  TYR A CD1 1 
ATOM   688  C CD2 . TYR A 1 90  ? 3.366   -2.343  2.448   1.00 40.30  ? 90  TYR A CD2 1 
ATOM   689  C CE1 . TYR A 1 90  ? 3.251   0.031   3.860   1.00 41.71  ? 90  TYR A CE1 1 
ATOM   690  C CE2 . TYR A 1 90  ? 4.149   -1.278  2.066   1.00 40.87  ? 90  TYR A CE2 1 
ATOM   691  C CZ  . TYR A 1 90  ? 4.093   -0.095  2.775   1.00 42.17  ? 90  TYR A CZ  1 
ATOM   692  O OH  . TYR A 1 90  ? 4.884   0.956   2.382   1.00 41.61  ? 90  TYR A OH  1 
ATOM   693  N N   . VAL A 1 91  ? -1.044  -4.527  5.060   1.00 46.33  ? 91  VAL A N   1 
ATOM   694  C CA  . VAL A 1 91  ? -1.980  -5.642  4.993   1.00 45.24  ? 91  VAL A CA  1 
ATOM   695  C C   . VAL A 1 91  ? -2.627  -5.657  3.615   1.00 45.45  ? 91  VAL A C   1 
ATOM   696  O O   . VAL A 1 91  ? -3.080  -4.629  3.124   1.00 45.04  ? 91  VAL A O   1 
ATOM   697  C CB  . VAL A 1 91  ? -3.067  -5.551  6.083   1.00 45.83  ? 91  VAL A CB  1 
ATOM   698  C CG1 . VAL A 1 91  ? -4.098  -6.667  5.922   1.00 45.38  ? 91  VAL A CG1 1 
ATOM   699  C CG2 . VAL A 1 91  ? -2.440  -5.609  7.463   1.00 45.23  ? 91  VAL A CG2 1 
ATOM   700  N N   . GLN A 1 92  ? -2.653  -6.836  3.001   1.00 47.88  ? 92  GLN A N   1 
ATOM   701  C CA  . GLN A 1 92  ? -3.314  -7.044  1.724   1.00 50.29  ? 92  GLN A CA  1 
ATOM   702  C C   . GLN A 1 92  ? -4.826  -6.996  1.922   1.00 50.58  ? 92  GLN A C   1 
ATOM   703  O O   . GLN A 1 92  ? -5.375  -7.761  2.718   1.00 50.71  ? 92  GLN A O   1 
ATOM   704  C CB  . GLN A 1 92  ? -2.911  -8.406  1.153   1.00 52.89  ? 92  GLN A CB  1 
ATOM   705  C CG  . GLN A 1 92  ? -3.514  -8.767  -0.199  1.00 55.93  ? 92  GLN A CG  1 
ATOM   706  C CD  . GLN A 1 92  ? -2.652  -8.315  -1.359  1.00 59.39  ? 92  GLN A CD  1 
ATOM   707  O OE1 . GLN A 1 92  ? -2.603  -7.128  -1.676  1.00 66.28  ? 92  GLN A OE1 1 
ATOM   708  N NE2 . GLN A 1 92  ? -1.967  -9.259  -1.999  1.00 59.71  ? 92  GLN A NE2 1 
ATOM   709  N N   . GLY A 1 93  ? -5.485  -6.093  1.195   1.00 49.46  ? 93  GLY A N   1 
ATOM   710  C CA  . GLY A 1 93  ? -6.934  -5.980  1.221   1.00 48.02  ? 93  GLY A CA  1 
ATOM   711  C C   . GLY A 1 93  ? -7.605  -7.043  0.372   1.00 48.58  ? 93  GLY A C   1 
ATOM   712  O O   . GLY A 1 93  ? -6.939  -7.759  -0.366  1.00 48.05  ? 93  GLY A O   1 
ATOM   713  N N   . GLY A 1 94  ? -8.928  -7.144  0.478   1.00 50.22  ? 94  GLY A N   1 
ATOM   714  C CA  . GLY A 1 94  ? -9.699  -8.102  -0.307  1.00 53.40  ? 94  GLY A CA  1 
ATOM   715  C C   . GLY A 1 94  ? -10.769 -8.834  0.481   1.00 55.40  ? 94  GLY A C   1 
ATOM   716  O O   . GLY A 1 94  ? -11.847 -9.125  -0.048  1.00 58.42  ? 94  GLY A O   1 
ATOM   717  N N   . ASP A 1 95  ? -10.458 -9.162  1.733   1.00 57.02  ? 95  ASP A N   1 
ATOM   718  C CA  . ASP A 1 95  ? -11.425 -9.767  2.639   1.00 58.90  ? 95  ASP A CA  1 
ATOM   719  C C   . ASP A 1 95  ? -11.941 -8.668  3.561   1.00 58.98  ? 95  ASP A C   1 
ATOM   720  O O   . ASP A 1 95  ? -11.163 -7.854  4.062   1.00 55.88  ? 95  ASP A O   1 
ATOM   721  C CB  . ASP A 1 95  ? -10.766 -10.899 3.435   1.00 64.18  ? 95  ASP A CB  1 
ATOM   722  C CG  . ASP A 1 95  ? -11.745 -11.651 4.340   1.00 68.40  ? 95  ASP A CG  1 
ATOM   723  O OD1 . ASP A 1 95  ? -12.978 -11.474 4.221   1.00 74.36  ? 95  ASP A OD1 1 
ATOM   724  O OD2 . ASP A 1 95  ? -11.271 -12.442 5.178   1.00 72.75  ? 95  ASP A OD2 1 
ATOM   725  N N   . MET A 1 96  ? -13.253 -8.643  3.776   1.00 58.74  ? 96  MET A N   1 
ATOM   726  C CA  . MET A 1 96  ? -13.875 -7.575  4.549   1.00 61.88  ? 96  MET A CA  1 
ATOM   727  C C   . MET A 1 96  ? -13.523 -7.613  6.034   1.00 61.49  ? 96  MET A C   1 
ATOM   728  O O   . MET A 1 96  ? -13.381 -6.558  6.662   1.00 62.22  ? 96  MET A O   1 
ATOM   729  C CB  . MET A 1 96  ? -15.392 -7.586  4.360   1.00 63.99  ? 96  MET A CB  1 
ATOM   730  C CG  . MET A 1 96  ? -15.851 -6.835  3.123   1.00 67.14  ? 96  MET A CG  1 
ATOM   731  S SD  . MET A 1 96  ? -15.400 -5.085  3.146   1.00 71.70  ? 96  MET A SD  1 
ATOM   732  C CE  . MET A 1 96  ? -16.811 -4.386  2.290   1.00 75.43  ? 96  MET A CE  1 
ATOM   733  N N   . ARG A 1 97  ? -13.391 -8.817  6.592   1.00 63.68  ? 97  ARG A N   1 
ATOM   734  C CA  . ARG A 1 97  ? -12.910 -8.985  7.968   1.00 63.32  ? 97  ARG A CA  1 
ATOM   735  C C   . ARG A 1 97  ? -11.471 -8.485  8.112   1.00 58.41  ? 97  ARG A C   1 
ATOM   736  O O   . ARG A 1 97  ? -11.105 -7.898  9.136   1.00 56.18  ? 97  ARG A O   1 
ATOM   737  C CB  . ARG A 1 97  ? -12.972 -10.455 8.395   1.00 69.11  ? 97  ARG A CB  1 
ATOM   738  C CG  . ARG A 1 97  ? -14.376 -10.989 8.595   1.00 76.01  ? 97  ARG A CG  1 
ATOM   739  C CD  . ARG A 1 97  ? -14.367 -12.373 9.231   1.00 79.39  ? 97  ARG A CD  1 
ATOM   740  N NE  . ARG A 1 97  ? -15.721 -12.836 9.530   1.00 85.13  ? 97  ARG A NE  1 
ATOM   741  C CZ  . ARG A 1 97  ? -16.023 -13.994 10.116  1.00 91.26  ? 97  ARG A CZ  1 
ATOM   742  N NH1 . ARG A 1 97  ? -15.066 -14.845 10.482  1.00 93.74  ? 97  ARG A NH1 1 
ATOM   743  N NH2 . ARG A 1 97  ? -17.297 -14.305 10.338  1.00 92.11  ? 97  ARG A NH2 1 
ATOM   744  N N   . ILE A 1 98  ? -10.665 -8.731  7.082   1.00 54.28  ? 98  ILE A N   1 
ATOM   745  C CA  . ILE A 1 98  ? -9.266  -8.309  7.061   1.00 53.79  ? 98  ILE A CA  1 
ATOM   746  C C   . ILE A 1 98  ? -9.162  -6.806  6.884   1.00 50.59  ? 98  ILE A C   1 
ATOM   747  O O   . ILE A 1 98  ? -8.422  -6.148  7.614   1.00 48.96  ? 98  ILE A O   1 
ATOM   748  C CB  . ILE A 1 98  ? -8.472  -9.029  5.950   1.00 53.99  ? 98  ILE A CB  1 
ATOM   749  C CG1 . ILE A 1 98  ? -8.434  -10.541 6.227   1.00 55.12  ? 98  ILE A CG1 1 
ATOM   750  C CG2 . ILE A 1 98  ? -7.061  -8.466  5.821   1.00 53.80  ? 98  ILE A CG2 1 
ATOM   751  C CD1 . ILE A 1 98  ? -7.778  -10.944 7.535   1.00 54.64  ? 98  ILE A CD1 1 
ATOM   752  N N   . ASN A 1 99  ? -9.910  -6.272  5.921   1.00 48.80  ? 99  ASN A N   1 
ATOM   753  C CA  . ASN A 1 99  ? -9.971  -4.831  5.705   1.00 48.00  ? 99  ASN A CA  1 
ATOM   754  C C   . ASN A 1 99  ? -10.311 -4.081  6.991   1.00 48.60  ? 99  ASN A C   1 
ATOM   755  O O   . ASN A 1 99  ? -9.680  -3.079  7.304   1.00 48.40  ? 99  ASN A O   1 
ATOM   756  C CB  . ASN A 1 99  ? -10.999 -4.479  4.621   1.00 47.85  ? 99  ASN A CB  1 
ATOM   757  C CG  . ASN A 1 99  ? -10.541 -4.855  3.227   1.00 45.85  ? 99  ASN A CG  1 
ATOM   758  O OD1 . ASN A 1 99  ? -9.492  -5.453  3.050   1.00 46.34  ? 99  ASN A OD1 1 
ATOM   759  N ND2 . ASN A 1 99  ? -11.341 -4.514  2.228   1.00 46.04  ? 99  ASN A ND2 1 
ATOM   760  N N   . ARG A 1 100 ? -11.302 -4.575  7.728   1.00 49.58  ? 100 ARG A N   1 
ATOM   761  C CA  . ARG A 1 100 ? -11.726 -3.956  8.985   1.00 51.91  ? 100 ARG A CA  1 
ATOM   762  C C   . ARG A 1 100 ? -10.670 -4.091  10.080  1.00 49.78  ? 100 ARG A C   1 
ATOM   763  O O   . ARG A 1 100 ? -10.356 -3.116  10.766  1.00 49.63  ? 100 ARG A O   1 
ATOM   764  C CB  . ARG A 1 100 ? -13.049 -4.569  9.458   1.00 57.81  ? 100 ARG A CB  1 
ATOM   765  C CG  . ARG A 1 100 ? -13.721 -3.823  10.608  1.00 64.26  ? 100 ARG A CG  1 
ATOM   766  C CD  . ARG A 1 100 ? -14.660 -4.729  11.399  1.00 69.26  ? 100 ARG A CD  1 
ATOM   767  N NE  . ARG A 1 100 ? -13.930 -5.786  12.105  1.00 73.23  ? 100 ARG A NE  1 
ATOM   768  C CZ  . ARG A 1 100 ? -14.488 -6.734  12.858  1.00 77.32  ? 100 ARG A CZ  1 
ATOM   769  N NH1 . ARG A 1 100 ? -15.809 -6.786  13.029  1.00 77.16  ? 100 ARG A NH1 1 
ATOM   770  N NH2 . ARG A 1 100 ? -13.717 -7.642  13.451  1.00 78.95  ? 100 ARG A NH2 1 
ATOM   771  N N   . MET A 1 101 ? -10.124 -5.295  10.240  1.00 48.47  ? 101 MET A N   1 
ATOM   772  C CA  . MET A 1 101 ? -9.146  -5.566  11.298  1.00 48.82  ? 101 MET A CA  1 
ATOM   773  C C   . MET A 1 101 ? -7.817  -4.848  11.067  1.00 46.79  ? 101 MET A C   1 
ATOM   774  O O   . MET A 1 101 ? -7.139  -4.473  12.022  1.00 44.78  ? 101 MET A O   1 
ATOM   775  C CB  . MET A 1 101 ? -8.892  -7.069  11.427  1.00 52.20  ? 101 MET A CB  1 
ATOM   776  C CG  . MET A 1 101 ? -8.035  -7.456  12.632  1.00 56.20  ? 101 MET A CG  1 
ATOM   777  S SD  . MET A 1 101 ? -8.757  -6.953  14.210  1.00 62.88  ? 101 MET A SD  1 
ATOM   778  C CE  . MET A 1 101 ? -7.465  -7.441  15.345  1.00 64.25  ? 101 MET A CE  1 
ATOM   779  N N   . ALA A 1 102 ? -7.440  -4.677  9.803   1.00 45.49  ? 102 ALA A N   1 
ATOM   780  C CA  . ALA A 1 102 ? -6.252  -3.901  9.459   1.00 45.08  ? 102 ALA A CA  1 
ATOM   781  C C   . ALA A 1 102 ? -6.415  -2.447  9.899   1.00 45.10  ? 102 ALA A C   1 
ATOM   782  O O   . ALA A 1 102 ? -5.485  -1.855  10.445  1.00 46.83  ? 102 ALA A O   1 
ATOM   783  C CB  . ALA A 1 102 ? -5.988  -3.975  7.968   1.00 44.45  ? 102 ALA A CB  1 
ATOM   784  N N   . ILE A 1 103 ? -7.601  -1.892  9.667   1.00 45.37  ? 103 ILE A N   1 
ATOM   785  C CA  . ILE A 1 103 ? -7.927  -0.528  10.078  1.00 46.50  ? 103 ILE A CA  1 
ATOM   786  C C   . ILE A 1 103 ? -7.974  -0.423  11.597  1.00 48.64  ? 103 ILE A C   1 
ATOM   787  O O   . ILE A 1 103 ? -7.351  0.473   12.179  1.00 47.00  ? 103 ILE A O   1 
ATOM   788  C CB  . ILE A 1 103 ? -9.295  -0.061  9.519   1.00 47.93  ? 103 ILE A CB  1 
ATOM   789  C CG1 . ILE A 1 103 ? -9.285  -0.010  7.978   1.00 48.92  ? 103 ILE A CG1 1 
ATOM   790  C CG2 . ILE A 1 103 ? -9.688  1.297   10.105  1.00 47.60  ? 103 ILE A CG2 1 
ATOM   791  C CD1 . ILE A 1 103 ? -8.271  0.938   7.378   1.00 50.76  ? 103 ILE A CD1 1 
ATOM   792  N N   . GLU A 1 104 ? -8.727  -1.330  12.223  1.00 50.74  ? 104 GLU A N   1 
ATOM   793  C CA  . GLU A 1 104 ? -8.924  -1.323  13.682  1.00 54.14  ? 104 GLU A CA  1 
ATOM   794  C C   . GLU A 1 104 ? -7.608  -1.405  14.460  1.00 53.26  ? 104 GLU A C   1 
ATOM   795  O O   . GLU A 1 104 ? -7.436  -0.729  15.475  1.00 53.03  ? 104 GLU A O   1 
ATOM   796  C CB  . GLU A 1 104 ? -9.863  -2.465  14.110  1.00 56.33  ? 104 GLU A CB  1 
ATOM   797  C CG  . GLU A 1 104 ? -11.333 -2.208  13.796  1.00 58.47  ? 104 GLU A CG  1 
ATOM   798  C CD  . GLU A 1 104 ? -12.244 -3.402  14.076  1.00 62.45  ? 104 GLU A CD  1 
ATOM   799  O OE1 . GLU A 1 104 ? -11.774 -4.565  14.033  1.00 65.46  ? 104 GLU A OE1 1 
ATOM   800  O OE2 . GLU A 1 104 ? -13.449 -3.176  14.325  1.00 60.29  ? 104 GLU A OE2 1 
ATOM   801  N N   . SER A 1 105 ? -6.673  -2.209  13.961  1.00 54.95  ? 105 SER A N   1 
ATOM   802  C CA  . SER A 1 105 ? -5.389  -2.420  14.626  1.00 56.26  ? 105 SER A CA  1 
ATOM   803  C C   . SER A 1 105 ? -4.361  -1.292  14.445  1.00 53.91  ? 105 SER A C   1 
ATOM   804  O O   . SER A 1 105 ? -3.277  -1.359  15.018  1.00 52.82  ? 105 SER A O   1 
ATOM   805  C CB  . SER A 1 105 ? -4.785  -3.738  14.156  1.00 58.02  ? 105 SER A CB  1 
ATOM   806  O OG  . SER A 1 105 ? -5.686  -4.796  14.419  1.00 61.11  ? 105 SER A OG  1 
ATOM   807  N N   . GLY A 1 106 ? -4.689  -0.263  13.666  1.00 52.35  ? 106 GLY A N   1 
ATOM   808  C CA  . GLY A 1 106 ? -3.789  0.879   13.488  1.00 50.91  ? 106 GLY A CA  1 
ATOM   809  C C   . GLY A 1 106 ? -2.551  0.519   12.687  1.00 50.19  ? 106 GLY A C   1 
ATOM   810  O O   . GLY A 1 106 ? -1.435  0.918   13.016  1.00 52.62  ? 106 GLY A O   1 
ATOM   811  N N   . VAL A 1 107 ? -2.757  -0.245  11.625  1.00 49.01  ? 107 VAL A N   1 
ATOM   812  C CA  . VAL A 1 107 ? -1.675  -0.671  10.753  1.00 49.64  ? 107 VAL A CA  1 
ATOM   813  C C   . VAL A 1 107 ? -1.238  0.515   9.878   1.00 47.49  ? 107 VAL A C   1 
ATOM   814  O O   . VAL A 1 107 ? -2.002  1.468   9.688   1.00 44.91  ? 107 VAL A O   1 
ATOM   815  C CB  . VAL A 1 107 ? -2.131  -1.889  9.903   1.00 50.09  ? 107 VAL A CB  1 
ATOM   816  C CG1 . VAL A 1 107 ? -2.755  -1.470  8.577   1.00 49.38  ? 107 VAL A CG1 1 
ATOM   817  C CG2 . VAL A 1 107 ? -0.985  -2.836  9.675   1.00 52.05  ? 107 VAL A CG2 1 
ATOM   818  N N   . ASP A 1 108 ? -0.011  0.466   9.361   1.00 47.23  ? 108 ASP A N   1 
ATOM   819  C CA  . ASP A 1 108 ? 0.528   1.574   8.556   1.00 45.27  ? 108 ASP A CA  1 
ATOM   820  C C   . ASP A 1 108 ? -0.293  1.799   7.288   1.00 44.53  ? 108 ASP A C   1 
ATOM   821  O O   . ASP A 1 108 ? -0.602  2.934   6.939   1.00 42.52  ? 108 ASP A O   1 
ATOM   822  C CB  . ASP A 1 108 ? 1.997   1.328   8.189   1.00 46.06  ? 108 ASP A CB  1 
ATOM   823  C CG  . ASP A 1 108 ? 2.923   1.398   9.398   1.00 47.03  ? 108 ASP A CG  1 
ATOM   824  O OD1 . ASP A 1 108 ? 3.020   2.487   10.008  1.00 45.25  ? 108 ASP A OD1 1 
ATOM   825  O OD2 . ASP A 1 108 ? 3.548   0.365   9.744   1.00 47.03  ? 108 ASP A OD2 1 
ATOM   826  N N   . ALA A 1 109 ? -0.641  0.720   6.592   1.00 42.59  ? 109 ALA A N   1 
ATOM   827  C CA  . ALA A 1 109 ? -1.419  0.848   5.364   1.00 41.56  ? 109 ALA A CA  1 
ATOM   828  C C   . ALA A 1 109 ? -2.222  -0.395  5.032   1.00 40.39  ? 109 ALA A C   1 
ATOM   829  O O   . ALA A 1 109 ? -1.786  -1.515  5.291   1.00 38.98  ? 109 ALA A O   1 
ATOM   830  C CB  . ALA A 1 109 ? -0.507  1.190   4.197   1.00 41.55  ? 109 ALA A CB  1 
ATOM   831  N N   . LEU A 1 110 ? -3.396  -0.167  4.451   1.00 39.21  ? 110 LEU A N   1 
ATOM   832  C CA  . LEU A 1 110 ? -4.203  -1.212  3.848   1.00 41.58  ? 110 LEU A CA  1 
ATOM   833  C C   . LEU A 1 110 ? -4.044  -1.092  2.340   1.00 42.71  ? 110 LEU A C   1 
ATOM   834  O O   . LEU A 1 110 ? -4.413  -0.074  1.757   1.00 42.29  ? 110 LEU A O   1 
ATOM   835  C CB  . LEU A 1 110 ? -5.673  -1.042  4.234   1.00 42.91  ? 110 LEU A CB  1 
ATOM   836  C CG  . LEU A 1 110 ? -6.665  -2.075  3.696   1.00 43.24  ? 110 LEU A CG  1 
ATOM   837  C CD1 . LEU A 1 110 ? -6.330  -3.458  4.229   1.00 44.70  ? 110 LEU A CD1 1 
ATOM   838  C CD2 . LEU A 1 110 ? -8.095  -1.687  4.054   1.00 42.41  ? 110 LEU A CD2 1 
ATOM   839  N N   . ILE A 1 111 ? -3.482  -2.127  1.721   1.00 41.86  ? 111 ILE A N   1 
ATOM   840  C CA  . ILE A 1 111 ? -3.196  -2.114  0.296   1.00 40.36  ? 111 ILE A CA  1 
ATOM   841  C C   . ILE A 1 111 ? -4.356  -2.734  -0.470  1.00 41.56  ? 111 ILE A C   1 
ATOM   842  O O   . ILE A 1 111 ? -4.709  -3.891  -0.228  1.00 41.57  ? 111 ILE A O   1 
ATOM   843  C CB  . ILE A 1 111 ? -1.909  -2.903  -0.034  1.00 39.25  ? 111 ILE A CB  1 
ATOM   844  C CG1 . ILE A 1 111 ? -0.730  -2.442  0.833   1.00 38.76  ? 111 ILE A CG1 1 
ATOM   845  C CG2 . ILE A 1 111 ? -1.556  -2.765  -1.509  1.00 39.63  ? 111 ILE A CG2 1 
ATOM   846  C CD1 . ILE A 1 111 ? -0.372  -0.972  0.712   1.00 39.02  ? 111 ILE A CD1 1 
ATOM   847  N N   . SER A 1 112 ? -4.945  -1.951  -1.378  1.00 42.62  ? 112 SER A N   1 
ATOM   848  C CA  . SER A 1 112 ? -5.979  -2.428  -2.301  1.00 42.89  ? 112 SER A CA  1 
ATOM   849  C C   . SER A 1 112 ? -7.114  -3.204  -1.619  1.00 42.79  ? 112 SER A C   1 
ATOM   850  O O   . SER A 1 112 ? -7.180  -4.422  -1.735  1.00 41.03  ? 112 SER A O   1 
ATOM   851  C CB  . SER A 1 112 ? -5.345  -3.303  -3.384  1.00 42.88  ? 112 SER A CB  1 
ATOM   852  O OG  . SER A 1 112 ? -4.434  -2.559  -4.164  1.00 41.70  ? 112 SER A OG  1 
ATOM   853  N N   . PRO A 1 113 ? -8.014  -2.499  -0.912  1.00 43.26  ? 113 PRO A N   1 
ATOM   854  C CA  . PRO A 1 113 ? -9.137  -3.167  -0.241  1.00 43.25  ? 113 PRO A CA  1 
ATOM   855  C C   . PRO A 1 113 ? -10.091 -3.872  -1.203  1.00 43.31  ? 113 PRO A C   1 
ATOM   856  O O   . PRO A 1 113 ? -10.809 -4.785  -0.793  1.00 43.17  ? 113 PRO A O   1 
ATOM   857  C CB  . PRO A 1 113 ? -9.853  -2.019  0.494   1.00 45.10  ? 113 PRO A CB  1 
ATOM   858  C CG  . PRO A 1 113 ? -9.363  -0.763  -0.156  1.00 44.40  ? 113 PRO A CG  1 
ATOM   859  C CD  . PRO A 1 113 ? -7.974  -1.056  -0.622  1.00 43.41  ? 113 PRO A CD  1 
ATOM   860  N N   . TRP A 1 114 ? -10.086 -3.437  -2.463  1.00 41.94  ? 114 TRP A N   1 
ATOM   861  C CA  . TRP A 1 114 ? -10.903 -4.023  -3.530  1.00 42.65  ? 114 TRP A CA  1 
ATOM   862  C C   . TRP A 1 114 ? -10.332 -5.331  -4.092  1.00 45.02  ? 114 TRP A C   1 
ATOM   863  O O   . TRP A 1 114 ? -11.018 -6.037  -4.830  1.00 46.94  ? 114 TRP A O   1 
ATOM   864  C CB  . TRP A 1 114 ? -11.057 -3.019  -4.691  1.00 41.82  ? 114 TRP A CB  1 
ATOM   865  C CG  . TRP A 1 114 ? -9.738  -2.528  -5.212  1.00 42.82  ? 114 TRP A CG  1 
ATOM   866  C CD1 . TRP A 1 114 ? -8.932  -3.139  -6.134  1.00 42.69  ? 114 TRP A CD1 1 
ATOM   867  C CD2 . TRP A 1 114 ? -9.052  -1.334  -4.811  1.00 42.72  ? 114 TRP A CD2 1 
ATOM   868  N NE1 . TRP A 1 114 ? -7.792  -2.397  -6.331  1.00 42.44  ? 114 TRP A NE1 1 
ATOM   869  C CE2 . TRP A 1 114 ? -7.838  -1.288  -5.526  1.00 42.21  ? 114 TRP A CE2 1 
ATOM   870  C CE3 . TRP A 1 114 ? -9.350  -0.300  -3.915  1.00 42.92  ? 114 TRP A CE3 1 
ATOM   871  C CZ2 . TRP A 1 114 ? -6.923  -0.249  -5.375  1.00 43.58  ? 114 TRP A CZ2 1 
ATOM   872  C CZ3 . TRP A 1 114 ? -8.435  0.732   -3.761  1.00 43.60  ? 114 TRP A CZ3 1 
ATOM   873  C CH2 . TRP A 1 114 ? -7.235  0.749   -4.487  1.00 43.29  ? 114 TRP A CH2 1 
ATOM   874  N N   . PHE A 1 115 ? -9.079  -5.642  -3.766  1.00 47.89  ? 115 PHE A N   1 
ATOM   875  C CA  . PHE A 1 115 ? -8.341  -6.731  -4.417  1.00 49.91  ? 115 PHE A CA  1 
ATOM   876  C C   . PHE A 1 115 ? -9.113  -8.054  -4.431  1.00 50.16  ? 115 PHE A C   1 
ATOM   877  O O   . PHE A 1 115 ? -9.419  -8.614  -3.386  1.00 50.73  ? 115 PHE A O   1 
ATOM   878  C CB  . PHE A 1 115 ? -6.975  -6.920  -3.736  1.00 50.86  ? 115 PHE A CB  1 
ATOM   879  C CG  . PHE A 1 115 ? -6.104  -7.959  -4.386  1.00 51.59  ? 115 PHE A CG  1 
ATOM   880  C CD1 . PHE A 1 115 ? -5.526  -7.724  -5.622  1.00 52.53  ? 115 PHE A CD1 1 
ATOM   881  C CD2 . PHE A 1 115 ? -5.856  -9.173  -3.755  1.00 54.83  ? 115 PHE A CD2 1 
ATOM   882  C CE1 . PHE A 1 115 ? -4.718  -8.682  -6.225  1.00 55.30  ? 115 PHE A CE1 1 
ATOM   883  C CE2 . PHE A 1 115 ? -5.044  -10.133 -4.351  1.00 55.64  ? 115 PHE A CE2 1 
ATOM   884  C CZ  . PHE A 1 115 ? -4.476  -9.888  -5.590  1.00 54.15  ? 115 PHE A CZ  1 
ATOM   885  N N   . GLY A 1 116 ? -9.430  -8.536  -5.627  1.00 53.75  ? 116 GLY A N   1 
ATOM   886  C CA  . GLY A 1 116 ? -10.133 -9.809  -5.794  1.00 55.88  ? 116 GLY A CA  1 
ATOM   887  C C   . GLY A 1 116 ? -11.599 -9.762  -5.401  1.00 55.88  ? 116 GLY A C   1 
ATOM   888  O O   . GLY A 1 116 ? -12.139 -10.748 -4.909  1.00 56.98  ? 116 GLY A O   1 
ATOM   889  N N   . ARG A 1 117 ? -12.246 -8.621  -5.629  1.00 56.15  ? 117 ARG A N   1 
ATOM   890  C CA  . ARG A 1 117 ? -13.651 -8.435  -5.261  1.00 54.14  ? 117 ARG A CA  1 
ATOM   891  C C   . ARG A 1 117 ? -14.467 -7.901  -6.429  1.00 53.30  ? 117 ARG A C   1 
ATOM   892  O O   . ARG A 1 117 ? -13.919 -7.514  -7.469  1.00 48.82  ? 117 ARG A O   1 
ATOM   893  C CB  . ARG A 1 117 ? -13.776 -7.448  -4.097  1.00 54.64  ? 117 ARG A CB  1 
ATOM   894  C CG  . ARG A 1 117 ? -13.015 -7.826  -2.837  1.00 55.18  ? 117 ARG A CG  1 
ATOM   895  C CD  . ARG A 1 117 ? -13.229 -6.776  -1.752  1.00 54.98  ? 117 ARG A CD  1 
ATOM   896  N NE  . ARG A 1 117 ? -14.627 -6.688  -1.331  1.00 54.22  ? 117 ARG A NE  1 
ATOM   897  C CZ  . ARG A 1 117 ? -15.235 -7.565  -0.536  1.00 53.59  ? 117 ARG A CZ  1 
ATOM   898  N NH1 . ARG A 1 117 ? -14.586 -8.615  -0.043  1.00 55.28  ? 117 ARG A NH1 1 
ATOM   899  N NH2 . ARG A 1 117 ? -16.507 -7.387  -0.222  1.00 54.08  ? 117 ARG A NH2 1 
ATOM   900  N N   . LYS A 1 118 ? -15.783 -7.878  -6.236  1.00 52.82  ? 118 LYS A N   1 
ATOM   901  C CA  . LYS A 1 118 ? -16.702 -7.238  -7.177  1.00 51.99  ? 118 LYS A CA  1 
ATOM   902  C C   . LYS A 1 118 ? -17.267 -5.951  -6.580  1.00 47.65  ? 118 LYS A C   1 
ATOM   903  O O   . LYS A 1 118 ? -18.321 -5.488  -6.993  1.00 45.14  ? 118 LYS A O   1 
ATOM   904  C CB  . LYS A 1 118 ? -17.829 -8.201  -7.575  1.00 53.83  ? 118 LYS A CB  1 
ATOM   905  C CG  . LYS A 1 118 ? -17.370 -9.363  -8.444  1.00 55.90  ? 118 LYS A CG  1 
ATOM   906  C CD  . LYS A 1 118 ? -17.017 -10.593 -7.622  1.00 59.57  ? 118 LYS A CD  1 
ATOM   907  C CE  . LYS A 1 118 ? -18.250 -11.412 -7.252  1.00 61.74  ? 118 LYS A CE  1 
ATOM   908  N NZ  . LYS A 1 118 ? -18.863 -12.110 -8.421  1.00 63.29  ? 118 LYS A NZ  1 
ATOM   909  N N   . ASP A 1 119 ? -16.540 -5.371  -5.624  1.00 47.99  ? 119 ASP A N   1 
ATOM   910  C CA  . ASP A 1 119 ? -16.918 -4.108  -4.989  1.00 48.30  ? 119 ASP A CA  1 
ATOM   911  C C   . ASP A 1 119 ? -15.681 -3.456  -4.329  1.00 47.54  ? 119 ASP A C   1 
ATOM   912  O O   . ASP A 1 119 ? -14.646 -4.109  -4.176  1.00 46.64  ? 119 ASP A O   1 
ATOM   913  C CB  . ASP A 1 119 ? -18.037 -4.339  -3.958  1.00 48.89  ? 119 ASP A CB  1 
ATOM   914  C CG  . ASP A 1 119 ? -17.596 -5.210  -2.789  1.00 49.48  ? 119 ASP A CG  1 
ATOM   915  O OD1 . ASP A 1 119 ? -16.793 -4.746  -1.943  1.00 49.12  ? 119 ASP A OD1 1 
ATOM   916  O OD2 . ASP A 1 119 ? -18.075 -6.360  -2.704  1.00 49.44  ? 119 ASP A OD2 1 
ATOM   917  N N   . PRO A 1 120 ? -15.785 -2.168  -3.941  1.00 46.52  ? 120 PRO A N   1 
ATOM   918  C CA  . PRO A 1 120 ? -14.628 -1.438  -3.388  1.00 45.72  ? 120 PRO A CA  1 
ATOM   919  C C   . PRO A 1 120 ? -13.989 -2.040  -2.139  1.00 43.65  ? 120 PRO A C   1 
ATOM   920  O O   . PRO A 1 120 ? -12.789 -1.874  -1.927  1.00 46.32  ? 120 PRO A O   1 
ATOM   921  C CB  . PRO A 1 120 ? -15.212 -0.064  -3.051  1.00 45.61  ? 120 PRO A CB  1 
ATOM   922  C CG  . PRO A 1 120 ? -16.372 0.086   -3.953  1.00 46.03  ? 120 PRO A CG  1 
ATOM   923  C CD  . PRO A 1 120 ? -16.949 -1.280  -4.138  1.00 45.33  ? 120 PRO A CD  1 
ATOM   924  N N   . GLY A 1 121 ? -14.782 -2.719  -1.318  1.00 44.45  ? 121 GLY A N   1 
ATOM   925  C CA  . GLY A 1 121 ? -14.292 -3.259  -0.053  1.00 44.26  ? 121 GLY A CA  1 
ATOM   926  C C   . GLY A 1 121 ? -13.990 -2.149  0.932   1.00 43.98  ? 121 GLY A C   1 
ATOM   927  O O   . GLY A 1 121 ? -13.157 -2.294  1.824   1.00 44.45  ? 121 GLY A O   1 
ATOM   928  N N   . PHE A 1 122 ? -14.701 -1.041  0.772   1.00 44.57  ? 122 PHE A N   1 
ATOM   929  C CA  . PHE A 1 122 ? -14.425 0.182   1.512   1.00 44.04  ? 122 PHE A CA  1 
ATOM   930  C C   . PHE A 1 122 ? -15.707 1.006   1.490   1.00 44.26  ? 122 PHE A C   1 
ATOM   931  O O   . PHE A 1 122 ? -16.346 1.135   0.444   1.00 45.47  ? 122 PHE A O   1 
ATOM   932  C CB  . PHE A 1 122 ? -13.278 0.938   0.835   1.00 42.45  ? 122 PHE A CB  1 
ATOM   933  C CG  . PHE A 1 122 ? -12.553 1.897   1.734   1.00 40.23  ? 122 PHE A CG  1 
ATOM   934  C CD1 . PHE A 1 122 ? -11.679 1.429   2.700   1.00 40.26  ? 122 PHE A CD1 1 
ATOM   935  C CD2 . PHE A 1 122 ? -12.708 3.271   1.585   1.00 40.17  ? 122 PHE A CD2 1 
ATOM   936  C CE1 . PHE A 1 122 ? -10.998 2.307   3.518   1.00 38.85  ? 122 PHE A CE1 1 
ATOM   937  C CE2 . PHE A 1 122 ? -12.022 4.156   2.399   1.00 38.06  ? 122 PHE A CE2 1 
ATOM   938  C CZ  . PHE A 1 122 ? -11.165 3.671   3.364   1.00 39.30  ? 122 PHE A CZ  1 
ATOM   939  N N   . ASP A 1 123 ? -16.080 1.545   2.646   1.00 44.25  ? 123 ASP A N   1 
ATOM   940  C CA  . ASP A 1 123 ? -17.339 2.263   2.809   1.00 44.78  ? 123 ASP A CA  1 
ATOM   941  C C   . ASP A 1 123 ? -17.202 3.382   3.847   1.00 43.84  ? 123 ASP A C   1 
ATOM   942  O O   . ASP A 1 123 ? -16.128 3.571   4.422   1.00 40.63  ? 123 ASP A O   1 
ATOM   943  C CB  . ASP A 1 123 ? -18.449 1.279   3.212   1.00 47.15  ? 123 ASP A CB  1 
ATOM   944  C CG  . ASP A 1 123 ? -18.096 0.454   4.452   1.00 49.59  ? 123 ASP A CG  1 
ATOM   945  O OD1 . ASP A 1 123 ? -17.094 0.764   5.139   1.00 50.03  ? 123 ASP A OD1 1 
ATOM   946  O OD2 . ASP A 1 123 ? -18.834 -0.517  4.741   1.00 52.56  ? 123 ASP A OD2 1 
ATOM   947  N N   . HIS A 1 124 ? -18.285 4.123   4.068   1.00 42.73  ? 124 HIS A N   1 
ATOM   948  C CA  . HIS A 1 124 ? -18.311 5.189   5.074   1.00 45.62  ? 124 HIS A CA  1 
ATOM   949  C C   . HIS A 1 124 ? -17.759 4.734   6.424   1.00 45.87  ? 124 HIS A C   1 
ATOM   950  O O   . HIS A 1 124 ? -17.036 5.492   7.080   1.00 47.57  ? 124 HIS A O   1 
ATOM   951  C CB  . HIS A 1 124 ? -19.735 5.727   5.254   1.00 47.21  ? 124 HIS A CB  1 
ATOM   952  C CG  . HIS A 1 124 ? -20.228 6.538   4.094   1.00 48.91  ? 124 HIS A CG  1 
ATOM   953  N ND1 . HIS A 1 124 ? -19.956 7.884   3.954   1.00 49.33  ? 124 HIS A ND1 1 
ATOM   954  C CD2 . HIS A 1 124 ? -20.983 6.196   3.022   1.00 49.53  ? 124 HIS A CD2 1 
ATOM   955  C CE1 . HIS A 1 124 ? -20.518 8.334   2.845   1.00 50.13  ? 124 HIS A CE1 1 
ATOM   956  N NE2 . HIS A 1 124 ? -21.147 7.330   2.261   1.00 51.34  ? 124 HIS A NE2 1 
ATOM   957  N N   . THR A 1 125 ? -18.095 3.505   6.828   1.00 44.84  ? 125 THR A N   1 
ATOM   958  C CA  . THR A 1 125 ? -17.648 2.940   8.104   1.00 45.68  ? 125 THR A CA  1 
ATOM   959  C C   . THR A 1 125 ? -16.126 2.766   8.149   1.00 44.69  ? 125 THR A C   1 
ATOM   960  O O   . THR A 1 125 ? -15.466 3.272   9.052   1.00 42.70  ? 125 THR A O   1 
ATOM   961  C CB  . THR A 1 125 ? -18.323 1.573   8.380   1.00 47.01  ? 125 THR A CB  1 
ATOM   962  O OG1 . THR A 1 125 ? -19.746 1.739   8.438   1.00 47.80  ? 125 THR A OG1 1 
ATOM   963  C CG2 . THR A 1 125 ? -17.833 0.958   9.696   1.00 45.52  ? 125 THR A CG2 1 
ATOM   964  N N   . LEU A 1 126 ? -15.575 2.045   7.175   1.00 45.79  ? 126 LEU A N   1 
ATOM   965  C CA  . LEU A 1 126 ? -14.129 1.808   7.127   1.00 43.82  ? 126 LEU A CA  1 
ATOM   966  C C   . LEU A 1 126 ? -13.348 3.087   6.866   1.00 42.14  ? 126 LEU A C   1 
ATOM   967  O O   . LEU A 1 126 ? -12.246 3.263   7.395   1.00 43.70  ? 126 LEU A O   1 
ATOM   968  C CB  . LEU A 1 126 ? -13.783 0.776   6.061   1.00 45.76  ? 126 LEU A CB  1 
ATOM   969  C CG  . LEU A 1 126 ? -14.230 -0.661  6.323   1.00 47.41  ? 126 LEU A CG  1 
ATOM   970  C CD1 . LEU A 1 126 ? -14.120 -1.509  5.065   1.00 48.17  ? 126 LEU A CD1 1 
ATOM   971  C CD2 . LEU A 1 126 ? -13.405 -1.263  7.445   1.00 48.65  ? 126 LEU A CD2 1 
ATOM   972  N N   . ALA A 1 127 ? -13.916 3.975   6.054   1.00 40.21  ? 127 ALA A N   1 
ATOM   973  C CA  . ALA A 1 127 ? -13.271 5.249   5.738   1.00 41.87  ? 127 ALA A CA  1 
ATOM   974  C C   . ALA A 1 127 ? -13.121 6.081   7.000   1.00 42.17  ? 127 ALA A C   1 
ATOM   975  O O   . ALA A 1 127 ? -12.062 6.667   7.241   1.00 42.06  ? 127 ALA A O   1 
ATOM   976  C CB  . ALA A 1 127 ? -14.064 6.014   4.687   1.00 41.30  ? 127 ALA A CB  1 
ATOM   977  N N   . GLY A 1 128 ? -14.187 6.111   7.796   1.00 43.35  ? 128 GLY A N   1 
ATOM   978  C CA  . GLY A 1 128 ? -14.197 6.816   9.066   1.00 44.66  ? 128 GLY A CA  1 
ATOM   979  C C   . GLY A 1 128 ? -13.165 6.294   10.039  1.00 46.55  ? 128 GLY A C   1 
ATOM   980  O O   . GLY A 1 128 ? -12.401 7.067   10.602  1.00 49.15  ? 128 GLY A O   1 
ATOM   981  N N   . MET A 1 129 ? -13.135 4.978   10.230  1.00 48.29  ? 129 MET A N   1 
ATOM   982  C CA  . MET A 1 129 ? -12.178 4.359   11.147  1.00 48.55  ? 129 MET A CA  1 
ATOM   983  C C   . MET A 1 129 ? -10.737 4.550   10.690  1.00 46.50  ? 129 MET A C   1 
ATOM   984  O O   . MET A 1 129 ? -9.843  4.732   11.523  1.00 45.63  ? 129 MET A O   1 
ATOM   985  C CB  . MET A 1 129 ? -12.460 2.868   11.307  1.00 52.86  ? 129 MET A CB  1 
ATOM   986  C CG  . MET A 1 129 ? -13.725 2.548   12.083  1.00 57.57  ? 129 MET A CG  1 
ATOM   987  S SD  . MET A 1 129 ? -13.827 0.793   12.494  1.00 67.35  ? 129 MET A SD  1 
ATOM   988  C CE  . MET A 1 129 ? -14.120 0.081   10.878  1.00 63.21  ? 129 MET A CE  1 
ATOM   989  N N   . ALA A 1 130 ? -10.506 4.511   9.378   1.00 41.71  ? 130 ALA A N   1 
ATOM   990  C CA  . ALA A 1 130 ? -9.160  4.711   8.838   1.00 40.48  ? 130 ALA A CA  1 
ATOM   991  C C   . ALA A 1 130 ? -8.608  6.111   9.142   1.00 39.77  ? 130 ALA A C   1 
ATOM   992  O O   . ALA A 1 130 ? -7.417  6.277   9.426   1.00 39.54  ? 130 ALA A O   1 
ATOM   993  C CB  . ALA A 1 130 ? -9.150  4.459   7.339   1.00 43.33  ? 130 ALA A CB  1 
ATOM   994  N N   . ALA A 1 131 ? -9.475  7.115   9.080   1.00 40.61  ? 131 ALA A N   1 
ATOM   995  C CA  . ALA A 1 131 ? -9.076  8.488   9.368   1.00 40.67  ? 131 ALA A CA  1 
ATOM   996  C C   . ALA A 1 131 ? -8.788  8.665   10.869  1.00 42.89  ? 131 ALA A C   1 
ATOM   997  O O   . ALA A 1 131 ? -7.776  9.261   11.244  1.00 42.38  ? 131 ALA A O   1 
ATOM   998  C CB  . ALA A 1 131 ? -10.156 9.453   8.914   1.00 41.28  ? 131 ALA A CB  1 
ATOM   999  N N   . ARG A 1 132 ? -9.659  8.119   11.714  1.00 43.98  ? 132 ARG A N   1 
ATOM   1000 C CA  . ARG A 1 132 ? -9.484  8.210   13.168  1.00 45.13  ? 132 ARG A CA  1 
ATOM   1001 C C   . ARG A 1 132 ? -8.342  7.340   13.681  1.00 48.85  ? 132 ARG A C   1 
ATOM   1002 O O   . ARG A 1 132 ? -7.803  7.622   14.747  1.00 50.66  ? 132 ARG A O   1 
ATOM   1003 C CB  . ARG A 1 132 ? -10.770 7.831   13.909  1.00 45.01  ? 132 ARG A CB  1 
ATOM   1004 C CG  . ARG A 1 132 ? -12.019 8.597   13.487  1.00 44.59  ? 132 ARG A CG  1 
ATOM   1005 C CD  . ARG A 1 132 ? -11.809 10.100  13.463  1.00 44.75  ? 132 ARG A CD  1 
ATOM   1006 N NE  . ARG A 1 132 ? -11.478 10.646  14.783  1.00 45.18  ? 132 ARG A NE  1 
ATOM   1007 C CZ  . ARG A 1 132 ? -11.320 11.945  15.025  1.00 45.06  ? 132 ARG A CZ  1 
ATOM   1008 N NH1 . ARG A 1 132 ? -11.454 12.830  14.040  1.00 43.59  ? 132 ARG A NH1 1 
ATOM   1009 N NH2 . ARG A 1 132 ? -11.027 12.369  16.251  1.00 45.92  ? 132 ARG A NH2 1 
ATOM   1010 N N   . ARG A 1 133 ? -7.984  6.286   12.940  1.00 50.47  ? 133 ARG A N   1 
ATOM   1011 C CA  . ARG A 1 133 ? -6.844  5.432   13.300  1.00 52.05  ? 133 ARG A CA  1 
ATOM   1012 C C   . ARG A 1 133 ? -5.565  5.811   12.540  1.00 50.04  ? 133 ARG A C   1 
ATOM   1013 O O   . ARG A 1 133 ? -4.509  5.231   12.786  1.00 49.97  ? 133 ARG A O   1 
ATOM   1014 C CB  . ARG A 1 133 ? -7.159  3.960   13.025  1.00 55.27  ? 133 ARG A CB  1 
ATOM   1015 C CG  . ARG A 1 133 ? -8.362  3.393   13.761  1.00 60.45  ? 133 ARG A CG  1 
ATOM   1016 C CD  . ARG A 1 133 ? -8.130  3.183   15.244  1.00 64.29  ? 133 ARG A CD  1 
ATOM   1017 N NE  . ARG A 1 133 ? -9.025  2.151   15.778  1.00 71.84  ? 133 ARG A NE  1 
ATOM   1018 C CZ  . ARG A 1 133 ? -10.348 2.273   15.948  1.00 73.20  ? 133 ARG A CZ  1 
ATOM   1019 N NH1 . ARG A 1 133 ? -10.988 3.393   15.626  1.00 73.48  ? 133 ARG A NH1 1 
ATOM   1020 N NH2 . ARG A 1 133 ? -11.045 1.253   16.444  1.00 72.08  ? 133 ARG A NH2 1 
ATOM   1021 N N   . GLY A 1 134 ? -5.660  6.758   11.608  1.00 48.31  ? 134 GLY A N   1 
ATOM   1022 C CA  . GLY A 1 134 ? -4.507  7.183   10.811  1.00 44.96  ? 134 GLY A CA  1 
ATOM   1023 C C   . GLY A 1 134 ? -3.955  6.137   9.853   1.00 43.11  ? 134 GLY A C   1 
ATOM   1024 O O   . GLY A 1 134 ? -2.776  6.178   9.511   1.00 42.95  ? 134 GLY A O   1 
ATOM   1025 N N   . VAL A 1 135 ? -4.804  5.209   9.408   1.00 43.00  ? 135 VAL A N   1 
ATOM   1026 C CA  . VAL A 1 135 ? -4.382  4.114   8.531   1.00 41.27  ? 135 VAL A CA  1 
ATOM   1027 C C   . VAL A 1 135 ? -4.461  4.543   7.066   1.00 42.36  ? 135 VAL A C   1 
ATOM   1028 O O   . VAL A 1 135 ? -5.523  4.941   6.596   1.00 45.27  ? 135 VAL A O   1 
ATOM   1029 C CB  . VAL A 1 135 ? -5.256  2.865   8.744   1.00 41.77  ? 135 VAL A CB  1 
ATOM   1030 C CG1 . VAL A 1 135 ? -4.827  1.736   7.810   1.00 42.90  ? 135 VAL A CG1 1 
ATOM   1031 C CG2 . VAL A 1 135 ? -5.182  2.408   10.197  1.00 42.85  ? 135 VAL A CG2 1 
ATOM   1032 N N   . ALA A 1 136 ? -3.338  4.455   6.352   1.00 40.63  ? 136 ALA A N   1 
ATOM   1033 C CA  . ALA A 1 136 ? -3.269  4.876   4.954   1.00 41.23  ? 136 ALA A CA  1 
ATOM   1034 C C   . ALA A 1 136 ? -3.881  3.841   4.020   1.00 42.21  ? 136 ALA A C   1 
ATOM   1035 O O   . ALA A 1 136 ? -3.881  2.644   4.307   1.00 41.50  ? 136 ALA A O   1 
ATOM   1036 C CB  . ALA A 1 136 ? -1.828  5.144   4.549   1.00 40.80  ? 136 ALA A CB  1 
ATOM   1037 N N   . ILE A 1 137 ? -4.399  4.312   2.892   1.00 43.95  ? 137 ILE A N   1 
ATOM   1038 C CA  . ILE A 1 137 ? -4.877  3.422   1.834   1.00 43.04  ? 137 ILE A CA  1 
ATOM   1039 C C   . ILE A 1 137 ? -3.873  3.391   0.697   1.00 41.03  ? 137 ILE A C   1 
ATOM   1040 O O   . ILE A 1 137 ? -3.530  4.437   0.155   1.00 40.27  ? 137 ILE A O   1 
ATOM   1041 C CB  . ILE A 1 137 ? -6.249  3.860   1.291   1.00 41.79  ? 137 ILE A CB  1 
ATOM   1042 C CG1 . ILE A 1 137 ? -7.285  3.870   2.417   1.00 43.52  ? 137 ILE A CG1 1 
ATOM   1043 C CG2 . ILE A 1 137 ? -6.714  2.934   0.169   1.00 41.80  ? 137 ILE A CG2 1 
ATOM   1044 C CD1 . ILE A 1 137 ? -7.587  2.507   3.019   1.00 43.17  ? 137 ILE A CD1 1 
ATOM   1045 N N   . GLY A 1 138 ? -3.429  2.185   0.342   1.00 41.34  ? 138 GLY A N   1 
ATOM   1046 C CA  . GLY A 1 138 ? -2.518  1.973   -0.774  1.00 42.35  ? 138 GLY A CA  1 
ATOM   1047 C C   . GLY A 1 138 ? -3.229  1.668   -2.081  1.00 42.87  ? 138 GLY A C   1 
ATOM   1048 O O   . GLY A 1 138 ? -3.871  0.630   -2.220  1.00 44.77  ? 138 GLY A O   1 
ATOM   1049 N N   . PHE A 1 139 ? -3.101  2.576   -3.042  1.00 42.41  ? 139 PHE A N   1 
ATOM   1050 C CA  . PHE A 1 139 ? -3.654  2.386   -4.377  1.00 42.51  ? 139 PHE A CA  1 
ATOM   1051 C C   . PHE A 1 139 ? -2.620  1.730   -5.276  1.00 43.91  ? 139 PHE A C   1 
ATOM   1052 O O   . PHE A 1 139 ? -1.772  2.415   -5.858  1.00 43.90  ? 139 PHE A O   1 
ATOM   1053 C CB  . PHE A 1 139 ? -4.086  3.729   -4.979  1.00 42.30  ? 139 PHE A CB  1 
ATOM   1054 C CG  . PHE A 1 139 ? -5.286  4.326   -4.315  1.00 39.85  ? 139 PHE A CG  1 
ATOM   1055 C CD1 . PHE A 1 139 ? -5.143  5.147   -3.221  1.00 40.56  ? 139 PHE A CD1 1 
ATOM   1056 C CD2 . PHE A 1 139 ? -6.556  4.063   -4.791  1.00 40.06  ? 139 PHE A CD2 1 
ATOM   1057 C CE1 . PHE A 1 139 ? -6.247  5.700   -2.603  1.00 42.05  ? 139 PHE A CE1 1 
ATOM   1058 C CE2 . PHE A 1 139 ? -7.669  4.608   -4.181  1.00 40.26  ? 139 PHE A CE2 1 
ATOM   1059 C CZ  . PHE A 1 139 ? -7.515  5.428   -3.086  1.00 40.89  ? 139 PHE A CZ  1 
ATOM   1060 N N   . SER A 1 140 ? -2.694  0.401   -5.383  1.00 44.72  ? 140 SER A N   1 
ATOM   1061 C CA  . SER A 1 140 ? -1.726  -0.374  -6.157  1.00 44.39  ? 140 SER A CA  1 
ATOM   1062 C C   . SER A 1 140 ? -2.071  -0.330  -7.639  1.00 43.10  ? 140 SER A C   1 
ATOM   1063 O O   . SER A 1 140 ? -3.222  -0.485  -8.015  1.00 43.99  ? 140 SER A O   1 
ATOM   1064 C CB  . SER A 1 140 ? -1.681  -1.828  -5.674  1.00 46.81  ? 140 SER A CB  1 
ATOM   1065 O OG  . SER A 1 140 ? -2.873  -2.521  -6.023  1.00 53.34  ? 140 SER A OG  1 
ATOM   1066 N N   . LEU A 1 141 ? -1.060  -0.128  -8.474  1.00 42.85  ? 141 LEU A N   1 
ATOM   1067 C CA  . LEU A 1 141 ? -1.217  -0.194  -9.923  1.00 42.78  ? 141 LEU A CA  1 
ATOM   1068 C C   . LEU A 1 141 ? -1.171  -1.640  -10.445 1.00 44.91  ? 141 LEU A C   1 
ATOM   1069 O O   . LEU A 1 141 ? -1.641  -1.911  -11.547 1.00 44.95  ? 141 LEU A O   1 
ATOM   1070 C CB  . LEU A 1 141 ? -0.131  0.651   -10.590 1.00 43.23  ? 141 LEU A CB  1 
ATOM   1071 C CG  . LEU A 1 141 ? -0.013  0.664   -12.113 1.00 46.22  ? 141 LEU A CG  1 
ATOM   1072 C CD1 . LEU A 1 141 ? -1.308  1.067   -12.812 1.00 47.80  ? 141 LEU A CD1 1 
ATOM   1073 C CD2 . LEU A 1 141 ? 1.117   1.593   -12.522 1.00 47.28  ? 141 LEU A CD2 1 
ATOM   1074 N N   . SER A 1 142 ? -0.626  -2.559  -9.643  1.00 44.99  ? 142 SER A N   1 
ATOM   1075 C CA  . SER A 1 142 ? -0.363  -3.943  -10.064 1.00 47.68  ? 142 SER A CA  1 
ATOM   1076 C C   . SER A 1 142 ? -1.551  -4.675  -10.712 1.00 48.96  ? 142 SER A C   1 
ATOM   1077 O O   . SER A 1 142 ? -1.384  -5.280  -11.767 1.00 50.60  ? 142 SER A O   1 
ATOM   1078 C CB  . SER A 1 142 ? 0.157   -4.778  -8.884  1.00 49.02  ? 142 SER A CB  1 
ATOM   1079 O OG  . SER A 1 142 ? 0.824   -5.928  -9.352  1.00 56.00  ? 142 SER A OG  1 
ATOM   1080 N N   . PRO A 1 143 ? -2.745  -4.633  -10.086 1.00 50.57  ? 143 PRO A N   1 
ATOM   1081 C CA  . PRO A 1 143 ? -3.896  -5.346  -10.662 1.00 51.86  ? 143 PRO A CA  1 
ATOM   1082 C C   . PRO A 1 143 ? -4.292  -4.885  -12.074 1.00 50.40  ? 143 PRO A C   1 
ATOM   1083 O O   . PRO A 1 143 ? -4.776  -5.689  -12.861 1.00 48.33  ? 143 PRO A O   1 
ATOM   1084 C CB  . PRO A 1 143 ? -5.031  -5.048  -9.669  1.00 51.91  ? 143 PRO A CB  1 
ATOM   1085 C CG  . PRO A 1 143 ? -4.355  -4.644  -8.405  1.00 52.41  ? 143 PRO A CG  1 
ATOM   1086 C CD  . PRO A 1 143 ? -3.106  -3.942  -8.833  1.00 52.12  ? 143 PRO A CD  1 
ATOM   1087 N N   . LEU A 1 144 ? -4.074  -3.609  -12.384 1.00 51.08  ? 144 LEU A N   1 
ATOM   1088 C CA  . LEU A 1 144 ? -4.447  -3.055  -13.686 1.00 51.32  ? 144 LEU A CA  1 
ATOM   1089 C C   . LEU A 1 144 ? -3.595  -3.570  -14.845 1.00 54.04  ? 144 LEU A C   1 
ATOM   1090 O O   . LEU A 1 144 ? -4.080  -3.644  -15.972 1.00 53.10  ? 144 LEU A O   1 
ATOM   1091 C CB  . LEU A 1 144 ? -4.396  -1.528  -13.658 1.00 50.37  ? 144 LEU A CB  1 
ATOM   1092 C CG  . LEU A 1 144 ? -5.488  -0.836  -12.851 1.00 50.45  ? 144 LEU A CG  1 
ATOM   1093 C CD1 . LEU A 1 144 ? -5.173  0.644   -12.725 1.00 50.81  ? 144 LEU A CD1 1 
ATOM   1094 C CD2 . LEU A 1 144 ? -6.849  -1.034  -13.502 1.00 52.44  ? 144 LEU A CD2 1 
ATOM   1095 N N   . LEU A 1 145 ? -2.339  -3.918  -14.572 1.00 57.60  ? 145 LEU A N   1 
ATOM   1096 C CA  . LEU A 1 145 ? -1.455  -4.472  -15.602 1.00 58.99  ? 145 LEU A CA  1 
ATOM   1097 C C   . LEU A 1 145 ? -1.865  -5.885  -15.984 1.00 61.04  ? 145 LEU A C   1 
ATOM   1098 O O   . LEU A 1 145 ? -1.698  -6.290  -17.132 1.00 65.76  ? 145 LEU A O   1 
ATOM   1099 C CB  . LEU A 1 145 ? 0.008   -4.489  -15.144 1.00 59.75  ? 145 LEU A CB  1 
ATOM   1100 C CG  . LEU A 1 145 ? 0.779   -3.166  -15.022 1.00 62.50  ? 145 LEU A CG  1 
ATOM   1101 C CD1 . LEU A 1 145 ? 0.413   -2.170  -16.110 1.00 62.29  ? 145 LEU A CD1 1 
ATOM   1102 C CD2 . LEU A 1 145 ? 0.569   -2.531  -13.664 1.00 65.72  ? 145 LEU A CD2 1 
ATOM   1103 N N   . ASN A 1 146 ? -2.409  -6.626  -15.020 1.00 63.62  ? 146 ASN A N   1 
ATOM   1104 C CA  . ASN A 1 146 ? -2.747  -8.032  -15.211 1.00 64.54  ? 146 ASN A CA  1 
ATOM   1105 C C   . ASN A 1 146 ? -4.237  -8.229  -15.481 1.00 62.93  ? 146 ASN A C   1 
ATOM   1106 O O   . ASN A 1 146 ? -4.870  -9.107  -14.886 1.00 68.05  ? 146 ASN A O   1 
ATOM   1107 C CB  . ASN A 1 146 ? -2.325  -8.832  -13.969 1.00 68.71  ? 146 ASN A CB  1 
ATOM   1108 C CG  . ASN A 1 146 ? -0.909  -8.509  -13.520 1.00 71.93  ? 146 ASN A CG  1 
ATOM   1109 O OD1 . ASN A 1 146 ? -0.033  -8.233  -14.342 1.00 77.44  ? 146 ASN A OD1 1 
ATOM   1110 N ND2 . ASN A 1 146 ? -0.680  -8.538  -12.212 1.00 74.92  ? 146 ASN A ND2 1 
ATOM   1111 N N   . ALA A 1 147 ? -4.798  -7.425  -16.385 1.00 58.41  ? 147 ALA A N   1 
ATOM   1112 C CA  . ALA A 1 147 ? -6.242  -7.462  -16.640 1.00 54.90  ? 147 ALA A CA  1 
ATOM   1113 C C   . ALA A 1 147 ? -6.613  -7.034  -18.055 1.00 51.90  ? 147 ALA A C   1 
ATOM   1114 O O   . ALA A 1 147 ? -5.899  -6.262  -18.695 1.00 49.48  ? 147 ALA A O   1 
ATOM   1115 C CB  . ALA A 1 147 ? -6.977  -6.599  -15.623 1.00 53.19  ? 147 ALA A CB  1 
ATOM   1116 N N   . ASN A 1 148 ? -7.745  -7.555  -18.529 1.00 49.72  ? 148 ASN A N   1 
ATOM   1117 C CA  . ASN A 1 148 ? -8.325  -7.148  -19.812 1.00 49.52  ? 148 ASN A CA  1 
ATOM   1118 C C   . ASN A 1 148 ? -9.139  -5.867  -19.623 1.00 47.61  ? 148 ASN A C   1 
ATOM   1119 O O   . ASN A 1 148 ? -9.368  -5.459  -18.484 1.00 47.57  ? 148 ASN A O   1 
ATOM   1120 C CB  . ASN A 1 148 ? -9.182  -8.279  -20.409 1.00 49.57  ? 148 ASN A CB  1 
ATOM   1121 C CG  . ASN A 1 148 ? -10.283 -8.759  -19.473 1.00 49.45  ? 148 ASN A CG  1 
ATOM   1122 O OD1 . ASN A 1 148 ? -10.831 -7.993  -18.679 1.00 47.72  ? 148 ASN A OD1 1 
ATOM   1123 N ND2 . ASN A 1 148 ? -10.618 -10.040 -19.575 1.00 48.30  ? 148 ASN A ND2 1 
ATOM   1124 N N   . PRO A 1 149 ? -9.560  -5.219  -20.727 1.00 45.12  ? 149 PRO A N   1 
ATOM   1125 C CA  . PRO A 1 149 ? -10.354 -3.995  -20.648 1.00 45.51  ? 149 PRO A CA  1 
ATOM   1126 C C   . PRO A 1 149 ? -11.560 -4.053  -19.704 1.00 44.32  ? 149 PRO A C   1 
ATOM   1127 O O   . PRO A 1 149 ? -11.862 -3.059  -19.041 1.00 42.75  ? 149 PRO A O   1 
ATOM   1128 C CB  . PRO A 1 149 ? -10.810 -3.796  -22.090 1.00 46.51  ? 149 PRO A CB  1 
ATOM   1129 C CG  . PRO A 1 149 ? -9.674  -4.314  -22.892 1.00 45.17  ? 149 PRO A CG  1 
ATOM   1130 C CD  . PRO A 1 149 ? -9.079  -5.449  -22.101 1.00 45.74  ? 149 PRO A CD  1 
ATOM   1131 N N   . TYR A 1 150 ? -12.234 -5.198  -19.640 1.00 43.90  ? 150 TYR A N   1 
ATOM   1132 C CA  . TYR A 1 150 ? -13.354 -5.365  -18.717 1.00 45.76  ? 150 TYR A CA  1 
ATOM   1133 C C   . TYR A 1 150 ? -12.860 -5.307  -17.275 1.00 46.87  ? 150 TYR A C   1 
ATOM   1134 O O   . TYR A 1 150 ? -13.380 -4.531  -16.464 1.00 44.03  ? 150 TYR A O   1 
ATOM   1135 C CB  . TYR A 1 150 ? -14.078 -6.694  -18.953 1.00 46.31  ? 150 TYR A CB  1 
ATOM   1136 C CG  . TYR A 1 150 ? -15.185 -6.948  -17.962 1.00 44.97  ? 150 TYR A CG  1 
ATOM   1137 C CD1 . TYR A 1 150 ? -16.444 -6.391  -18.147 1.00 45.86  ? 150 TYR A CD1 1 
ATOM   1138 C CD2 . TYR A 1 150 ? -14.975 -7.730  -16.832 1.00 44.67  ? 150 TYR A CD2 1 
ATOM   1139 C CE1 . TYR A 1 150 ? -17.463 -6.606  -17.237 1.00 44.79  ? 150 TYR A CE1 1 
ATOM   1140 C CE2 . TYR A 1 150 ? -15.990 -7.945  -15.912 1.00 44.97  ? 150 TYR A CE2 1 
ATOM   1141 C CZ  . TYR A 1 150 ? -17.233 -7.384  -16.126 1.00 45.41  ? 150 TYR A CZ  1 
ATOM   1142 O OH  . TYR A 1 150 ? -18.255 -7.588  -15.227 1.00 45.36  ? 150 TYR A OH  1 
ATOM   1143 N N   . GLY A 1 151 ? -11.863 -6.135  -16.968 1.00 44.87  ? 151 GLY A N   1 
ATOM   1144 C CA  . GLY A 1 151 ? -11.282 -6.194  -15.628 1.00 44.26  ? 151 GLY A CA  1 
ATOM   1145 C C   . GLY A 1 151 ? -10.684 -4.878  -15.156 1.00 43.55  ? 151 GLY A C   1 
ATOM   1146 O O   . GLY A 1 151 ? -10.789 -4.533  -13.984 1.00 42.83  ? 151 GLY A O   1 
ATOM   1147 N N   . ARG A 1 152 ? -10.058 -4.138  -16.065 1.00 42.26  ? 152 ARG A N   1 
ATOM   1148 C CA  . ARG A 1 152 ? -9.501  -2.826  -15.732 1.00 43.30  ? 152 ARG A CA  1 
ATOM   1149 C C   . ARG A 1 152 ? -10.600 -1.825  -15.380 1.00 43.04  ? 152 ARG A C   1 
ATOM   1150 O O   . ARG A 1 152 ? -10.446 -1.024  -14.454 1.00 43.99  ? 152 ARG A O   1 
ATOM   1151 C CB  . ARG A 1 152 ? -8.657  -2.273  -16.877 1.00 43.33  ? 152 ARG A CB  1 
ATOM   1152 C CG  . ARG A 1 152 ? -7.378  -3.053  -17.130 1.00 47.11  ? 152 ARG A CG  1 
ATOM   1153 C CD  . ARG A 1 152 ? -6.313  -2.196  -17.798 1.00 49.89  ? 152 ARG A CD  1 
ATOM   1154 N NE  . ARG A 1 152 ? -6.803  -1.527  -19.002 1.00 53.21  ? 152 ARG A NE  1 
ATOM   1155 C CZ  . ARG A 1 152 ? -6.845  -2.071  -20.219 1.00 57.52  ? 152 ARG A CZ  1 
ATOM   1156 N NH1 . ARG A 1 152 ? -6.424  -3.321  -20.430 1.00 57.76  ? 152 ARG A NH1 1 
ATOM   1157 N NH2 . ARG A 1 152 ? -7.315  -1.352  -21.235 1.00 57.22  ? 152 ARG A NH2 1 
ATOM   1158 N N   . ALA A 1 153 ? -11.704 -1.874  -16.120 1.00 42.31  ? 153 ALA A N   1 
ATOM   1159 C CA  . ALA A 1 153 ? -12.840 -0.990  -15.868 1.00 41.43  ? 153 ALA A CA  1 
ATOM   1160 C C   . ALA A 1 153 ? -13.513 -1.284  -14.525 1.00 41.85  ? 153 ALA A C   1 
ATOM   1161 O O   . ALA A 1 153 ? -14.029 -0.375  -13.884 1.00 41.83  ? 153 ALA A O   1 
ATOM   1162 C CB  . ALA A 1 153 ? -13.846 -1.094  -17.003 1.00 41.93  ? 153 ALA A CB  1 
ATOM   1163 N N   . GLN A 1 154 ? -13.506 -2.546  -14.097 1.00 42.43  ? 154 GLN A N   1 
ATOM   1164 C CA  . GLN A 1 154 ? -14.064 -2.909  -12.790 1.00 42.10  ? 154 GLN A CA  1 
ATOM   1165 C C   . GLN A 1 154 ? -13.161 -2.387  -11.674 1.00 42.60  ? 154 GLN A C   1 
ATOM   1166 O O   . GLN A 1 154 ? -13.632 -1.792  -10.705 1.00 44.44  ? 154 GLN A O   1 
ATOM   1167 C CB  . GLN A 1 154 ? -14.215 -4.425  -12.633 1.00 43.14  ? 154 GLN A CB  1 
ATOM   1168 C CG  . GLN A 1 154 ? -14.909 -5.156  -13.774 1.00 45.99  ? 154 GLN A CG  1 
ATOM   1169 C CD  . GLN A 1 154 ? -16.125 -4.427  -14.310 1.00 46.06  ? 154 GLN A CD  1 
ATOM   1170 O OE1 . GLN A 1 154 ? -16.158 -4.006  -15.481 1.00 48.25  ? 154 GLN A OE1 1 
ATOM   1171 N NE2 . GLN A 1 154 ? -17.135 -4.274  -13.462 1.00 42.43  ? 154 GLN A NE2 1 
ATOM   1172 N N   . ILE A 1 155 ? -11.860 -2.622  -11.821 1.00 42.04  ? 155 ILE A N   1 
ATOM   1173 C CA  . ILE A 1 155 ? -10.863 -2.148  -10.860 1.00 42.43  ? 155 ILE A CA  1 
ATOM   1174 C C   . ILE A 1 155 ? -10.881 -0.620  -10.763 1.00 40.89  ? 155 ILE A C   1 
ATOM   1175 O O   . ILE A 1 155 ? -10.906 -0.074  -9.666  1.00 38.94  ? 155 ILE A O   1 
ATOM   1176 C CB  . ILE A 1 155 ? -9.433  -2.613  -11.233 1.00 42.82  ? 155 ILE A CB  1 
ATOM   1177 C CG1 . ILE A 1 155 ? -9.304  -4.152  -11.207 1.00 44.38  ? 155 ILE A CG1 1 
ATOM   1178 C CG2 . ILE A 1 155 ? -8.404  -1.999  -10.293 1.00 42.01  ? 155 ILE A CG2 1 
ATOM   1179 C CD1 . ILE A 1 155 ? -9.341  -4.784  -9.828  1.00 46.30  ? 155 ILE A CD1 1 
ATOM   1180 N N   . LEU A 1 156 ? -10.875 0.061   -11.907 1.00 41.32  ? 156 LEU A N   1 
ATOM   1181 C CA  . LEU A 1 156 ? -10.875 1.530   -11.926 1.00 42.16  ? 156 LEU A CA  1 
ATOM   1182 C C   . LEU A 1 156 ? -12.099 2.107   -11.221 1.00 43.47  ? 156 LEU A C   1 
ATOM   1183 O O   . LEU A 1 156 ? -11.974 3.098   -10.487 1.00 41.04  ? 156 LEU A O   1 
ATOM   1184 C CB  . LEU A 1 156 ? -10.791 2.075   -13.354 1.00 43.83  ? 156 LEU A CB  1 
ATOM   1185 C CG  . LEU A 1 156 ? -9.411  1.969   -14.012 1.00 45.96  ? 156 LEU A CG  1 
ATOM   1186 C CD1 . LEU A 1 156 ? -9.504  2.118   -15.527 1.00 47.01  ? 156 LEU A CD1 1 
ATOM   1187 C CD2 . LEU A 1 156 ? -8.439  2.989   -13.439 1.00 46.75  ? 156 LEU A CD2 1 
ATOM   1188 N N   . ARG A 1 157 ? -13.269 1.491   -11.427 1.00 42.07  ? 157 ARG A N   1 
ATOM   1189 C CA  . ARG A 1 157 ? -14.481 1.912   -10.717 1.00 42.63  ? 157 ARG A CA  1 
ATOM   1190 C C   . ARG A 1 157 ? -14.307 1.808   -9.203  1.00 40.61  ? 157 ARG A C   1 
ATOM   1191 O O   . ARG A 1 157 ? -14.696 2.718   -8.474  1.00 40.10  ? 157 ARG A O   1 
ATOM   1192 C CB  . ARG A 1 157 ? -15.721 1.114   -11.161 1.00 45.18  ? 157 ARG A CB  1 
ATOM   1193 C CG  . ARG A 1 157 ? -16.296 1.573   -12.494 1.00 48.10  ? 157 ARG A CG  1 
ATOM   1194 C CD  . ARG A 1 157 ? -17.688 1.018   -12.798 1.00 50.96  ? 157 ARG A CD  1 
ATOM   1195 N NE  . ARG A 1 157 ? -17.851 -0.412  -12.489 1.00 51.89  ? 157 ARG A NE  1 
ATOM   1196 C CZ  . ARG A 1 157 ? -18.340 -0.904  -11.348 1.00 52.19  ? 157 ARG A CZ  1 
ATOM   1197 N NH1 . ARG A 1 157 ? -18.443 -2.217  -11.191 1.00 52.17  ? 157 ARG A NH1 1 
ATOM   1198 N NH2 . ARG A 1 157 ? -18.723 -0.107  -10.353 1.00 52.61  ? 157 ARG A NH2 1 
ATOM   1199 N N   . PHE A 1 158 ? -13.720 0.706   -8.740  1.00 40.42  ? 158 PHE A N   1 
ATOM   1200 C CA  . PHE A 1 158 ? -13.518 0.483   -7.308  1.00 40.55  ? 158 PHE A CA  1 
ATOM   1201 C C   . PHE A 1 158 ? -12.536 1.486   -6.728  1.00 39.58  ? 158 PHE A C   1 
ATOM   1202 O O   . PHE A 1 158 ? -12.721 1.968   -5.612  1.00 37.03  ? 158 PHE A O   1 
ATOM   1203 C CB  . PHE A 1 158 ? -13.015 -0.943  -7.016  1.00 40.32  ? 158 PHE A CB  1 
ATOM   1204 C CG  . PHE A 1 158 ? -13.893 -2.035  -7.575  1.00 40.78  ? 158 PHE A CG  1 
ATOM   1205 C CD1 . PHE A 1 158 ? -15.269 -1.875  -7.681  1.00 42.41  ? 158 PHE A CD1 1 
ATOM   1206 C CD2 . PHE A 1 158 ? -13.332 -3.236  -7.984  1.00 41.71  ? 158 PHE A CD2 1 
ATOM   1207 C CE1 . PHE A 1 158 ? -16.065 -2.890  -8.190  1.00 43.85  ? 158 PHE A CE1 1 
ATOM   1208 C CE2 . PHE A 1 158 ? -14.116 -4.250  -8.497  1.00 41.70  ? 158 PHE A CE2 1 
ATOM   1209 C CZ  . PHE A 1 158 ? -15.483 -4.081  -8.600  1.00 42.78  ? 158 PHE A CZ  1 
ATOM   1210 N N   . MET A 1 159 ? -11.486 1.778   -7.487  1.00 40.05  ? 159 MET A N   1 
ATOM   1211 C CA  . MET A 1 159 ? -10.500 2.772   -7.087  1.00 41.00  ? 159 MET A CA  1 
ATOM   1212 C C   . MET A 1 159 ? -11.104 4.172   -7.018  1.00 41.54  ? 159 MET A C   1 
ATOM   1213 O O   . MET A 1 159 ? -10.750 4.950   -6.135  1.00 41.56  ? 159 MET A O   1 
ATOM   1214 C CB  . MET A 1 159 ? -9.324  2.773   -8.052  1.00 41.64  ? 159 MET A CB  1 
ATOM   1215 C CG  . MET A 1 159 ? -8.431  1.555   -7.920  1.00 44.07  ? 159 MET A CG  1 
ATOM   1216 S SD  . MET A 1 159 ? -7.031  1.639   -9.045  1.00 43.98  ? 159 MET A SD  1 
ATOM   1217 C CE  . MET A 1 159 ? -6.222  0.085   -8.699  1.00 48.24  ? 159 MET A CE  1 
ATOM   1218 N N   . MET A 1 160 ? -12.007 4.484   -7.945  1.00 42.15  ? 160 MET A N   1 
ATOM   1219 C CA  . MET A 1 160 ? -12.746 5.745   -7.918  1.00 45.34  ? 160 MET A CA  1 
ATOM   1220 C C   . MET A 1 160 ? -13.630 5.857   -6.677  1.00 44.02  ? 160 MET A C   1 
ATOM   1221 O O   . MET A 1 160 ? -13.654 6.903   -6.042  1.00 43.62  ? 160 MET A O   1 
ATOM   1222 C CB  . MET A 1 160 ? -13.598 5.907   -9.180  1.00 49.31  ? 160 MET A CB  1 
ATOM   1223 C CG  . MET A 1 160 ? -12.790 6.172   -10.441 1.00 53.38  ? 160 MET A CG  1 
ATOM   1224 S SD  . MET A 1 160 ? -13.795 6.101   -11.938 1.00 61.37  ? 160 MET A SD  1 
ATOM   1225 C CE  . MET A 1 160 ? -12.543 5.944   -13.213 1.00 62.31  ? 160 MET A CE  1 
ATOM   1226 N N   . LYS A 1 161 ? -14.350 4.788   -6.336  1.00 45.64  ? 161 LYS A N   1 
ATOM   1227 C CA  . LYS A 1 161 ? -15.220 4.788   -5.150  1.00 46.26  ? 161 LYS A CA  1 
ATOM   1228 C C   . LYS A 1 161 ? -14.404 4.958   -3.866  1.00 43.66  ? 161 LYS A C   1 
ATOM   1229 O O   . LYS A 1 161 ? -14.784 5.719   -2.976  1.00 44.28  ? 161 LYS A O   1 
ATOM   1230 C CB  . LYS A 1 161 ? -16.052 3.499   -5.053  1.00 48.62  ? 161 LYS A CB  1 
ATOM   1231 C CG  . LYS A 1 161 ? -17.069 3.299   -6.174  1.00 52.96  ? 161 LYS A CG  1 
ATOM   1232 C CD  . LYS A 1 161 ? -18.326 2.585   -5.683  1.00 55.02  ? 161 LYS A CD  1 
ATOM   1233 C CE  . LYS A 1 161 ? -19.097 1.917   -6.818  1.00 58.15  ? 161 LYS A CE  1 
ATOM   1234 N NZ  . LYS A 1 161 ? -20.527 1.661   -6.463  1.00 56.73  ? 161 LYS A NZ  1 
ATOM   1235 N N   . THR A 1 162 ? -13.289 4.240   -3.778  1.00 40.23  ? 162 THR A N   1 
ATOM   1236 C CA  . THR A 1 162 ? -12.411 4.318   -2.625  1.00 39.13  ? 162 THR A CA  1 
ATOM   1237 C C   . THR A 1 162 ? -11.758 5.697   -2.511  1.00 38.55  ? 162 THR A C   1 
ATOM   1238 O O   . THR A 1 162 ? -11.635 6.240   -1.414  1.00 38.01  ? 162 THR A O   1 
ATOM   1239 C CB  . THR A 1 162 ? -11.322 3.235   -2.682  1.00 38.86  ? 162 THR A CB  1 
ATOM   1240 O OG1 . THR A 1 162 ? -11.936 1.940   -2.749  1.00 40.25  ? 162 THR A OG1 1 
ATOM   1241 C CG2 . THR A 1 162 ? -10.437 3.298   -1.468  1.00 39.61  ? 162 THR A CG2 1 
ATOM   1242 N N   . TRP A 1 163 ? -11.335 6.261   -3.637  1.00 37.68  ? 163 TRP A N   1 
ATOM   1243 C CA  . TRP A 1 163 ? -10.742 7.598   -3.627  1.00 37.74  ? 163 TRP A CA  1 
ATOM   1244 C C   . TRP A 1 163 ? -11.729 8.641   -3.093  1.00 37.51  ? 163 TRP A C   1 
ATOM   1245 O O   . TRP A 1 163 ? -11.370 9.458   -2.261  1.00 36.66  ? 163 TRP A O   1 
ATOM   1246 C CB  . TRP A 1 163 ? -10.253 8.001   -5.021  1.00 38.63  ? 163 TRP A CB  1 
ATOM   1247 C CG  . TRP A 1 163 ? -10.061 9.486   -5.178  1.00 39.36  ? 163 TRP A CG  1 
ATOM   1248 C CD1 . TRP A 1 163 ? -10.708 10.303  -6.045  1.00 39.10  ? 163 TRP A CD1 1 
ATOM   1249 C CD2 . TRP A 1 163 ? -9.181  10.326  -4.413  1.00 41.28  ? 163 TRP A CD2 1 
ATOM   1250 N NE1 . TRP A 1 163 ? -10.283 11.603  -5.886  1.00 40.12  ? 163 TRP A NE1 1 
ATOM   1251 C CE2 . TRP A 1 163 ? -9.351  11.645  -4.886  1.00 41.17  ? 163 TRP A CE2 1 
ATOM   1252 C CE3 . TRP A 1 163 ? -8.279  10.090  -3.370  1.00 40.71  ? 163 TRP A CE3 1 
ATOM   1253 C CZ2 . TRP A 1 163 ? -8.637  12.731  -4.366  1.00 42.20  ? 163 TRP A CZ2 1 
ATOM   1254 C CZ3 . TRP A 1 163 ? -7.567  11.174  -2.847  1.00 42.74  ? 163 TRP A CZ3 1 
ATOM   1255 C CH2 . TRP A 1 163 ? -7.759  12.481  -3.347  1.00 42.03  ? 163 TRP A CH2 1 
ATOM   1256 N N   . GLN A 1 164 ? -12.969 8.603   -3.570  1.00 38.09  ? 164 GLN A N   1 
ATOM   1257 C CA  A GLN A 1 164 ? -13.991 9.573   -3.170  0.60 39.40  ? 164 GLN A CA  1 
ATOM   1258 C CA  B GLN A 1 164 ? -13.947 9.606   -3.163  0.40 38.99  ? 164 GLN A CA  1 
ATOM   1259 C C   . GLN A 1 164 ? -14.245 9.530   -1.663  1.00 39.70  ? 164 GLN A C   1 
ATOM   1260 O O   . GLN A 1 164 ? -14.482 10.552  -1.037  1.00 38.27  ? 164 GLN A O   1 
ATOM   1261 C CB  A GLN A 1 164 ? -15.303 9.312   -3.922  0.60 39.78  ? 164 GLN A CB  1 
ATOM   1262 C CB  B GLN A 1 164 ? -15.222 9.492   -3.996  0.40 38.94  ? 164 GLN A CB  1 
ATOM   1263 C CG  A GLN A 1 164 ? -15.249 9.624   -5.415  0.60 40.58  ? 164 GLN A CG  1 
ATOM   1264 C CG  B GLN A 1 164 ? -15.021 9.889   -5.457  0.40 38.95  ? 164 GLN A CG  1 
ATOM   1265 C CD  A GLN A 1 164 ? -16.430 9.047   -6.184  0.60 40.29  ? 164 GLN A CD  1 
ATOM   1266 C CD  B GLN A 1 164 ? -14.497 11.307  -5.634  0.40 38.48  ? 164 GLN A CD  1 
ATOM   1267 O OE1 A GLN A 1 164 ? -17.570 9.120   -5.736  0.60 41.16  ? 164 GLN A OE1 1 
ATOM   1268 O OE1 B GLN A 1 164 ? -14.870 12.221  -4.903  0.40 38.45  ? 164 GLN A OE1 1 
ATOM   1269 N NE2 A GLN A 1 164 ? -16.160 8.476   -7.350  0.60 40.03  ? 164 GLN A NE2 1 
ATOM   1270 N NE2 B GLN A 1 164 ? -13.639 11.497  -6.628  0.40 38.22  ? 164 GLN A NE2 1 
ATOM   1271 N N   . LEU A 1 165 ? -14.207 8.321   -1.098  1.00 41.75  ? 165 LEU A N   1 
ATOM   1272 C CA  . LEU A 1 165 ? -14.355 8.113   0.345   1.00 41.63  ? 165 LEU A CA  1 
ATOM   1273 C C   . LEU A 1 165 ? -13.112 8.586   1.096   1.00 41.75  ? 165 LEU A C   1 
ATOM   1274 O O   . LEU A 1 165 ? -13.218 9.343   2.052   1.00 42.61  ? 165 LEU A O   1 
ATOM   1275 C CB  . LEU A 1 165 ? -14.611 6.633   0.659   1.00 41.47  ? 165 LEU A CB  1 
ATOM   1276 C CG  . LEU A 1 165 ? -16.029 6.139   0.372   1.00 42.01  ? 165 LEU A CG  1 
ATOM   1277 C CD1 . LEU A 1 165 ? -16.088 4.615   0.349   1.00 42.50  ? 165 LEU A CD1 1 
ATOM   1278 C CD2 . LEU A 1 165 ? -17.002 6.700   1.396   1.00 41.31  ? 165 LEU A CD2 1 
ATOM   1279 N N   . VAL A 1 166 ? -11.945 8.119   0.655   1.00 40.24  ? 166 VAL A N   1 
ATOM   1280 C CA  . VAL A 1 166 ? -10.653 8.552   1.187   1.00 40.43  ? 166 VAL A CA  1 
ATOM   1281 C C   . VAL A 1 166 ? -10.554 10.079  1.235   1.00 41.31  ? 166 VAL A C   1 
ATOM   1282 O O   . VAL A 1 166 ? -10.128 10.653  2.242   1.00 40.59  ? 166 VAL A O   1 
ATOM   1283 C CB  . VAL A 1 166 ? -9.489  7.984   0.333   1.00 40.54  ? 166 VAL A CB  1 
ATOM   1284 C CG1 . VAL A 1 166 ? -8.204  8.771   0.531   1.00 40.54  ? 166 VAL A CG1 1 
ATOM   1285 C CG2 . VAL A 1 166 ? -9.255  6.507   0.638   1.00 39.28  ? 166 VAL A CG2 1 
ATOM   1286 N N   . LYS A 1 167 ? -10.945 10.724  0.145   1.00 41.19  ? 167 LYS A N   1 
ATOM   1287 C CA  . LYS A 1 167 ? -10.867 12.172  0.041   1.00 44.49  ? 167 LYS A CA  1 
ATOM   1288 C C   . LYS A 1 167 ? -11.814 12.874  1.017   1.00 44.53  ? 167 LYS A C   1 
ATOM   1289 O O   . LYS A 1 167 ? -11.427 13.858  1.664   1.00 41.82  ? 167 LYS A O   1 
ATOM   1290 C CB  . LYS A 1 167 ? -11.155 12.609  -1.393  1.00 46.51  ? 167 LYS A CB  1 
ATOM   1291 C CG  . LYS A 1 167 ? -10.809 14.060  -1.684  1.00 49.62  ? 167 LYS A CG  1 
ATOM   1292 C CD  . LYS A 1 167 ? -12.045 14.869  -2.022  1.00 54.53  ? 167 LYS A CD  1 
ATOM   1293 C CE  . LYS A 1 167 ? -11.690 16.183  -2.704  1.00 57.62  ? 167 LYS A CE  1 
ATOM   1294 N NZ  . LYS A 1 167 ? -12.828 16.696  -3.523  1.00 60.47  ? 167 LYS A NZ  1 
ATOM   1295 N N   . LYS A 1 168 ? -13.040 12.358  1.130   1.00 43.56  ? 168 LYS A N   1 
ATOM   1296 C CA  . LYS A 1 168 ? -14.052 12.949  2.002   1.00 44.86  ? 168 LYS A CA  1 
ATOM   1297 C C   . LYS A 1 168 ? -13.683 12.815  3.479   1.00 44.94  ? 168 LYS A C   1 
ATOM   1298 O O   . LYS A 1 168 ? -13.825 13.759  4.246   1.00 43.59  ? 168 LYS A O   1 
ATOM   1299 C CB  . LYS A 1 168 ? -15.418 12.300  1.760   1.00 49.16  ? 168 LYS A CB  1 
ATOM   1300 C CG  . LYS A 1 168 ? -16.583 13.094  2.337   1.00 51.09  ? 168 LYS A CG  1 
ATOM   1301 C CD  . LYS A 1 168 ? -17.893 12.341  2.221   1.00 54.38  ? 168 LYS A CD  1 
ATOM   1302 C CE  . LYS A 1 168 ? -18.423 12.317  0.794   1.00 57.19  ? 168 LYS A CE  1 
ATOM   1303 N NZ  . LYS A 1 168 ? -19.284 11.121  0.555   1.00 59.49  ? 168 LYS A NZ  1 
ATOM   1304 N N   . TYR A 1 169 ? -13.205 11.637  3.868   1.00 45.05  ? 169 TYR A N   1 
ATOM   1305 C CA  . TYR A 1 169 ? -12.844 11.372  5.259   1.00 45.56  ? 169 TYR A CA  1 
ATOM   1306 C C   . TYR A 1 169 ? -11.403 11.769  5.599   1.00 45.28  ? 169 TYR A C   1 
ATOM   1307 O O   . TYR A 1 169 ? -10.945 11.547  6.715   1.00 43.65  ? 169 TYR A O   1 
ATOM   1308 C CB  . TYR A 1 169 ? -13.090 9.896   5.582   1.00 45.75  ? 169 TYR A CB  1 
ATOM   1309 C CG  . TYR A 1 169 ? -14.552 9.580   5.776   1.00 47.28  ? 169 TYR A CG  1 
ATOM   1310 C CD1 . TYR A 1 169 ? -15.357 9.223   4.700   1.00 47.90  ? 169 TYR A CD1 1 
ATOM   1311 C CD2 . TYR A 1 169 ? -15.138 9.659   7.038   1.00 48.47  ? 169 TYR A CD2 1 
ATOM   1312 C CE1 . TYR A 1 169 ? -16.701 8.944   4.874   1.00 47.30  ? 169 TYR A CE1 1 
ATOM   1313 C CE2 . TYR A 1 169 ? -16.483 9.385   7.219   1.00 47.59  ? 169 TYR A CE2 1 
ATOM   1314 C CZ  . TYR A 1 169 ? -17.256 9.026   6.137   1.00 46.56  ? 169 TYR A CZ  1 
ATOM   1315 O OH  . TYR A 1 169 ? -18.584 8.747   6.317   1.00 48.48  ? 169 TYR A OH  1 
ATOM   1316 N N   . ARG A 1 170 ? -10.689 12.351  4.639   1.00 46.55  ? 170 ARG A N   1 
ATOM   1317 C CA  . ARG A 1 170 ? -9.313  12.804  4.848   1.00 46.63  ? 170 ARG A CA  1 
ATOM   1318 C C   . ARG A 1 170 ? -8.426  11.664  5.347   1.00 43.70  ? 170 ARG A C   1 
ATOM   1319 O O   . ARG A 1 170 ? -7.689  11.814  6.315   1.00 43.66  ? 170 ARG A O   1 
ATOM   1320 C CB  . ARG A 1 170 ? -9.278  14.013  5.796   1.00 51.72  ? 170 ARG A CB  1 
ATOM   1321 C CG  . ARG A 1 170 ? -10.259 15.117  5.421   1.00 55.82  ? 170 ARG A CG  1 
ATOM   1322 C CD  . ARG A 1 170 ? -9.788  16.493  5.872   1.00 62.05  ? 170 ARG A CD  1 
ATOM   1323 N NE  . ARG A 1 170 ? -8.690  17.005  5.043   1.00 67.89  ? 170 ARG A NE  1 
ATOM   1324 C CZ  . ARG A 1 170 ? -8.150  18.226  5.149   1.00 71.87  ? 170 ARG A CZ  1 
ATOM   1325 N NH1 . ARG A 1 170 ? -8.596  19.099  6.054   1.00 72.79  ? 170 ARG A NH1 1 
ATOM   1326 N NH2 . ARG A 1 170 ? -7.153  18.581  4.339   1.00 71.34  ? 170 ARG A NH2 1 
ATOM   1327 N N   . VAL A 1 171 ? -8.512  10.518  4.676   1.00 40.82  ? 171 VAL A N   1 
ATOM   1328 C CA  . VAL A 1 171 ? -7.720  9.346   5.042   1.00 38.70  ? 171 VAL A CA  1 
ATOM   1329 C C   . VAL A 1 171 ? -6.375  9.470   4.335   1.00 40.33  ? 171 VAL A C   1 
ATOM   1330 O O   . VAL A 1 171 ? -6.337  9.870   3.172   1.00 40.62  ? 171 VAL A O   1 
ATOM   1331 C CB  . VAL A 1 171 ? -8.391  8.026   4.604   1.00 37.95  ? 171 VAL A CB  1 
ATOM   1332 C CG1 . VAL A 1 171 ? -7.577  6.824   5.079   1.00 38.79  ? 171 VAL A CG1 1 
ATOM   1333 C CG2 . VAL A 1 171 ? -9.812  7.935   5.134   1.00 38.61  ? 171 VAL A CG2 1 
ATOM   1334 N N   . PRO A 1 172 ? -5.267  9.147   5.025   1.00 39.84  ? 172 PRO A N   1 
ATOM   1335 C CA  . PRO A 1 172 ? -3.986  9.163   4.314   1.00 40.89  ? 172 PRO A CA  1 
ATOM   1336 C C   . PRO A 1 172 ? -3.979  8.146   3.178   1.00 41.68  ? 172 PRO A C   1 
ATOM   1337 O O   . PRO A 1 172 ? -4.696  7.148   3.244   1.00 43.44  ? 172 PRO A O   1 
ATOM   1338 C CB  . PRO A 1 172 ? -2.969  8.771   5.394   1.00 40.72  ? 172 PRO A CB  1 
ATOM   1339 C CG  . PRO A 1 172 ? -3.647  9.057   6.701   1.00 41.64  ? 172 PRO A CG  1 
ATOM   1340 C CD  . PRO A 1 172 ? -5.108  8.820   6.456   1.00 40.16  ? 172 PRO A CD  1 
ATOM   1341 N N   . ARG A 1 173 ? -3.184  8.399   2.143   1.00 41.44  ? 173 ARG A N   1 
ATOM   1342 C CA  . ARG A 1 173 ? -3.113  7.491   1.003   1.00 42.24  ? 173 ARG A CA  1 
ATOM   1343 C C   . ARG A 1 173 ? -1.832  7.669   0.212   1.00 41.77  ? 173 ARG A C   1 
ATOM   1344 O O   . ARG A 1 173 ? -1.143  8.672   0.338   1.00 41.54  ? 173 ARG A O   1 
ATOM   1345 C CB  . ARG A 1 173 ? -4.314  7.675   0.075   1.00 43.91  ? 173 ARG A CB  1 
ATOM   1346 C CG  . ARG A 1 173 ? -4.399  9.041   -0.602  1.00 46.61  ? 173 ARG A CG  1 
ATOM   1347 C CD  . ARG A 1 173 ? -4.894  10.103  0.369   1.00 47.74  ? 173 ARG A CD  1 
ATOM   1348 N NE  . ARG A 1 173 ? -5.111  11.389  -0.270  1.00 52.30  ? 173 ARG A NE  1 
ATOM   1349 C CZ  . ARG A 1 173 ? -5.773  12.405  0.278   1.00 53.68  ? 173 ARG A CZ  1 
ATOM   1350 N NH1 . ARG A 1 173 ? -6.300  12.307  1.505   1.00 52.42  ? 173 ARG A NH1 1 
ATOM   1351 N NH2 . ARG A 1 173 ? -5.908  13.531  -0.413  1.00 54.64  ? 173 ARG A NH2 1 
ATOM   1352 N N   . PHE A 1 174 ? -1.527  6.673   -0.604  1.00 40.67  ? 174 PHE A N   1 
ATOM   1353 C CA  . PHE A 1 174 ? -0.430  6.766   -1.547  1.00 41.95  ? 174 PHE A CA  1 
ATOM   1354 C C   . PHE A 1 174 ? -0.705  5.905   -2.770  1.00 42.09  ? 174 PHE A C   1 
ATOM   1355 O O   . PHE A 1 174 ? -1.470  4.941   -2.694  1.00 40.59  ? 174 PHE A O   1 
ATOM   1356 C CB  . PHE A 1 174 ? 0.888   6.356   -0.885  1.00 43.09  ? 174 PHE A CB  1 
ATOM   1357 C CG  . PHE A 1 174 ? 0.859   4.999   -0.239  1.00 43.50  ? 174 PHE A CG  1 
ATOM   1358 C CD1 . PHE A 1 174 ? 1.153   3.858   -0.968  1.00 44.83  ? 174 PHE A CD1 1 
ATOM   1359 C CD2 . PHE A 1 174 ? 0.576   4.868   1.110   1.00 45.57  ? 174 PHE A CD2 1 
ATOM   1360 C CE1 . PHE A 1 174 ? 1.142   2.612   -0.370  1.00 43.94  ? 174 PHE A CE1 1 
ATOM   1361 C CE2 . PHE A 1 174 ? 0.567   3.624   1.715   1.00 44.37  ? 174 PHE A CE2 1 
ATOM   1362 C CZ  . PHE A 1 174 ? 0.843   2.495   0.972   1.00 43.87  ? 174 PHE A CZ  1 
ATOM   1363 N N   . ILE A 1 175 ? -0.097  6.284   -3.893  1.00 41.74  ? 175 ILE A N   1 
ATOM   1364 C CA  . ILE A 1 175 ? -0.124  5.475   -5.100  1.00 43.40  ? 175 ILE A CA  1 
ATOM   1365 C C   . ILE A 1 175 ? 1.157   4.655   -5.134  1.00 42.25  ? 175 ILE A C   1 
ATOM   1366 O O   . ILE A 1 175 ? 2.233   5.173   -4.831  1.00 40.44  ? 175 ILE A O   1 
ATOM   1367 C CB  . ILE A 1 175 ? -0.189  6.326   -6.387  1.00 43.71  ? 175 ILE A CB  1 
ATOM   1368 C CG1 . ILE A 1 175 ? -1.326  7.359   -6.330  1.00 44.69  ? 175 ILE A CG1 1 
ATOM   1369 C CG2 . ILE A 1 175 ? -0.320  5.428   -7.611  1.00 43.80  ? 175 ILE A CG2 1 
ATOM   1370 C CD1 . ILE A 1 175 ? -2.706  6.783   -6.122  1.00 46.84  ? 175 ILE A CD1 1 
ATOM   1371 N N   . THR A 1 176 ? 1.043   3.387   -5.526  1.00 41.39  ? 176 THR A N   1 
ATOM   1372 C CA  . THR A 1 176 ? 2.208   2.522   -5.643  1.00 40.94  ? 176 THR A CA  1 
ATOM   1373 C C   . THR A 1 176 ? 2.052   1.483   -6.747  1.00 41.46  ? 176 THR A C   1 
ATOM   1374 O O   . THR A 1 176 ? 0.946   1.121   -7.119  1.00 42.30  ? 176 THR A O   1 
ATOM   1375 C CB  . THR A 1 176 ? 2.533   1.825   -4.306  1.00 41.83  ? 176 THR A CB  1 
ATOM   1376 O OG1 . THR A 1 176 ? 3.686   0.995   -4.472  1.00 42.17  ? 176 THR A OG1 1 
ATOM   1377 C CG2 . THR A 1 176 ? 1.356   0.980   -3.809  1.00 40.99  ? 176 THR A CG2 1 
ATOM   1378 N N   . SER A 1 177 ? 3.182   1.022   -7.275  1.00 41.92  ? 177 SER A N   1 
ATOM   1379 C CA  . SER A 1 177 ? 3.189   -0.028  -8.282  1.00 42.60  ? 177 SER A CA  1 
ATOM   1380 C C   . SER A 1 177 ? 2.878   -1.390  -7.672  1.00 41.66  ? 177 SER A C   1 
ATOM   1381 O O   . SER A 1 177 ? 2.227   -2.219  -8.313  1.00 41.13  ? 177 SER A O   1 
ATOM   1382 C CB  . SER A 1 177 ? 4.545   -0.084  -9.000  1.00 44.10  ? 177 SER A CB  1 
ATOM   1383 O OG  . SER A 1 177 ? 5.576   -0.536  -8.128  1.00 46.63  ? 177 SER A OG  1 
ATOM   1384 N N   . SER A 1 178 ? 3.342   -1.615  -6.442  1.00 42.42  ? 178 SER A N   1 
ATOM   1385 C CA  . SER A 1 178 ? 3.286   -2.937  -5.808  1.00 45.55  ? 178 SER A CA  1 
ATOM   1386 C C   . SER A 1 178 ? 3.919   -3.957  -6.754  1.00 48.37  ? 178 SER A C   1 
ATOM   1387 O O   . SER A 1 178 ? 3.392   -5.054  -6.944  1.00 52.94  ? 178 SER A O   1 
ATOM   1388 C CB  . SER A 1 178 ? 1.843   -3.329  -5.455  1.00 44.90  ? 178 SER A CB  1 
ATOM   1389 O OG  . SER A 1 178 ? 1.251   -2.379  -4.586  1.00 43.75  ? 178 SER A OG  1 
ATOM   1390 N N   . ALA A 1 179 ? 5.051   -3.574  -7.347  1.00 48.05  ? 179 ALA A N   1 
ATOM   1391 C CA  . ALA A 1 179 ? 5.677   -4.337  -8.425  1.00 48.96  ? 179 ALA A CA  1 
ATOM   1392 C C   . ALA A 1 179 ? 6.307   -5.620  -7.909  1.00 51.54  ? 179 ALA A C   1 
ATOM   1393 O O   . ALA A 1 179 ? 7.007   -5.616  -6.891  1.00 51.73  ? 179 ALA A O   1 
ATOM   1394 C CB  . ALA A 1 179 ? 6.721   -3.493  -9.136  1.00 47.77  ? 179 ALA A CB  1 
ATOM   1395 N N   . GLU A 1 180 ? 6.027   -6.718  -8.605  1.00 54.00  ? 180 GLU A N   1 
ATOM   1396 C CA  . GLU A 1 180 ? 6.642   -8.009  -8.310  1.00 55.51  ? 180 GLU A CA  1 
ATOM   1397 C C   . GLU A 1 180 ? 7.665   -8.397  -9.377  1.00 54.07  ? 180 GLU A C   1 
ATOM   1398 O O   . GLU A 1 180 ? 8.269   -9.468  -9.303  1.00 54.16  ? 180 GLU A O   1 
ATOM   1399 C CB  . GLU A 1 180 ? 5.562   -9.082  -8.151  1.00 59.04  ? 180 GLU A CB  1 
ATOM   1400 C CG  . GLU A 1 180 ? 4.641   -8.785  -6.974  1.00 63.40  ? 180 GLU A CG  1 
ATOM   1401 C CD  . GLU A 1 180 ? 3.728   -9.935  -6.590  1.00 67.67  ? 180 GLU A CD  1 
ATOM   1402 O OE1 . GLU A 1 180 ? 3.841   -11.031 -7.185  1.00 72.03  ? 180 GLU A OE1 1 
ATOM   1403 O OE2 . GLU A 1 180 ? 2.893   -9.732  -5.680  1.00 66.42  ? 180 GLU A OE2 1 
ATOM   1404 N N   . SER A 1 181 ? 7.867   -7.517  -10.356 1.00 51.20  ? 181 SER A N   1 
ATOM   1405 C CA  . SER A 1 181 ? 8.937   -7.679  -11.338 1.00 51.72  ? 181 SER A CA  1 
ATOM   1406 C C   . SER A 1 181 ? 9.373   -6.307  -11.846 1.00 49.62  ? 181 SER A C   1 
ATOM   1407 O O   . SER A 1 181 ? 8.658   -5.317  -11.670 1.00 47.55  ? 181 SER A O   1 
ATOM   1408 C CB  . SER A 1 181 ? 8.476   -8.554  -12.514 1.00 51.77  ? 181 SER A CB  1 
ATOM   1409 O OG  . SER A 1 181 ? 7.558   -7.861  -13.348 1.00 51.04  ? 181 SER A OG  1 
ATOM   1410 N N   . ARG A 1 182 ? 10.536  -6.265  -12.492 1.00 48.86  ? 182 ARG A N   1 
ATOM   1411 C CA  . ARG A 1 182 ? 11.090  -5.020  -13.028 1.00 50.90  ? 182 ARG A CA  1 
ATOM   1412 C C   . ARG A 1 182 ? 10.163  -4.352  -14.045 1.00 52.23  ? 182 ARG A C   1 
ATOM   1413 O O   . ARG A 1 182 ? 10.221  -3.137  -14.250 1.00 50.91  ? 182 ARG A O   1 
ATOM   1414 C CB  . ARG A 1 182 ? 12.464  -5.283  -13.669 1.00 53.62  ? 182 ARG A CB  1 
ATOM   1415 C CG  . ARG A 1 182 ? 12.412  -6.091  -14.959 1.00 55.63  ? 182 ARG A CG  1 
ATOM   1416 C CD  . ARG A 1 182 ? 13.777  -6.633  -15.356 1.00 56.82  ? 182 ARG A CD  1 
ATOM   1417 N NE  . ARG A 1 182 ? 14.850  -5.653  -15.172 1.00 56.66  ? 182 ARG A NE  1 
ATOM   1418 C CZ  . ARG A 1 182 ? 15.099  -4.630  -15.982 1.00 55.50  ? 182 ARG A CZ  1 
ATOM   1419 N NH1 . ARG A 1 182 ? 14.358  -4.411  -17.065 1.00 57.86  ? 182 ARG A NH1 1 
ATOM   1420 N NH2 . ARG A 1 182 ? 16.102  -3.805  -15.703 1.00 55.11  ? 182 ARG A NH2 1 
ATOM   1421 N N   . TRP A 1 183 ? 9.309   -5.158  -14.674 1.00 52.66  ? 183 TRP A N   1 
ATOM   1422 C CA  . TRP A 1 183 ? 8.402   -4.691  -15.717 1.00 53.69  ? 183 TRP A CA  1 
ATOM   1423 C C   . TRP A 1 183 ? 7.213   -3.898  -15.168 1.00 53.69  ? 183 TRP A C   1 
ATOM   1424 O O   . TRP A 1 183 ? 6.655   -3.049  -15.868 1.00 53.89  ? 183 TRP A O   1 
ATOM   1425 C CB  . TRP A 1 183 ? 7.900   -5.889  -16.533 1.00 53.90  ? 183 TRP A CB  1 
ATOM   1426 C CG  . TRP A 1 183 ? 9.019   -6.780  -16.999 1.00 53.17  ? 183 TRP A CG  1 
ATOM   1427 C CD1 . TRP A 1 183 ? 9.247   -8.080  -16.633 1.00 52.37  ? 183 TRP A CD1 1 
ATOM   1428 C CD2 . TRP A 1 183 ? 10.082  -6.421  -17.886 1.00 52.40  ? 183 TRP A CD2 1 
ATOM   1429 N NE1 . TRP A 1 183 ? 10.378  -8.555  -17.250 1.00 51.15  ? 183 TRP A NE1 1 
ATOM   1430 C CE2 . TRP A 1 183 ? 10.911  -7.559  -18.026 1.00 52.97  ? 183 TRP A CE2 1 
ATOM   1431 C CE3 . TRP A 1 183 ? 10.413  -5.252  -18.583 1.00 52.32  ? 183 TRP A CE3 1 
ATOM   1432 C CZ2 . TRP A 1 183 ? 12.048  -7.559  -18.834 1.00 52.58  ? 183 TRP A CZ2 1 
ATOM   1433 C CZ3 . TRP A 1 183 ? 11.547  -5.253  -19.385 1.00 50.77  ? 183 TRP A CZ3 1 
ATOM   1434 C CH2 . TRP A 1 183 ? 12.347  -6.399  -19.503 1.00 52.09  ? 183 TRP A CH2 1 
ATOM   1435 N N   . GLU A 1 184 ? 6.836   -4.175  -13.921 1.00 55.21  ? 184 GLU A N   1 
ATOM   1436 C CA  . GLU A 1 184 ? 5.685   -3.528  -13.287 1.00 55.67  ? 184 GLU A CA  1 
ATOM   1437 C C   . GLU A 1 184 ? 6.019   -2.192  -12.601 1.00 54.86  ? 184 GLU A C   1 
ATOM   1438 O O   . GLU A 1 184 ? 5.121   -1.517  -12.100 1.00 54.68  ? 184 GLU A O   1 
ATOM   1439 C CB  . GLU A 1 184 ? 5.046   -4.484  -12.276 1.00 56.66  ? 184 GLU A CB  1 
ATOM   1440 C CG  . GLU A 1 184 ? 4.565   -5.789  -12.894 1.00 58.41  ? 184 GLU A CG  1 
ATOM   1441 C CD  . GLU A 1 184 ? 3.842   -6.684  -11.909 1.00 61.50  ? 184 GLU A CD  1 
ATOM   1442 O OE1 . GLU A 1 184 ? 3.811   -6.361  -10.702 1.00 62.51  ? 184 GLU A OE1 1 
ATOM   1443 O OE2 . GLU A 1 184 ? 3.299   -7.722  -12.341 1.00 65.60  ? 184 GLU A OE2 1 
ATOM   1444 N N   . VAL A 1 185 ? 7.297   -1.813  -12.577 1.00 51.56  ? 185 VAL A N   1 
ATOM   1445 C CA  . VAL A 1 185 ? 7.711   -0.532  -12.009 1.00 50.35  ? 185 VAL A CA  1 
ATOM   1446 C C   . VAL A 1 185 ? 7.413   0.585   -13.009 1.00 50.33  ? 185 VAL A C   1 
ATOM   1447 O O   . VAL A 1 185 ? 7.788   0.493   -14.170 1.00 50.67  ? 185 VAL A O   1 
ATOM   1448 C CB  . VAL A 1 185 ? 9.218   -0.521  -11.669 1.00 50.29  ? 185 VAL A CB  1 
ATOM   1449 C CG1 . VAL A 1 185 ? 9.627   0.789   -11.013 1.00 49.98  ? 185 VAL A CG1 1 
ATOM   1450 C CG2 . VAL A 1 185 ? 9.567   -1.685  -10.750 1.00 52.25  ? 185 VAL A CG2 1 
ATOM   1451 N N   . ARG A 1 186 ? 6.741   1.636   -12.545 1.00 52.09  ? 186 ARG A N   1 
ATOM   1452 C CA  . ARG A 1 186 ? 6.436   2.803   -13.374 1.00 53.89  ? 186 ARG A CA  1 
ATOM   1453 C C   . ARG A 1 186 ? 6.919   4.068   -12.667 1.00 50.72  ? 186 ARG A C   1 
ATOM   1454 O O   . ARG A 1 186 ? 6.952   4.134   -11.440 1.00 48.30  ? 186 ARG A O   1 
ATOM   1455 C CB  . ARG A 1 186 ? 4.932   2.910   -13.631 1.00 57.40  ? 186 ARG A CB  1 
ATOM   1456 C CG  . ARG A 1 186 ? 4.283   1.689   -14.273 1.00 62.59  ? 186 ARG A CG  1 
ATOM   1457 C CD  . ARG A 1 186 ? 4.508   1.592   -15.777 1.00 68.08  ? 186 ARG A CD  1 
ATOM   1458 N NE  . ARG A 1 186 ? 5.388   0.477   -16.139 1.00 72.41  ? 186 ARG A NE  1 
ATOM   1459 C CZ  . ARG A 1 186 ? 6.503   0.568   -16.867 1.00 79.77  ? 186 ARG A CZ  1 
ATOM   1460 N NH1 . ARG A 1 186 ? 7.207   -0.532  -17.114 1.00 83.62  ? 186 ARG A NH1 1 
ATOM   1461 N NH2 . ARG A 1 186 ? 6.928   1.736   -17.358 1.00 81.67  ? 186 ARG A NH2 1 
ATOM   1462 N N   . GLY A 1 187 ? 7.279   5.077   -13.450 1.00 50.45  ? 187 GLY A N   1 
ATOM   1463 C CA  . GLY A 1 187 ? 7.824   6.319   -12.907 1.00 49.26  ? 187 GLY A CA  1 
ATOM   1464 C C   . GLY A 1 187 ? 6.778   7.165   -12.203 1.00 49.40  ? 187 GLY A C   1 
ATOM   1465 O O   . GLY A 1 187 ? 5.581   6.914   -12.349 1.00 49.60  ? 187 GLY A O   1 
ATOM   1466 N N   . PRO A 1 188 ? 7.224   8.185   -11.443 1.00 48.93  ? 188 PRO A N   1 
ATOM   1467 C CA  . PRO A 1 188 ? 6.316   9.064   -10.702 1.00 48.85  ? 188 PRO A CA  1 
ATOM   1468 C C   . PRO A 1 188 ? 5.204   9.650   -11.566 1.00 51.16  ? 188 PRO A C   1 
ATOM   1469 O O   . PRO A 1 188 ? 4.052   9.670   -11.147 1.00 49.98  ? 188 PRO A O   1 
ATOM   1470 C CB  . PRO A 1 188 ? 7.231   10.186  -10.199 1.00 49.35  ? 188 PRO A CB  1 
ATOM   1471 C CG  . PRO A 1 188 ? 8.594   9.598   -10.169 1.00 50.17  ? 188 PRO A CG  1 
ATOM   1472 C CD  . PRO A 1 188 ? 8.636   8.585   -11.279 1.00 49.38  ? 188 PRO A CD  1 
ATOM   1473 N N   . ARG A 1 189 ? 5.557   10.106  -12.766 1.00 52.09  ? 189 ARG A N   1 
ATOM   1474 C CA  . ARG A 1 189 ? 4.600   10.722  -13.676 1.00 54.44  ? 189 ARG A CA  1 
ATOM   1475 C C   . ARG A 1 189 ? 3.490   9.748   -14.082 1.00 51.70  ? 189 ARG A C   1 
ATOM   1476 O O   . ARG A 1 189 ? 2.332   10.138  -14.180 1.00 48.53  ? 189 ARG A O   1 
ATOM   1477 C CB  . ARG A 1 189 ? 5.331   11.262  -14.909 1.00 60.09  ? 189 ARG A CB  1 
ATOM   1478 C CG  . ARG A 1 189 ? 4.491   12.175  -15.786 1.00 64.61  ? 189 ARG A CG  1 
ATOM   1479 C CD  . ARG A 1 189 ? 5.332   12.833  -16.871 1.00 68.41  ? 189 ARG A CD  1 
ATOM   1480 N NE  . ARG A 1 189 ? 6.037   14.024  -16.390 1.00 71.78  ? 189 ARG A NE  1 
ATOM   1481 C CZ  . ARG A 1 189 ? 7.305   14.067  -15.970 1.00 74.71  ? 189 ARG A CZ  1 
ATOM   1482 N NH1 . ARG A 1 189 ? 8.073   12.978  -15.951 1.00 73.46  ? 189 ARG A NH1 1 
ATOM   1483 N NH2 . ARG A 1 189 ? 7.819   15.224  -15.567 1.00 75.52  ? 189 ARG A NH2 1 
ATOM   1484 N N   . ASP A 1 190 ? 3.844   8.484   -14.300 1.00 52.11  ? 190 ASP A N   1 
ATOM   1485 C CA  . ASP A 1 190 ? 2.857   7.455   -14.629 1.00 51.88  ? 190 ASP A CA  1 
ATOM   1486 C C   . ASP A 1 190 ? 1.991   7.088   -13.429 1.00 50.38  ? 190 ASP A C   1 
ATOM   1487 O O   . ASP A 1 190 ? 0.791   6.851   -13.583 1.00 49.20  ? 190 ASP A O   1 
ATOM   1488 C CB  . ASP A 1 190 ? 3.527   6.191   -15.182 1.00 54.12  ? 190 ASP A CB  1 
ATOM   1489 C CG  . ASP A 1 190 ? 4.040   6.371   -16.612 1.00 59.09  ? 190 ASP A CG  1 
ATOM   1490 O OD1 . ASP A 1 190 ? 4.208   7.543   -17.037 1.00 61.82  ? 190 ASP A OD1 1 
ATOM   1491 O OD2 . ASP A 1 190 ? 4.281   5.342   -17.301 1.00 56.09  ? 190 ASP A OD2 1 
ATOM   1492 N N   . LEU A 1 191 ? 2.589   7.032   -12.241 1.00 45.85  ? 191 LEU A N   1 
ATOM   1493 C CA  . LEU A 1 191 ? 1.822   6.735   -11.032 1.00 44.54  ? 191 LEU A CA  1 
ATOM   1494 C C   . LEU A 1 191 ? 0.819   7.846   -10.729 1.00 44.51  ? 191 LEU A C   1 
ATOM   1495 O O   . LEU A 1 191 ? -0.273  7.577   -10.245 1.00 45.37  ? 191 LEU A O   1 
ATOM   1496 C CB  . LEU A 1 191 ? 2.751   6.509   -9.835  1.00 43.83  ? 191 LEU A CB  1 
ATOM   1497 C CG  . LEU A 1 191 ? 3.646   5.263   -9.866  1.00 41.93  ? 191 LEU A CG  1 
ATOM   1498 C CD1 . LEU A 1 191 ? 4.389   5.153   -8.552  1.00 43.00  ? 191 LEU A CD1 1 
ATOM   1499 C CD2 . LEU A 1 191 ? 2.851   3.991   -10.127 1.00 42.18  ? 191 LEU A CD2 1 
ATOM   1500 N N   . MET A 1 192 ? 1.190   9.086   -11.031 1.00 45.76  ? 192 MET A N   1 
ATOM   1501 C CA  . MET A 1 192 ? 0.289   10.226  -10.865 1.00 46.68  ? 192 MET A CA  1 
ATOM   1502 C C   . MET A 1 192 ? -0.839  10.220  -11.900 1.00 48.59  ? 192 MET A C   1 
ATOM   1503 O O   . MET A 1 192 ? -1.937  10.714  -11.630 1.00 50.38  ? 192 MET A O   1 
ATOM   1504 C CB  . MET A 1 192 ? 1.073   11.540  -10.932 1.00 47.24  ? 192 MET A CB  1 
ATOM   1505 C CG  . MET A 1 192 ? 1.956   11.766  -9.719  1.00 48.29  ? 192 MET A CG  1 
ATOM   1506 S SD  . MET A 1 192 ? 2.755   13.383  -9.664  1.00 53.67  ? 192 MET A SD  1 
ATOM   1507 C CE  . MET A 1 192 ? 3.745   13.354  -11.158 1.00 52.85  ? 192 MET A CE  1 
ATOM   1508 N N   . SER A 1 193 ? -0.576  9.656   -13.080 1.00 47.47  ? 193 SER A N   1 
ATOM   1509 C CA  . SER A 1 193 ? -1.618  9.482   -14.092 1.00 46.36  ? 193 SER A CA  1 
ATOM   1510 C C   . SER A 1 193 ? -2.705  8.518   -13.626 1.00 46.24  ? 193 SER A C   1 
ATOM   1511 O O   . SER A 1 193 ? -3.871  8.713   -13.947 1.00 45.06  ? 193 SER A O   1 
ATOM   1512 C CB  . SER A 1 193 ? -1.018  8.990   -15.410 1.00 47.38  ? 193 SER A CB  1 
ATOM   1513 O OG  . SER A 1 193 ? -0.070  9.920   -15.899 1.00 48.76  ? 193 SER A OG  1 
ATOM   1514 N N   . LEU A 1 194 ? -2.327  7.471   -12.890 1.00 46.20  ? 194 LEU A N   1 
ATOM   1515 C CA  . LEU A 1 194 ? -3.317  6.591   -12.272 1.00 45.10  ? 194 LEU A CA  1 
ATOM   1516 C C   . LEU A 1 194 ? -4.200  7.402   -11.331 1.00 45.37  ? 194 LEU A C   1 
ATOM   1517 O O   . LEU A 1 194 ? -5.421  7.272   -11.357 1.00 44.62  ? 194 LEU A O   1 
ATOM   1518 C CB  . LEU A 1 194 ? -2.652  5.448   -11.505 1.00 45.61  ? 194 LEU A CB  1 
ATOM   1519 C CG  . LEU A 1 194 ? -3.570  4.484   -10.740 1.00 45.47  ? 194 LEU A CG  1 
ATOM   1520 C CD1 . LEU A 1 194 ? -4.570  3.807   -11.666 1.00 45.33  ? 194 LEU A CD1 1 
ATOM   1521 C CD2 . LEU A 1 194 ? -2.746  3.441   -10.003 1.00 46.05  ? 194 LEU A CD2 1 
ATOM   1522 N N   . GLY A 1 195 ? -3.579  8.246   -10.507 1.00 44.70  ? 195 GLY A N   1 
ATOM   1523 C CA  . GLY A 1 195 ? -4.319  9.142   -9.626  1.00 43.11  ? 195 GLY A CA  1 
ATOM   1524 C C   . GLY A 1 195 ? -5.348  9.965   -10.385 1.00 43.17  ? 195 GLY A C   1 
ATOM   1525 O O   . GLY A 1 195 ? -6.527  9.980   -10.033 1.00 39.54  ? 195 GLY A O   1 
ATOM   1526 N N   . ILE A 1 196 ? -4.900  10.641  -11.437 1.00 44.60  ? 196 ILE A N   1 
ATOM   1527 C CA  . ILE A 1 196 ? -5.781  11.472  -12.256 1.00 47.43  ? 196 ILE A CA  1 
ATOM   1528 C C   . ILE A 1 196 ? -6.909  10.639  -12.880 1.00 47.71  ? 196 ILE A C   1 
ATOM   1529 O O   . ILE A 1 196 ? -8.055  11.086  -12.908 1.00 49.73  ? 196 ILE A O   1 
ATOM   1530 C CB  . ILE A 1 196 ? -5.003  12.217  -13.367 1.00 49.60  ? 196 ILE A CB  1 
ATOM   1531 C CG1 . ILE A 1 196 ? -4.003  13.206  -12.757 1.00 50.92  ? 196 ILE A CG1 1 
ATOM   1532 C CG2 . ILE A 1 196 ? -5.959  12.961  -14.298 1.00 49.61  ? 196 ILE A CG2 1 
ATOM   1533 C CD1 . ILE A 1 196 ? -2.860  13.562  -13.687 1.00 51.75  ? 196 ILE A CD1 1 
ATOM   1534 N N   . ASN A 1 197 ? -6.592  9.436   -13.361 1.00 48.13  ? 197 ASN A N   1 
ATOM   1535 C CA  . ASN A 1 197 ? -7.616  8.518   -13.891 1.00 49.77  ? 197 ASN A CA  1 
ATOM   1536 C C   . ASN A 1 197 ? -8.693  8.179   -12.870 1.00 49.64  ? 197 ASN A C   1 
ATOM   1537 O O   . ASN A 1 197 ? -9.863  8.040   -13.214 1.00 52.52  ? 197 ASN A O   1 
ATOM   1538 C CB  . ASN A 1 197 ? -6.987  7.207   -14.368 1.00 51.24  ? 197 ASN A CB  1 
ATOM   1539 C CG  . ASN A 1 197 ? -6.235  7.354   -15.674 1.00 54.36  ? 197 ASN A CG  1 
ATOM   1540 O OD1 . ASN A 1 197 ? -5.969  8.463   -16.138 1.00 55.49  ? 197 ASN A OD1 1 
ATOM   1541 N ND2 . ASN A 1 197 ? -5.881  6.222   -16.273 1.00 57.72  ? 197 ASN A ND2 1 
ATOM   1542 N N   . ILE A 1 198 ? -8.275  8.023   -11.618 1.00 49.32  ? 198 ILE A N   1 
ATOM   1543 C CA  . ILE A 1 198 ? -9.163  7.680   -10.513 1.00 50.42  ? 198 ILE A CA  1 
ATOM   1544 C C   . ILE A 1 198 ? -9.953  8.892   -10.026 1.00 49.24  ? 198 ILE A C   1 
ATOM   1545 O O   . ILE A 1 198 ? -10.913 8.743   -9.278  1.00 51.37  ? 198 ILE A O   1 
ATOM   1546 C CB  . ILE A 1 198 ? -8.345  7.042   -9.357  1.00 53.75  ? 198 ILE A CB  1 
ATOM   1547 C CG1 . ILE A 1 198 ? -7.699  5.737   -9.827  1.00 54.43  ? 198 ILE A CG1 1 
ATOM   1548 C CG2 . ILE A 1 198 ? -9.193  6.765   -8.130  1.00 55.84  ? 198 ILE A CG2 1 
ATOM   1549 C CD1 . ILE A 1 198 ? -8.637  4.801   -10.541 1.00 54.24  ? 198 ILE A CD1 1 
ATOM   1550 N N   . GLY A 1 199 ? -9.553  10.090  -10.441 1.00 48.16  ? 199 GLY A N   1 
ATOM   1551 C CA  . GLY A 1 199 ? -10.282 11.313  -10.108 1.00 48.23  ? 199 GLY A CA  1 
ATOM   1552 C C   . GLY A 1 199 ? -9.552  12.295  -9.213  1.00 49.31  ? 199 GLY A C   1 
ATOM   1553 O O   . GLY A 1 199 ? -10.168 13.234  -8.705  1.00 49.80  ? 199 GLY A O   1 
ATOM   1554 N N   . MET A 1 200 ? -8.250  12.083  -9.014  1.00 48.62  ? 200 MET A N   1 
ATOM   1555 C CA  A MET A 1 200 ? -7.441  12.990  -8.215  0.50 50.08  ? 200 MET A CA  1 
ATOM   1556 C CA  B MET A 1 200 ? -7.426  12.990  -8.218  0.50 48.84  ? 200 MET A CA  1 
ATOM   1557 C C   . MET A 1 200 ? -7.091  14.234  -9.026  1.00 50.13  ? 200 MET A C   1 
ATOM   1558 O O   . MET A 1 200 ? -6.954  14.175  -10.243 1.00 51.46  ? 200 MET A O   1 
ATOM   1559 C CB  A MET A 1 200 ? -6.159  12.293  -7.750  0.50 50.18  ? 200 MET A CB  1 
ATOM   1560 C CB  B MET A 1 200 ? -6.112  12.327  -7.792  0.50 47.17  ? 200 MET A CB  1 
ATOM   1561 C CG  A MET A 1 200 ? -6.397  11.006  -6.975  0.50 50.99  ? 200 MET A CG  1 
ATOM   1562 C CG  B MET A 1 200 ? -6.249  11.145  -6.849  0.50 46.42  ? 200 MET A CG  1 
ATOM   1563 S SD  A MET A 1 200 ? -4.881  10.318  -6.291  0.50 52.86  ? 200 MET A SD  1 
ATOM   1564 S SD  B MET A 1 200 ? -4.674  10.703  -6.080  0.50 45.30  ? 200 MET A SD  1 
ATOM   1565 C CE  A MET A 1 200 ? -4.583  11.518  -5.011  0.50 52.05  ? 200 MET A CE  1 
ATOM   1566 C CE  B MET A 1 200 ? -5.154  9.270   -5.118  0.50 44.73  ? 200 MET A CE  1 
ATOM   1567 N N   . GLU A 1 201 ? -6.955  15.362  -8.346  1.00 52.72  ? 201 GLU A N   1 
ATOM   1568 C CA  . GLU A 1 201 ? -6.448  16.567  -8.984  1.00 55.30  ? 201 GLU A CA  1 
ATOM   1569 C C   . GLU A 1 201 ? -4.929  16.432  -9.021  1.00 55.15  ? 201 GLU A C   1 
ATOM   1570 O O   . GLU A 1 201 ? -4.357  15.550  -8.368  1.00 53.12  ? 201 GLU A O   1 
ATOM   1571 C CB  . GLU A 1 201 ? -6.853  17.831  -8.211  1.00 57.71  ? 201 GLU A CB  1 
ATOM   1572 C CG  . GLU A 1 201 ? -8.357  18.021  -8.029  1.00 60.01  ? 201 GLU A CG  1 
ATOM   1573 C CD  . GLU A 1 201 ? -9.115  18.265  -9.327  1.00 62.33  ? 201 GLU A CD  1 
ATOM   1574 O OE1 . GLU A 1 201 ? -8.481  18.541  -10.369 1.00 65.00  ? 201 GLU A OE1 1 
ATOM   1575 O OE2 . GLU A 1 201 ? -10.365 18.190  -9.300  1.00 65.54  ? 201 GLU A OE2 1 
ATOM   1576 N N   . ILE A 1 202 ? -4.282  17.304  -9.783  1.00 54.68  ? 202 ILE A N   1 
ATOM   1577 C CA  . ILE A 1 202 ? -2.833  17.249  -9.966  1.00 53.54  ? 202 ILE A CA  1 
ATOM   1578 C C   . ILE A 1 202 ? -2.061  17.323  -8.632  1.00 52.13  ? 202 ILE A C   1 
ATOM   1579 O O   . ILE A 1 202 ? -1.184  16.494  -8.390  1.00 53.32  ? 202 ILE A O   1 
ATOM   1580 C CB  . ILE A 1 202 ? -2.353  18.327  -10.979 1.00 53.98  ? 202 ILE A CB  1 
ATOM   1581 C CG1 . ILE A 1 202 ? -2.816  17.943  -12.392 1.00 54.60  ? 202 ILE A CG1 1 
ATOM   1582 C CG2 . ILE A 1 202 ? -0.836  18.487  -10.933 1.00 54.76  ? 202 ILE A CG2 1 
ATOM   1583 C CD1 . ILE A 1 202 ? -2.563  18.985  -13.462 1.00 55.50  ? 202 ILE A CD1 1 
ATOM   1584 N N   . PRO A 1 203 ? -2.378  18.308  -7.768  1.00 50.32  ? 203 PRO A N   1 
ATOM   1585 C CA  . PRO A 1 203 ? -1.666  18.386  -6.486  1.00 48.84  ? 203 PRO A CA  1 
ATOM   1586 C C   . PRO A 1 203 ? -1.971  17.231  -5.536  1.00 45.42  ? 203 PRO A C   1 
ATOM   1587 O O   . PRO A 1 203 ? -1.116  16.864  -4.729  1.00 44.33  ? 203 PRO A O   1 
ATOM   1588 C CB  . PRO A 1 203 ? -2.151  19.710  -5.883  1.00 50.66  ? 203 PRO A CB  1 
ATOM   1589 C CG  . PRO A 1 203 ? -3.428  20.020  -6.583  1.00 51.49  ? 203 PRO A CG  1 
ATOM   1590 C CD  . PRO A 1 203 ? -3.277  19.458  -7.965  1.00 52.19  ? 203 PRO A CD  1 
ATOM   1591 N N   . GLU A 1 204 ? -3.167  16.658  -5.643  1.00 44.57  ? 204 GLU A N   1 
ATOM   1592 C CA  . GLU A 1 204 ? -3.542  15.502  -4.828  1.00 44.30  ? 204 GLU A CA  1 
ATOM   1593 C C   . GLU A 1 204 ? -2.725  14.279  -5.232  1.00 44.98  ? 204 GLU A C   1 
ATOM   1594 O O   . GLU A 1 204 ? -2.174  13.593  -4.372  1.00 46.26  ? 204 GLU A O   1 
ATOM   1595 C CB  . GLU A 1 204 ? -5.041  15.207  -4.942  1.00 44.70  ? 204 GLU A CB  1 
ATOM   1596 C CG  . GLU A 1 204 ? -5.927  16.285  -4.325  1.00 45.19  ? 204 GLU A CG  1 
ATOM   1597 C CD  . GLU A 1 204 ? -7.405  16.100  -4.633  1.00 45.73  ? 204 GLU A CD  1 
ATOM   1598 O OE1 . GLU A 1 204 ? -7.744  15.733  -5.776  1.00 44.37  ? 204 GLU A OE1 1 
ATOM   1599 O OE2 . GLU A 1 204 ? -8.239  16.326  -3.731  1.00 46.77  ? 204 GLU A OE2 1 
ATOM   1600 N N   . ALA A 1 205 ? -2.632  14.021  -6.536  1.00 43.94  ? 205 ALA A N   1 
ATOM   1601 C CA  . ALA A 1 205 ? -1.800  12.927  -7.054  1.00 43.42  ? 205 ALA A CA  1 
ATOM   1602 C C   . ALA A 1 205 ? -0.337  13.080  -6.637  1.00 45.20  ? 205 ALA A C   1 
ATOM   1603 O O   . ALA A 1 205 ? 0.318   12.106  -6.261  1.00 45.01  ? 205 ALA A O   1 
ATOM   1604 C CB  . ALA A 1 205 ? -1.910  12.848  -8.564  1.00 43.29  ? 205 ALA A CB  1 
ATOM   1605 N N   . ARG A 1 206 ? 0.162   14.309  -6.700  1.00 46.96  ? 206 ARG A N   1 
ATOM   1606 C CA  . ARG A 1 206 ? 1.522   14.628  -6.264  1.00 47.69  ? 206 ARG A CA  1 
ATOM   1607 C C   . ARG A 1 206 ? 1.721   14.331  -4.779  1.00 45.05  ? 206 ARG A C   1 
ATOM   1608 O O   . ARG A 1 206 ? 2.751   13.784  -4.389  1.00 43.58  ? 206 ARG A O   1 
ATOM   1609 C CB  . ARG A 1 206 ? 1.828   16.102  -6.550  1.00 52.76  ? 206 ARG A CB  1 
ATOM   1610 C CG  . ARG A 1 206 ? 3.262   16.533  -6.286  1.00 56.28  ? 206 ARG A CG  1 
ATOM   1611 C CD  . ARG A 1 206 ? 3.434   18.037  -6.464  1.00 59.93  ? 206 ARG A CD  1 
ATOM   1612 N NE  . ARG A 1 206 ? 3.069   18.470  -7.812  1.00 64.22  ? 206 ARG A NE  1 
ATOM   1613 C CZ  . ARG A 1 206 ? 3.825   18.304  -8.899  1.00 71.75  ? 206 ARG A CZ  1 
ATOM   1614 N NH1 . ARG A 1 206 ? 5.018   17.711  -8.827  1.00 74.86  ? 206 ARG A NH1 1 
ATOM   1615 N NH2 . ARG A 1 206 ? 3.383   18.736  -10.079 1.00 75.11  ? 206 ARG A NH2 1 
ATOM   1616 N N   . ALA A 1 207 ? 0.742   14.702  -3.954  1.00 44.13  ? 207 ALA A N   1 
ATOM   1617 C CA  . ALA A 1 207 ? 0.823   14.466  -2.506  1.00 41.93  ? 207 ALA A CA  1 
ATOM   1618 C C   . ALA A 1 207 ? 0.830   12.983  -2.152  1.00 43.10  ? 207 ALA A C   1 
ATOM   1619 O O   . ALA A 1 207 ? 1.440   12.590  -1.156  1.00 46.17  ? 207 ALA A O   1 
ATOM   1620 C CB  . ALA A 1 207 ? -0.311  15.167  -1.780  1.00 42.27  ? 207 ALA A CB  1 
ATOM   1621 N N   . SER A 1 208 ? 0.171   12.162  -2.972  1.00 42.06  ? 208 SER A N   1 
ATOM   1622 C CA  . SER A 1 208 ? 0.162   10.712  -2.780  1.00 41.69  ? 208 SER A CA  1 
ATOM   1623 C C   . SER A 1 208 ? 1.528   10.039  -3.000  1.00 42.04  ? 208 SER A C   1 
ATOM   1624 O O   . SER A 1 208 ? 1.746   8.915   -2.541  1.00 45.87  ? 208 SER A O   1 
ATOM   1625 C CB  . SER A 1 208 ? -0.886  10.068  -3.691  1.00 41.84  ? 208 SER A CB  1 
ATOM   1626 O OG  . SER A 1 208 ? -2.185  10.535  -3.362  1.00 40.31  ? 208 SER A OG  1 
ATOM   1627 N N   . LEU A 1 209 ? 2.434   10.704  -3.713  1.00 42.89  ? 209 LEU A N   1 
ATOM   1628 C CA  . LEU A 1 209 ? 3.807   10.219  -3.878  1.00 43.81  ? 209 LEU A CA  1 
ATOM   1629 C C   . LEU A 1 209 ? 4.830   11.013  -3.062  1.00 44.43  ? 209 LEU A C   1 
ATOM   1630 O O   . LEU A 1 209 ? 5.973   10.585  -2.913  1.00 43.75  ? 209 LEU A O   1 
ATOM   1631 C CB  . LEU A 1 209 ? 4.206   10.263  -5.351  1.00 44.84  ? 209 LEU A CB  1 
ATOM   1632 C CG  . LEU A 1 209 ? 3.475   9.317   -6.304  1.00 45.75  ? 209 LEU A CG  1 
ATOM   1633 C CD1 . LEU A 1 209 ? 3.987   9.534   -7.720  1.00 45.48  ? 209 LEU A CD1 1 
ATOM   1634 C CD2 . LEU A 1 209 ? 3.639   7.859   -5.884  1.00 44.86  ? 209 LEU A CD2 1 
ATOM   1635 N N   . ASN A 1 210 ? 4.420   12.157  -2.523  1.00 46.08  ? 210 ASN A N   1 
ATOM   1636 C CA  . ASN A 1 210 ? 5.343   13.071  -1.856  1.00 47.47  ? 210 ASN A CA  1 
ATOM   1637 C C   . ASN A 1 210 ? 5.001   13.192  -0.373  1.00 47.38  ? 210 ASN A C   1 
ATOM   1638 O O   . ASN A 1 210 ? 5.661   12.583  0.481   1.00 46.50  ? 210 ASN A O   1 
ATOM   1639 C CB  . ASN A 1 210 ? 5.310   14.432  -2.570  1.00 49.35  ? 210 ASN A CB  1 
ATOM   1640 C CG  . ASN A 1 210 ? 6.331   15.421  -2.031  1.00 52.17  ? 210 ASN A CG  1 
ATOM   1641 O OD1 . ASN A 1 210 ? 6.834   15.290  -0.914  1.00 52.48  ? 210 ASN A OD1 1 
ATOM   1642 N ND2 . ASN A 1 210 ? 6.641   16.430  -2.837  1.00 53.84  ? 210 ASN A ND2 1 
ATOM   1643 N N   . PHE A 1 211 ? 3.944   13.938  -0.073  1.00 45.95  ? 211 PHE A N   1 
ATOM   1644 C CA  . PHE A 1 211 ? 3.630   14.319  1.303   1.00 43.83  ? 211 PHE A CA  1 
ATOM   1645 C C   . PHE A 1 211 ? 3.206   13.151  2.190   1.00 41.37  ? 211 PHE A C   1 
ATOM   1646 O O   . PHE A 1 211 ? 3.674   13.032  3.319   1.00 41.49  ? 211 PHE A O   1 
ATOM   1647 C CB  . PHE A 1 211 ? 2.550   15.402  1.305   1.00 44.83  ? 211 PHE A CB  1 
ATOM   1648 C CG  . PHE A 1 211 ? 2.076   15.771  2.671   1.00 46.66  ? 211 PHE A CG  1 
ATOM   1649 C CD1 . PHE A 1 211 ? 2.869   16.546  3.506   1.00 48.43  ? 211 PHE A CD1 1 
ATOM   1650 C CD2 . PHE A 1 211 ? 0.839   15.339  3.130   1.00 46.94  ? 211 PHE A CD2 1 
ATOM   1651 C CE1 . PHE A 1 211 ? 2.437   16.888  4.778   1.00 48.91  ? 211 PHE A CE1 1 
ATOM   1652 C CE2 . PHE A 1 211 ? 0.402   15.677  4.398   1.00 48.18  ? 211 PHE A CE2 1 
ATOM   1653 C CZ  . PHE A 1 211 ? 1.203   16.450  5.225   1.00 49.20  ? 211 PHE A CZ  1 
ATOM   1654 N N   . TYR A 1 212 ? 2.313   12.303  1.694   1.00 38.72  ? 212 TYR A N   1 
ATOM   1655 C CA  . TYR A 1 212 ? 1.772   11.214  2.510   1.00 39.80  ? 212 TYR A CA  1 
ATOM   1656 C C   . TYR A 1 212 ? 2.761   10.088  2.798   1.00 41.23  ? 212 TYR A C   1 
ATOM   1657 O O   . TYR A 1 212 ? 2.766   9.562   3.907   1.00 44.64  ? 212 TYR A O   1 
ATOM   1658 C CB  . TYR A 1 212 ? 0.483   10.662  1.902   1.00 40.83  ? 212 TYR A CB  1 
ATOM   1659 C CG  . TYR A 1 212 ? -0.686  11.604  2.067   1.00 41.48  ? 212 TYR A CG  1 
ATOM   1660 C CD1 . TYR A 1 212 ? -1.271  11.803  3.313   1.00 40.91  ? 212 TYR A CD1 1 
ATOM   1661 C CD2 . TYR A 1 212 ? -1.185  12.320  0.987   1.00 42.39  ? 212 TYR A CD2 1 
ATOM   1662 C CE1 . TYR A 1 212 ? -2.332  12.672  3.472   1.00 43.27  ? 212 TYR A CE1 1 
ATOM   1663 C CE2 . TYR A 1 212 ? -2.240  13.200  1.140   1.00 43.86  ? 212 TYR A CE2 1 
ATOM   1664 C CZ  . TYR A 1 212 ? -2.812  13.371  2.380   1.00 44.34  ? 212 TYR A CZ  1 
ATOM   1665 O OH  . TYR A 1 212 ? -3.867  14.243  2.526   1.00 50.27  ? 212 TYR A OH  1 
ATOM   1666 N N   . PRO A 1 213 ? 3.586   9.700   1.811   1.00 41.00  ? 213 PRO A N   1 
ATOM   1667 C CA  . PRO A 1 213 ? 4.674   8.771   2.110   1.00 41.96  ? 213 PRO A CA  1 
ATOM   1668 C C   . PRO A 1 213 ? 5.663   9.313   3.158   1.00 44.07  ? 213 PRO A C   1 
ATOM   1669 O O   . PRO A 1 213 ? 6.139   8.550   4.004   1.00 43.70  ? 213 PRO A O   1 
ATOM   1670 C CB  . PRO A 1 213 ? 5.353   8.597   0.754   1.00 40.85  ? 213 PRO A CB  1 
ATOM   1671 C CG  . PRO A 1 213 ? 4.248   8.765   -0.226  1.00 40.74  ? 213 PRO A CG  1 
ATOM   1672 C CD  . PRO A 1 213 ? 3.399   9.860   0.356   1.00 41.51  ? 213 PRO A CD  1 
ATOM   1673 N N   . ARG A 1 214 ? 5.955   10.613  3.103   1.00 46.10  ? 214 ARG A N   1 
ATOM   1674 C CA  . ARG A 1 214 ? 6.820   11.271  4.097   1.00 47.70  ? 214 ARG A CA  1 
ATOM   1675 C C   . ARG A 1 214 ? 6.286   11.163  5.531   1.00 48.78  ? 214 ARG A C   1 
ATOM   1676 O O   . ARG A 1 214 ? 7.057   11.143  6.488   1.00 51.01  ? 214 ARG A O   1 
ATOM   1677 C CB  . ARG A 1 214 ? 7.016   12.747  3.747   1.00 49.39  ? 214 ARG A CB  1 
ATOM   1678 C CG  . ARG A 1 214 ? 8.020   13.014  2.630   1.00 51.23  ? 214 ARG A CG  1 
ATOM   1679 C CD  . ARG A 1 214 ? 7.816   14.399  2.012   1.00 52.91  ? 214 ARG A CD  1 
ATOM   1680 N NE  . ARG A 1 214 ? 7.601   15.438  3.022   1.00 57.35  ? 214 ARG A NE  1 
ATOM   1681 C CZ  . ARG A 1 214 ? 7.020   16.620  2.802   1.00 58.06  ? 214 ARG A CZ  1 
ATOM   1682 N NH1 . ARG A 1 214 ? 6.584   16.963  1.592   1.00 57.56  ? 214 ARG A NH1 1 
ATOM   1683 N NH2 . ARG A 1 214 ? 6.878   17.474  3.808   1.00 61.87  ? 214 ARG A NH2 1 
ATOM   1684 N N   . THR A 1 215 ? 4.967   11.101  5.671   1.00 49.00  ? 215 THR A N   1 
ATOM   1685 C CA  . THR A 1 215 ? 4.310   10.936  6.971   1.00 50.12  ? 215 THR A CA  1 
ATOM   1686 C C   . THR A 1 215 ? 4.524   9.547   7.588   1.00 48.77  ? 215 THR A C   1 
ATOM   1687 O O   . THR A 1 215 ? 4.298   9.359   8.784   1.00 47.31  ? 215 THR A O   1 
ATOM   1688 C CB  . THR A 1 215 ? 2.796   11.228  6.824   1.00 51.44  ? 215 THR A CB  1 
ATOM   1689 O OG1 . THR A 1 215 ? 2.629   12.570  6.349   1.00 52.75  ? 215 THR A OG1 1 
ATOM   1690 C CG2 . THR A 1 215 ? 2.040   11.070  8.136   1.00 55.14  ? 215 THR A CG2 1 
ATOM   1691 N N   . ILE A 1 216 ? 4.948   8.583   6.770   1.00 48.97  ? 216 ILE A N   1 
ATOM   1692 C CA  . ILE A 1 216 ? 5.087   7.180   7.187   1.00 48.63  ? 216 ILE A CA  1 
ATOM   1693 C C   . ILE A 1 216 ? 6.545   6.708   7.248   1.00 47.17  ? 216 ILE A C   1 
ATOM   1694 O O   . ILE A 1 216 ? 6.939   6.030   8.204   1.00 44.63  ? 216 ILE A O   1 
ATOM   1695 C CB  . ILE A 1 216 ? 4.324   6.252   6.209   1.00 50.30  ? 216 ILE A CB  1 
ATOM   1696 C CG1 . ILE A 1 216 ? 2.858   6.684   6.100   1.00 52.48  ? 216 ILE A CG1 1 
ATOM   1697 C CG2 . ILE A 1 216 ? 4.426   4.795   6.648   1.00 51.06  ? 216 ILE A CG2 1 
ATOM   1698 C CD1 . ILE A 1 216 ? 2.153   6.153   4.870   1.00 55.05  ? 216 ILE A CD1 1 
ATOM   1699 N N   . VAL A 1 217 ? 7.329   7.055   6.222   1.00 45.48  ? 217 VAL A N   1 
ATOM   1700 C CA  . VAL A 1 217 ? 8.666   6.482   6.033   1.00 46.40  ? 217 VAL A CA  1 
ATOM   1701 C C   . VAL A 1 217 ? 9.742   6.985   6.993   1.00 47.17  ? 217 VAL A C   1 
ATOM   1702 O O   . VAL A 1 217 ? 10.842  6.440   7.005   1.00 45.02  ? 217 VAL A O   1 
ATOM   1703 C CB  . VAL A 1 217 ? 9.208   6.695   4.598   1.00 46.25  ? 217 VAL A CB  1 
ATOM   1704 C CG1 . VAL A 1 217 ? 8.317   6.004   3.572   1.00 47.19  ? 217 VAL A CG1 1 
ATOM   1705 C CG2 . VAL A 1 217 ? 9.411   8.179   4.294   1.00 45.82  ? 217 VAL A CG2 1 
ATOM   1706 N N   . TRP A 1 218 ? 9.454   8.029   7.768   1.00 50.74  ? 218 TRP A N   1 
ATOM   1707 C CA  . TRP A 1 218 ? 10.393  8.492   8.802   1.00 52.99  ? 218 TRP A CA  1 
ATOM   1708 C C   . TRP A 1 218 ? 10.781  7.354   9.759   1.00 53.54  ? 218 TRP A C   1 
ATOM   1709 O O   . TRP A 1 218 ? 11.884  7.340   10.295  1.00 53.69  ? 218 TRP A O   1 
ATOM   1710 C CB  . TRP A 1 218 ? 9.812   9.677   9.580   1.00 53.88  ? 218 TRP A CB  1 
ATOM   1711 C CG  . TRP A 1 218 ? 8.586   9.337   10.377  1.00 54.45  ? 218 TRP A CG  1 
ATOM   1712 C CD1 . TRP A 1 218 ? 7.288   9.394   9.954   1.00 54.40  ? 218 TRP A CD1 1 
ATOM   1713 C CD2 . TRP A 1 218 ? 8.548   8.870   11.728  1.00 54.62  ? 218 TRP A CD2 1 
ATOM   1714 N NE1 . TRP A 1 218 ? 6.445   8.999   10.961  1.00 55.91  ? 218 TRP A NE1 1 
ATOM   1715 C CE2 . TRP A 1 218 ? 7.192   8.670   12.061  1.00 54.43  ? 218 TRP A CE2 1 
ATOM   1716 C CE3 . TRP A 1 218 ? 9.529   8.601   12.691  1.00 54.98  ? 218 TRP A CE3 1 
ATOM   1717 C CZ2 . TRP A 1 218 ? 6.790   8.214   13.318  1.00 53.94  ? 218 TRP A CZ2 1 
ATOM   1718 C CZ3 . TRP A 1 218 ? 9.129   8.148   13.941  1.00 55.21  ? 218 TRP A CZ3 1 
ATOM   1719 C CH2 . TRP A 1 218 ? 7.770   7.959   14.241  1.00 53.74  ? 218 TRP A CH2 1 
ATOM   1720 N N   . LYS A 1 219 ? 9.851   6.428   9.974   1.00 58.15  ? 219 LYS A N   1 
ATOM   1721 C CA  . LYS A 1 219 ? 10.155  5.107   10.498  1.00 64.33  ? 219 LYS A CA  1 
ATOM   1722 C C   . LYS A 1 219 ? 10.690  5.088   11.909  1.00 65.41  ? 219 LYS A C   1 
ATOM   1723 O O   . LYS A 1 219 ? 11.364  4.131   12.289  1.00 67.01  ? 219 LYS A O   1 
ATOM   1724 C CB  . LYS A 1 219 ? 11.175  4.416   9.611   1.00 65.32  ? 219 LYS A CB  1 
ATOM   1725 C CG  . LYS A 1 219 ? 11.160  2.916   9.815   1.00 69.41  ? 219 LYS A CG  1 
ATOM   1726 C CD  . LYS A 1 219 ? 11.670  2.197   8.595   1.00 70.21  ? 219 LYS A CD  1 
ATOM   1727 C CE  . LYS A 1 219 ? 10.920  2.646   7.354   1.00 71.74  ? 219 LYS A CE  1 
ATOM   1728 N NZ  . LYS A 1 219 ? 9.959   1.640   6.867   1.00 72.36  ? 219 LYS A NZ  1 
HETATM 1729 C C1  . GOL B 2 .   ? -1.293  -7.800  -5.038  1.00 78.73  ? 301 GOL A C1  1 
HETATM 1730 O O1  . GOL B 2 .   ? -0.646  -7.764  -3.760  1.00 77.94  ? 301 GOL A O1  1 
HETATM 1731 C C2  . GOL B 2 .   ? -1.669  -6.383  -5.463  1.00 77.46  ? 301 GOL A C2  1 
HETATM 1732 O O2  . GOL B 2 .   ? -0.484  -5.587  -5.577  1.00 79.70  ? 301 GOL A O2  1 
HETATM 1733 C C3  . GOL B 2 .   ? -2.605  -5.759  -4.439  1.00 73.48  ? 301 GOL A C3  1 
HETATM 1734 O O3  . GOL B 2 .   ? -1.849  -5.444  -3.269  1.00 71.79  ? 301 GOL A O3  1 
HETATM 1735 O O   . HOH C 3 .   ? -17.593 -1.891  -0.170  1.00 56.21  ? 401 HOH A O   1 
HETATM 1736 O O   . HOH C 3 .   ? 1.563   -6.983  -6.756  1.00 43.18  ? 402 HOH A O   1 
HETATM 1737 O O   . HOH C 3 .   ? 17.523  -3.951  -11.710 1.00 46.39  ? 403 HOH A O   1 
HETATM 1738 O O   . HOH C 3 .   ? 4.415   5.009   -3.348  1.00 48.70  ? 404 HOH A O   1 
HETATM 1739 O O   . HOH C 3 .   ? -17.124 -8.819  -3.587  1.00 46.39  ? 405 HOH A O   1 
HETATM 1740 O O   . HOH C 3 .   ? 15.094  -10.203 -1.733  1.00 49.63  ? 406 HOH A O   1 
HETATM 1741 O O   . HOH C 3 .   ? -8.950  13.819  -12.450 1.00 47.50  ? 407 HOH A O   1 
HETATM 1742 O O   . HOH C 3 .   ? -7.338  -9.922  2.597   1.00 55.08  ? 408 HOH A O   1 
HETATM 1743 O O   . HOH C 3 .   ? -20.467 1.520   5.968   1.00 51.41  ? 409 HOH A O   1 
HETATM 1744 O O   . HOH C 3 .   ? -16.699 -6.385  -11.226 1.00 50.81  ? 410 HOH A O   1 
HETATM 1745 O O   . HOH C 3 .   ? 14.699  -9.912  -8.732  1.00 49.76  ? 411 HOH A O   1 
HETATM 1746 O O   . HOH C 3 .   ? 16.416  5.960   -4.572  1.00 54.69  ? 412 HOH A O   1 
HETATM 1747 O O   . HOH C 3 .   ? -8.421  13.952  1.915   1.00 50.62  ? 413 HOH A O   1 
HETATM 1748 O O   . HOH C 3 .   ? -15.215 -10.537 2.603   1.00 56.35  ? 414 HOH A O   1 
HETATM 1749 O O   . HOH C 3 .   ? -4.555  -17.240 6.310   1.00 49.19  ? 415 HOH A O   1 
HETATM 1750 O O   . HOH C 3 .   ? -12.451 -7.539  -22.081 1.00 50.06  ? 416 HOH A O   1 
HETATM 1751 O O   . HOH C 3 .   ? -3.678  13.462  -1.975  1.00 40.20  ? 417 HOH A O   1 
HETATM 1752 O O   . HOH C 3 .   ? -15.172 12.771  -2.381  1.00 43.09  ? 418 HOH A O   1 
HETATM 1753 O O   . HOH C 3 .   ? -0.359  5.388   8.093   1.00 45.35  ? 419 HOH A O   1 
HETATM 1754 O O   . HOH C 3 .   ? 10.047  11.583  6.203   1.00 55.13  ? 420 HOH A O   1 
HETATM 1755 O O   . HOH C 3 .   ? -0.311  8.203   7.744   1.00 53.14  ? 421 HOH A O   1 
HETATM 1756 O O   . HOH C 3 .   ? -3.545  16.402  -1.089  1.00 45.69  ? 422 HOH A O   1 
HETATM 1757 O O   . HOH C 3 .   ? -5.945  -8.187  -12.127 1.00 47.48  ? 423 HOH A O   1 
HETATM 1758 O O   . HOH C 3 .   ? 15.122  10.762  -8.956  1.00 58.85  ? 424 HOH A O   1 
HETATM 1759 O O   . HOH C 3 .   ? 3.580   2.749   -18.626 1.00 56.18  ? 425 HOH A O   1 
HETATM 1760 O O   . HOH C 3 .   ? 13.744  15.197  -5.625  1.00 53.49  ? 426 HOH A O   1 
HETATM 1761 O O   . HOH C 3 .   ? -11.910 -9.449  -16.195 1.00 58.37  ? 427 HOH A O   1 
HETATM 1762 O O   . HOH C 3 .   ? -8.346  -7.094  -8.029  1.00 51.29  ? 428 HOH A O   1 
HETATM 1763 O O   . HOH C 3 .   ? 12.725  -6.091  13.431  1.00 58.67  ? 429 HOH A O   1 
HETATM 1764 O O   . HOH C 3 .   ? 3.255   16.833  -1.709  1.00 42.93  ? 430 HOH A O   1 
HETATM 1765 O O   . HOH C 3 .   ? 5.305   -9.103  -14.207 1.00 60.70  ? 431 HOH A O   1 
HETATM 1766 O O   . HOH C 3 .   ? 2.126   -8.502  -9.008  1.00 57.04  ? 432 HOH A O   1 
HETATM 1767 O O   . HOH C 3 .   ? -14.198 2.431   -15.063 1.00 49.37  ? 433 HOH A O   1 
HETATM 1768 O O   . HOH C 3 .   ? 9.117   21.347  -11.564 1.00 73.94  ? 434 HOH A O   1 
HETATM 1769 O O   . HOH C 3 .   ? -4.044  10.257  -17.587 1.00 64.75  ? 435 HOH A O   1 
HETATM 1770 O O   . HOH C 3 .   ? -8.324  -15.136 13.461  1.00 66.57  ? 436 HOH A O   1 
HETATM 1771 O O   . HOH C 3 .   ? 2.487   -4.016  22.250  1.00 62.14  ? 437 HOH A O   1 
HETATM 1772 O O   . HOH C 3 .   ? 6.280   0.852   20.888  1.00 62.06  ? 438 HOH A O   1 
HETATM 1773 O O   . HOH C 3 .   ? 6.864   1.982   -9.376  1.00 50.67  ? 439 HOH A O   1 
# 
